data_1R7L
# 
_entry.id   1R7L 
# 
_audit_conform.dict_name       mmcif_pdbx.dic 
_audit_conform.dict_version    5.386 
_audit_conform.dict_location   http://mmcif.pdb.org/dictionaries/ascii/mmcif_pdbx.dic 
# 
loop_
_database_2.database_id 
_database_2.database_code 
_database_2.pdbx_database_accession 
_database_2.pdbx_DOI 
PDB   1R7L         pdb_00001r7l 10.2210/pdb1r7l/pdb 
RCSB  RCSB020535   ?            ?                   
WWPDB D_1000020535 ?            ?                   
# 
loop_
_pdbx_audit_revision_history.ordinal 
_pdbx_audit_revision_history.data_content_type 
_pdbx_audit_revision_history.major_revision 
_pdbx_audit_revision_history.minor_revision 
_pdbx_audit_revision_history.revision_date 
1 'Structure model' 1 0 2004-07-06 
2 'Structure model' 1 1 2008-04-29 
3 'Structure model' 1 2 2011-07-13 
4 'Structure model' 1 3 2024-02-14 
# 
_pdbx_audit_revision_details.ordinal             1 
_pdbx_audit_revision_details.revision_ordinal    1 
_pdbx_audit_revision_details.data_content_type   'Structure model' 
_pdbx_audit_revision_details.provider            repository 
_pdbx_audit_revision_details.type                'Initial release' 
_pdbx_audit_revision_details.description         ? 
_pdbx_audit_revision_details.details             ? 
# 
loop_
_pdbx_audit_revision_group.ordinal 
_pdbx_audit_revision_group.revision_ordinal 
_pdbx_audit_revision_group.data_content_type 
_pdbx_audit_revision_group.group 
1 2 'Structure model' 'Version format compliance' 
2 3 'Structure model' 'Version format compliance' 
3 4 'Structure model' 'Data collection'           
4 4 'Structure model' 'Database references'       
# 
loop_
_pdbx_audit_revision_category.ordinal 
_pdbx_audit_revision_category.revision_ordinal 
_pdbx_audit_revision_category.data_content_type 
_pdbx_audit_revision_category.category 
1 4 'Structure model' chem_comp_atom     
2 4 'Structure model' chem_comp_bond     
3 4 'Structure model' database_2         
4 4 'Structure model' struct_ref_seq_dif 
# 
loop_
_pdbx_audit_revision_item.ordinal 
_pdbx_audit_revision_item.revision_ordinal 
_pdbx_audit_revision_item.data_content_type 
_pdbx_audit_revision_item.item 
1 4 'Structure model' '_database_2.pdbx_DOI'                
2 4 'Structure model' '_database_2.pdbx_database_accession' 
3 4 'Structure model' '_struct_ref_seq_dif.details'         
# 
_pdbx_database_status.status_code                     REL 
_pdbx_database_status.entry_id                        1R7L 
_pdbx_database_status.recvd_initial_deposition_date   2003-10-21 
_pdbx_database_status.deposit_site                    RCSB 
_pdbx_database_status.process_site                    RCSB 
_pdbx_database_status.SG_entry                        Y 
_pdbx_database_status.status_code_sf                  REL 
_pdbx_database_status.pdb_format_compatible           Y 
_pdbx_database_status.status_code_mr                  ? 
_pdbx_database_status.status_code_cs                  ? 
_pdbx_database_status.status_code_nmr_data            ? 
_pdbx_database_status.methods_development_category    ? 
# 
_pdbx_database_related.db_name        TargetDB 
_pdbx_database_related.db_id          APC22846 
_pdbx_database_related.details        . 
_pdbx_database_related.content_type   unspecified 
# 
loop_
_audit_author.name 
_audit_author.pdbx_ordinal 
'Zhang, R.'                                     1 
'Joachimiak, G.'                                2 
'Collart, F.'                                   3 
'Joachimiak, A.'                                4 
'Midwest Center for Structural Genomics (MCSG)' 5 
# 
_citation.id                        primary 
_citation.title                     'Structure of phage protein BC1872 from Bacillus cereus, a singleton with new fold' 
_citation.journal_abbrev            Proteins 
_citation.journal_volume            64 
_citation.page_first                280 
_citation.page_last                 283 
_citation.year                      2006 
_citation.journal_id_ASTM           PSFGEY 
_citation.country                   US 
_citation.journal_id_ISSN           0887-3585 
_citation.journal_id_CSD            0867 
_citation.book_publisher            ? 
_citation.pdbx_database_id_PubMed   16596646 
_citation.pdbx_database_id_DOI      10.1002/prot.20910 
# 
loop_
_citation_author.citation_id 
_citation_author.name 
_citation_author.ordinal 
_citation_author.identifier_ORCID 
primary 'Zhang, R.'      1 ? 
primary 'Joachimiak, G.' 2 ? 
primary 'Jiang, S.'      3 ? 
primary 'Cipriani, A.'   4 ? 
primary 'Collart, F.'    5 ? 
primary 'Joachimiak, A.' 6 ? 
# 
loop_
_entity.id 
_entity.type 
_entity.src_method 
_entity.pdbx_description 
_entity.formula_weight 
_entity.pdbx_number_of_molecules 
_entity.pdbx_ec 
_entity.pdbx_mutation 
_entity.pdbx_fragment 
_entity.details 
1 polymer man 'Phage protein' 12498.479 2   ? ? ? ? 
2 water   nat water           18.015    102 ? ? ? ? 
# 
_entity_poly.entity_id                      1 
_entity_poly.type                           'polypeptide(L)' 
_entity_poly.nstd_linkage                   no 
_entity_poly.nstd_monomer                   no 
_entity_poly.pdbx_seq_one_letter_code       
;NLYFQSNAMKPRDINKLIASKIFGYEIKDDNIIKDGRYRLGIPLYSQNIESAWQVVEKLEYDVKVTKTDLKPKYQVHVFV
PGGVKMVFAETAPMAICKGALASVDIELQD
;
_entity_poly.pdbx_seq_one_letter_code_can   
;NLYFQSNAMKPRDINKLIASKIFGYEIKDDNIIKDGRYRLGIPLYSQNIESAWQVVEKLEYDVKVTKTDLKPKYQVHVFV
PGGVKMVFAETAPMAICKGALASVDIELQD
;
_entity_poly.pdbx_strand_id                 A,B 
_entity_poly.pdbx_target_identifier         APC22846 
# 
_pdbx_entity_nonpoly.entity_id   2 
_pdbx_entity_nonpoly.name        water 
_pdbx_entity_nonpoly.comp_id     HOH 
# 
loop_
_entity_poly_seq.entity_id 
_entity_poly_seq.num 
_entity_poly_seq.mon_id 
_entity_poly_seq.hetero 
1 1   ASN n 
1 2   LEU n 
1 3   TYR n 
1 4   PHE n 
1 5   GLN n 
1 6   SER n 
1 7   ASN n 
1 8   ALA n 
1 9   MET n 
1 10  LYS n 
1 11  PRO n 
1 12  ARG n 
1 13  ASP n 
1 14  ILE n 
1 15  ASN n 
1 16  LYS n 
1 17  LEU n 
1 18  ILE n 
1 19  ALA n 
1 20  SER n 
1 21  LYS n 
1 22  ILE n 
1 23  PHE n 
1 24  GLY n 
1 25  TYR n 
1 26  GLU n 
1 27  ILE n 
1 28  LYS n 
1 29  ASP n 
1 30  ASP n 
1 31  ASN n 
1 32  ILE n 
1 33  ILE n 
1 34  LYS n 
1 35  ASP n 
1 36  GLY n 
1 37  ARG n 
1 38  TYR n 
1 39  ARG n 
1 40  LEU n 
1 41  GLY n 
1 42  ILE n 
1 43  PRO n 
1 44  LEU n 
1 45  TYR n 
1 46  SER n 
1 47  GLN n 
1 48  ASN n 
1 49  ILE n 
1 50  GLU n 
1 51  SER n 
1 52  ALA n 
1 53  TRP n 
1 54  GLN n 
1 55  VAL n 
1 56  VAL n 
1 57  GLU n 
1 58  LYS n 
1 59  LEU n 
1 60  GLU n 
1 61  TYR n 
1 62  ASP n 
1 63  VAL n 
1 64  LYS n 
1 65  VAL n 
1 66  THR n 
1 67  LYS n 
1 68  THR n 
1 69  ASP n 
1 70  LEU n 
1 71  LYS n 
1 72  PRO n 
1 73  LYS n 
1 74  TYR n 
1 75  GLN n 
1 76  VAL n 
1 77  HIS n 
1 78  VAL n 
1 79  PHE n 
1 80  VAL n 
1 81  PRO n 
1 82  GLY n 
1 83  GLY n 
1 84  VAL n 
1 85  LYS n 
1 86  MET n 
1 87  VAL n 
1 88  PHE n 
1 89  ALA n 
1 90  GLU n 
1 91  THR n 
1 92  ALA n 
1 93  PRO n 
1 94  MET n 
1 95  ALA n 
1 96  ILE n 
1 97  CYS n 
1 98  LYS n 
1 99  GLY n 
1 100 ALA n 
1 101 LEU n 
1 102 ALA n 
1 103 SER n 
1 104 VAL n 
1 105 ASP n 
1 106 ILE n 
1 107 GLU n 
1 108 LEU n 
1 109 GLN n 
1 110 ASP n 
# 
_entity_src_gen.entity_id                          1 
_entity_src_gen.pdbx_src_id                        1 
_entity_src_gen.pdbx_alt_source_flag               sample 
_entity_src_gen.pdbx_seq_type                      ? 
_entity_src_gen.pdbx_beg_seq_num                   ? 
_entity_src_gen.pdbx_end_seq_num                   ? 
_entity_src_gen.gene_src_common_name               ? 
_entity_src_gen.gene_src_genus                     Bacillus 
_entity_src_gen.pdbx_gene_src_gene                 ? 
_entity_src_gen.gene_src_species                   ? 
_entity_src_gen.gene_src_strain                    ? 
_entity_src_gen.gene_src_tissue                    ? 
_entity_src_gen.gene_src_tissue_fraction           ? 
_entity_src_gen.gene_src_details                   ? 
_entity_src_gen.pdbx_gene_src_fragment             ? 
_entity_src_gen.pdbx_gene_src_scientific_name      'Bacillus cereus' 
_entity_src_gen.pdbx_gene_src_ncbi_taxonomy_id     1396 
_entity_src_gen.pdbx_gene_src_variant              ? 
_entity_src_gen.pdbx_gene_src_cell_line            ? 
_entity_src_gen.pdbx_gene_src_atcc                 14579 
_entity_src_gen.pdbx_gene_src_organ                ? 
_entity_src_gen.pdbx_gene_src_organelle            ? 
_entity_src_gen.pdbx_gene_src_cell                 ? 
_entity_src_gen.pdbx_gene_src_cellular_location    ? 
_entity_src_gen.host_org_common_name               ? 
_entity_src_gen.pdbx_host_org_scientific_name      'Escherichia coli BL21(DE3)' 
_entity_src_gen.pdbx_host_org_ncbi_taxonomy_id     469008 
_entity_src_gen.host_org_genus                     Escherichia 
_entity_src_gen.pdbx_host_org_gene                 ? 
_entity_src_gen.pdbx_host_org_organ                ? 
_entity_src_gen.host_org_species                   'Escherichia coli' 
_entity_src_gen.pdbx_host_org_tissue               ? 
_entity_src_gen.pdbx_host_org_tissue_fraction      ? 
_entity_src_gen.pdbx_host_org_strain               'BL21(DE3)' 
_entity_src_gen.pdbx_host_org_variant              ? 
_entity_src_gen.pdbx_host_org_cell_line            ? 
_entity_src_gen.pdbx_host_org_atcc                 ? 
_entity_src_gen.pdbx_host_org_culture_collection   ? 
_entity_src_gen.pdbx_host_org_cell                 ? 
_entity_src_gen.pdbx_host_org_organelle            ? 
_entity_src_gen.pdbx_host_org_cellular_location    ? 
_entity_src_gen.pdbx_host_org_vector_type          PLASMID 
_entity_src_gen.pdbx_host_org_vector               ? 
_entity_src_gen.host_org_details                   ? 
_entity_src_gen.expression_system_id               ? 
_entity_src_gen.plasmid_name                       PDM68 
_entity_src_gen.plasmid_details                    ? 
_entity_src_gen.pdbx_description                   ? 
# 
loop_
_chem_comp.id 
_chem_comp.type 
_chem_comp.mon_nstd_flag 
_chem_comp.name 
_chem_comp.pdbx_synonyms 
_chem_comp.formula 
_chem_comp.formula_weight 
ALA 'L-peptide linking' y ALANINE         ? 'C3 H7 N O2'     89.093  
ARG 'L-peptide linking' y ARGININE        ? 'C6 H15 N4 O2 1' 175.209 
ASN 'L-peptide linking' y ASPARAGINE      ? 'C4 H8 N2 O3'    132.118 
ASP 'L-peptide linking' y 'ASPARTIC ACID' ? 'C4 H7 N O4'     133.103 
CYS 'L-peptide linking' y CYSTEINE        ? 'C3 H7 N O2 S'   121.158 
GLN 'L-peptide linking' y GLUTAMINE       ? 'C5 H10 N2 O3'   146.144 
GLU 'L-peptide linking' y 'GLUTAMIC ACID' ? 'C5 H9 N O4'     147.129 
GLY 'peptide linking'   y GLYCINE         ? 'C2 H5 N O2'     75.067  
HIS 'L-peptide linking' y HISTIDINE       ? 'C6 H10 N3 O2 1' 156.162 
HOH non-polymer         . WATER           ? 'H2 O'           18.015  
ILE 'L-peptide linking' y ISOLEUCINE      ? 'C6 H13 N O2'    131.173 
LEU 'L-peptide linking' y LEUCINE         ? 'C6 H13 N O2'    131.173 
LYS 'L-peptide linking' y LYSINE          ? 'C6 H15 N2 O2 1' 147.195 
MET 'L-peptide linking' y METHIONINE      ? 'C5 H11 N O2 S'  149.211 
PHE 'L-peptide linking' y PHENYLALANINE   ? 'C9 H11 N O2'    165.189 
PRO 'L-peptide linking' y PROLINE         ? 'C5 H9 N O2'     115.130 
SER 'L-peptide linking' y SERINE          ? 'C3 H7 N O3'     105.093 
THR 'L-peptide linking' y THREONINE       ? 'C4 H9 N O3'     119.119 
TRP 'L-peptide linking' y TRYPTOPHAN      ? 'C11 H12 N2 O2'  204.225 
TYR 'L-peptide linking' y TYROSINE        ? 'C9 H11 N O3'    181.189 
VAL 'L-peptide linking' y VALINE          ? 'C5 H11 N O2'    117.146 
# 
loop_
_pdbx_poly_seq_scheme.asym_id 
_pdbx_poly_seq_scheme.entity_id 
_pdbx_poly_seq_scheme.seq_id 
_pdbx_poly_seq_scheme.mon_id 
_pdbx_poly_seq_scheme.ndb_seq_num 
_pdbx_poly_seq_scheme.pdb_seq_num 
_pdbx_poly_seq_scheme.auth_seq_num 
_pdbx_poly_seq_scheme.pdb_mon_id 
_pdbx_poly_seq_scheme.auth_mon_id 
_pdbx_poly_seq_scheme.pdb_strand_id 
_pdbx_poly_seq_scheme.pdb_ins_code 
_pdbx_poly_seq_scheme.hetero 
A 1 1   ASN 1   -7  ?   ?   ?   A . n 
A 1 2   LEU 2   -6  -6  LEU LEU A . n 
A 1 3   TYR 3   -5  -5  TYR TYR A . n 
A 1 4   PHE 4   -4  -4  PHE PHE A . n 
A 1 5   GLN 5   -3  -3  GLN GLN A . n 
A 1 6   SER 6   -2  -2  SER SER A . n 
A 1 7   ASN 7   -1  -1  ASN ASN A . n 
A 1 8   ALA 8   0   0   ALA ALA A . n 
A 1 9   MET 9   1   1   MET MET A . n 
A 1 10  LYS 10  2   2   LYS LYS A . n 
A 1 11  PRO 11  3   3   PRO PRO A . n 
A 1 12  ARG 12  4   4   ARG ARG A . n 
A 1 13  ASP 13  5   5   ASP ASP A . n 
A 1 14  ILE 14  6   6   ILE ILE A . n 
A 1 15  ASN 15  7   7   ASN ASN A . n 
A 1 16  LYS 16  8   8   LYS LYS A . n 
A 1 17  LEU 17  9   9   LEU LEU A . n 
A 1 18  ILE 18  10  10  ILE ILE A . n 
A 1 19  ALA 19  11  11  ALA ALA A . n 
A 1 20  SER 20  12  12  SER SER A . n 
A 1 21  LYS 21  13  13  LYS LYS A . n 
A 1 22  ILE 22  14  14  ILE ILE A . n 
A 1 23  PHE 23  15  15  PHE PHE A . n 
A 1 24  GLY 24  16  16  GLY GLY A . n 
A 1 25  TYR 25  17  17  TYR TYR A . n 
A 1 26  GLU 26  18  18  GLU GLU A . n 
A 1 27  ILE 27  19  19  ILE ILE A . n 
A 1 28  LYS 28  20  20  LYS LYS A . n 
A 1 29  ASP 29  21  21  ASP ASP A . n 
A 1 30  ASP 30  22  22  ASP ASP A . n 
A 1 31  ASN 31  23  23  ASN ASN A . n 
A 1 32  ILE 32  24  24  ILE ILE A . n 
A 1 33  ILE 33  25  25  ILE ILE A . n 
A 1 34  LYS 34  26  26  LYS LYS A . n 
A 1 35  ASP 35  27  27  ASP ASP A . n 
A 1 36  GLY 36  28  28  GLY GLY A . n 
A 1 37  ARG 37  29  29  ARG ARG A . n 
A 1 38  TYR 38  30  30  TYR TYR A . n 
A 1 39  ARG 39  31  31  ARG ARG A . n 
A 1 40  LEU 40  32  32  LEU LEU A . n 
A 1 41  GLY 41  33  33  GLY GLY A . n 
A 1 42  ILE 42  34  34  ILE ILE A . n 
A 1 43  PRO 43  35  35  PRO PRO A . n 
A 1 44  LEU 44  36  36  LEU LEU A . n 
A 1 45  TYR 45  37  37  TYR TYR A . n 
A 1 46  SER 46  38  38  SER SER A . n 
A 1 47  GLN 47  39  39  GLN GLN A . n 
A 1 48  ASN 48  40  40  ASN ASN A . n 
A 1 49  ILE 49  41  41  ILE ILE A . n 
A 1 50  GLU 50  42  42  GLU GLU A . n 
A 1 51  SER 51  43  43  SER SER A . n 
A 1 52  ALA 52  44  44  ALA ALA A . n 
A 1 53  TRP 53  45  45  TRP TRP A . n 
A 1 54  GLN 54  46  46  GLN GLN A . n 
A 1 55  VAL 55  47  47  VAL VAL A . n 
A 1 56  VAL 56  48  48  VAL VAL A . n 
A 1 57  GLU 57  49  49  GLU GLU A . n 
A 1 58  LYS 58  50  50  LYS LYS A . n 
A 1 59  LEU 59  51  51  LEU LEU A . n 
A 1 60  GLU 60  52  52  GLU GLU A . n 
A 1 61  TYR 61  53  53  TYR TYR A . n 
A 1 62  ASP 62  54  54  ASP ASP A . n 
A 1 63  VAL 63  55  55  VAL VAL A . n 
A 1 64  LYS 64  56  56  LYS LYS A . n 
A 1 65  VAL 65  57  57  VAL VAL A . n 
A 1 66  THR 66  58  58  THR THR A . n 
A 1 67  LYS 67  59  59  LYS LYS A . n 
A 1 68  THR 68  60  60  THR THR A . n 
A 1 69  ASP 69  61  61  ASP ASP A . n 
A 1 70  LEU 70  62  62  LEU LEU A . n 
A 1 71  LYS 71  63  63  LYS LYS A . n 
A 1 72  PRO 72  64  64  PRO PRO A . n 
A 1 73  LYS 73  65  65  LYS LYS A . n 
A 1 74  TYR 74  66  66  TYR TYR A . n 
A 1 75  GLN 75  67  67  GLN GLN A . n 
A 1 76  VAL 76  68  68  VAL VAL A . n 
A 1 77  HIS 77  69  69  HIS HIS A . n 
A 1 78  VAL 78  70  70  VAL VAL A . n 
A 1 79  PHE 79  71  71  PHE PHE A . n 
A 1 80  VAL 80  72  72  VAL VAL A . n 
A 1 81  PRO 81  73  73  PRO PRO A . n 
A 1 82  GLY 82  74  74  GLY GLY A . n 
A 1 83  GLY 83  75  75  GLY GLY A . n 
A 1 84  VAL 84  76  76  VAL VAL A . n 
A 1 85  LYS 85  77  77  LYS LYS A . n 
A 1 86  MET 86  78  78  MET MET A . n 
A 1 87  VAL 87  79  79  VAL VAL A . n 
A 1 88  PHE 88  80  80  PHE PHE A . n 
A 1 89  ALA 89  81  81  ALA ALA A . n 
A 1 90  GLU 90  82  82  GLU GLU A . n 
A 1 91  THR 91  83  83  THR THR A . n 
A 1 92  ALA 92  84  84  ALA ALA A . n 
A 1 93  PRO 93  85  85  PRO PRO A . n 
A 1 94  MET 94  86  86  MET MET A . n 
A 1 95  ALA 95  87  87  ALA ALA A . n 
A 1 96  ILE 96  88  88  ILE ILE A . n 
A 1 97  CYS 97  89  89  CYS CYS A . n 
A 1 98  LYS 98  90  90  LYS LYS A . n 
A 1 99  GLY 99  91  91  GLY GLY A . n 
A 1 100 ALA 100 92  92  ALA ALA A . n 
A 1 101 LEU 101 93  93  LEU LEU A . n 
A 1 102 ALA 102 94  94  ALA ALA A . n 
A 1 103 SER 103 95  95  SER SER A . n 
A 1 104 VAL 104 96  96  VAL VAL A . n 
A 1 105 ASP 105 97  ?   ?   ?   A . n 
A 1 106 ILE 106 98  ?   ?   ?   A . n 
A 1 107 GLU 107 99  ?   ?   ?   A . n 
A 1 108 LEU 108 100 ?   ?   ?   A . n 
A 1 109 GLN 109 101 ?   ?   ?   A . n 
A 1 110 ASP 110 102 ?   ?   ?   A . n 
B 1 1   ASN 1   -7  -7  ASN ASN B . n 
B 1 2   LEU 2   -6  -6  LEU LEU B . n 
B 1 3   TYR 3   -5  -5  TYR TYR B . n 
B 1 4   PHE 4   -4  -4  PHE PHE B . n 
B 1 5   GLN 5   -3  -3  GLN GLN B . n 
B 1 6   SER 6   -2  -2  SER SER B . n 
B 1 7   ASN 7   -1  -1  ASN ASN B . n 
B 1 8   ALA 8   0   0   ALA ALA B . n 
B 1 9   MET 9   1   1   MET MET B . n 
B 1 10  LYS 10  2   2   LYS LYS B . n 
B 1 11  PRO 11  3   3   PRO PRO B . n 
B 1 12  ARG 12  4   4   ARG ARG B . n 
B 1 13  ASP 13  5   5   ASP ASP B . n 
B 1 14  ILE 14  6   6   ILE ILE B . n 
B 1 15  ASN 15  7   7   ASN ASN B . n 
B 1 16  LYS 16  8   8   LYS LYS B . n 
B 1 17  LEU 17  9   9   LEU LEU B . n 
B 1 18  ILE 18  10  10  ILE ILE B . n 
B 1 19  ALA 19  11  11  ALA ALA B . n 
B 1 20  SER 20  12  12  SER SER B . n 
B 1 21  LYS 21  13  13  LYS LYS B . n 
B 1 22  ILE 22  14  14  ILE ILE B . n 
B 1 23  PHE 23  15  15  PHE PHE B . n 
B 1 24  GLY 24  16  16  GLY GLY B . n 
B 1 25  TYR 25  17  17  TYR TYR B . n 
B 1 26  GLU 26  18  18  GLU GLU B . n 
B 1 27  ILE 27  19  19  ILE ILE B . n 
B 1 28  LYS 28  20  20  LYS LYS B . n 
B 1 29  ASP 29  21  21  ASP ASP B . n 
B 1 30  ASP 30  22  22  ASP ASP B . n 
B 1 31  ASN 31  23  23  ASN ASN B . n 
B 1 32  ILE 32  24  24  ILE ILE B . n 
B 1 33  ILE 33  25  25  ILE ILE B . n 
B 1 34  LYS 34  26  26  LYS LYS B . n 
B 1 35  ASP 35  27  27  ASP ASP B . n 
B 1 36  GLY 36  28  28  GLY GLY B . n 
B 1 37  ARG 37  29  29  ARG ARG B . n 
B 1 38  TYR 38  30  30  TYR TYR B . n 
B 1 39  ARG 39  31  31  ARG ARG B . n 
B 1 40  LEU 40  32  32  LEU LEU B . n 
B 1 41  GLY 41  33  33  GLY GLY B . n 
B 1 42  ILE 42  34  34  ILE ILE B . n 
B 1 43  PRO 43  35  35  PRO PRO B . n 
B 1 44  LEU 44  36  36  LEU LEU B . n 
B 1 45  TYR 45  37  37  TYR TYR B . n 
B 1 46  SER 46  38  38  SER SER B . n 
B 1 47  GLN 47  39  39  GLN GLN B . n 
B 1 48  ASN 48  40  40  ASN ASN B . n 
B 1 49  ILE 49  41  41  ILE ILE B . n 
B 1 50  GLU 50  42  42  GLU GLU B . n 
B 1 51  SER 51  43  43  SER SER B . n 
B 1 52  ALA 52  44  44  ALA ALA B . n 
B 1 53  TRP 53  45  45  TRP TRP B . n 
B 1 54  GLN 54  46  46  GLN GLN B . n 
B 1 55  VAL 55  47  47  VAL VAL B . n 
B 1 56  VAL 56  48  48  VAL VAL B . n 
B 1 57  GLU 57  49  49  GLU GLU B . n 
B 1 58  LYS 58  50  50  LYS LYS B . n 
B 1 59  LEU 59  51  51  LEU LEU B . n 
B 1 60  GLU 60  52  52  GLU GLU B . n 
B 1 61  TYR 61  53  53  TYR TYR B . n 
B 1 62  ASP 62  54  54  ASP ASP B . n 
B 1 63  VAL 63  55  55  VAL VAL B . n 
B 1 64  LYS 64  56  56  LYS LYS B . n 
B 1 65  VAL 65  57  57  VAL VAL B . n 
B 1 66  THR 66  58  58  THR THR B . n 
B 1 67  LYS 67  59  59  LYS LYS B . n 
B 1 68  THR 68  60  60  THR THR B . n 
B 1 69  ASP 69  61  61  ASP ASP B . n 
B 1 70  LEU 70  62  62  LEU LEU B . n 
B 1 71  LYS 71  63  63  LYS LYS B . n 
B 1 72  PRO 72  64  64  PRO PRO B . n 
B 1 73  LYS 73  65  65  LYS LYS B . n 
B 1 74  TYR 74  66  66  TYR TYR B . n 
B 1 75  GLN 75  67  67  GLN GLN B . n 
B 1 76  VAL 76  68  68  VAL VAL B . n 
B 1 77  HIS 77  69  69  HIS HIS B . n 
B 1 78  VAL 78  70  70  VAL VAL B . n 
B 1 79  PHE 79  71  71  PHE PHE B . n 
B 1 80  VAL 80  72  72  VAL VAL B . n 
B 1 81  PRO 81  73  73  PRO PRO B . n 
B 1 82  GLY 82  74  74  GLY GLY B . n 
B 1 83  GLY 83  75  75  GLY GLY B . n 
B 1 84  VAL 84  76  76  VAL VAL B . n 
B 1 85  LYS 85  77  77  LYS LYS B . n 
B 1 86  MET 86  78  78  MET MET B . n 
B 1 87  VAL 87  79  79  VAL VAL B . n 
B 1 88  PHE 88  80  80  PHE PHE B . n 
B 1 89  ALA 89  81  81  ALA ALA B . n 
B 1 90  GLU 90  82  82  GLU GLU B . n 
B 1 91  THR 91  83  83  THR THR B . n 
B 1 92  ALA 92  84  84  ALA ALA B . n 
B 1 93  PRO 93  85  85  PRO PRO B . n 
B 1 94  MET 94  86  86  MET MET B . n 
B 1 95  ALA 95  87  87  ALA ALA B . n 
B 1 96  ILE 96  88  88  ILE ILE B . n 
B 1 97  CYS 97  89  89  CYS CYS B . n 
B 1 98  LYS 98  90  90  LYS LYS B . n 
B 1 99  GLY 99  91  91  GLY GLY B . n 
B 1 100 ALA 100 92  92  ALA ALA B . n 
B 1 101 LEU 101 93  93  LEU LEU B . n 
B 1 102 ALA 102 94  94  ALA ALA B . n 
B 1 103 SER 103 95  95  SER SER B . n 
B 1 104 VAL 104 96  96  VAL VAL B . n 
B 1 105 ASP 105 97  97  ASP ASP B . n 
B 1 106 ILE 106 98  98  ILE ILE B . n 
B 1 107 GLU 107 99  99  GLU GLU B . n 
B 1 108 LEU 108 100 100 LEU LEU B . n 
B 1 109 GLN 109 101 101 GLN GLN B . n 
B 1 110 ASP 110 102 ?   ?   ?   B . n 
# 
loop_
_pdbx_nonpoly_scheme.asym_id 
_pdbx_nonpoly_scheme.entity_id 
_pdbx_nonpoly_scheme.mon_id 
_pdbx_nonpoly_scheme.ndb_seq_num 
_pdbx_nonpoly_scheme.pdb_seq_num 
_pdbx_nonpoly_scheme.auth_seq_num 
_pdbx_nonpoly_scheme.pdb_mon_id 
_pdbx_nonpoly_scheme.auth_mon_id 
_pdbx_nonpoly_scheme.pdb_strand_id 
_pdbx_nonpoly_scheme.pdb_ins_code 
C 2 HOH 1  201 201 HOH TIP A . 
C 2 HOH 2  202 202 HOH TIP A . 
C 2 HOH 3  205 205 HOH TIP A . 
C 2 HOH 4  208 208 HOH TIP A . 
C 2 HOH 5  209 209 HOH TIP A . 
C 2 HOH 6  214 214 HOH TIP A . 
C 2 HOH 7  216 216 HOH TIP A . 
C 2 HOH 8  218 218 HOH TIP A . 
C 2 HOH 9  224 224 HOH TIP A . 
C 2 HOH 10 225 225 HOH TIP A . 
C 2 HOH 11 226 226 HOH TIP A . 
C 2 HOH 12 227 227 HOH TIP A . 
C 2 HOH 13 229 229 HOH TIP A . 
C 2 HOH 14 231 231 HOH TIP A . 
C 2 HOH 15 235 235 HOH TIP A . 
C 2 HOH 16 236 236 HOH TIP A . 
C 2 HOH 17 242 242 HOH TIP A . 
C 2 HOH 18 245 245 HOH TIP A . 
C 2 HOH 19 246 246 HOH TIP A . 
C 2 HOH 20 248 248 HOH TIP A . 
C 2 HOH 21 249 249 HOH TIP A . 
C 2 HOH 22 252 252 HOH TIP A . 
C 2 HOH 23 253 253 HOH TIP A . 
C 2 HOH 24 254 254 HOH TIP A . 
C 2 HOH 25 255 255 HOH TIP A . 
C 2 HOH 26 256 256 HOH TIP A . 
C 2 HOH 27 260 260 HOH TIP A . 
C 2 HOH 28 262 262 HOH TIP A . 
C 2 HOH 29 264 264 HOH TIP A . 
C 2 HOH 30 265 265 HOH TIP A . 
C 2 HOH 31 266 266 HOH TIP A . 
C 2 HOH 32 270 270 HOH TIP A . 
C 2 HOH 33 271 271 HOH TIP A . 
C 2 HOH 34 272 272 HOH TIP A . 
C 2 HOH 35 275 275 HOH TIP A . 
C 2 HOH 36 278 278 HOH TIP A . 
C 2 HOH 37 281 281 HOH TIP A . 
C 2 HOH 38 282 282 HOH TIP A . 
C 2 HOH 39 284 284 HOH TIP A . 
C 2 HOH 40 286 286 HOH TIP A . 
C 2 HOH 41 287 287 HOH TIP A . 
C 2 HOH 42 289 289 HOH TIP A . 
C 2 HOH 43 290 290 HOH TIP A . 
C 2 HOH 44 291 291 HOH TIP A . 
C 2 HOH 45 294 294 HOH TIP A . 
C 2 HOH 46 295 295 HOH TIP A . 
C 2 HOH 47 296 296 HOH TIP A . 
C 2 HOH 48 297 297 HOH TIP A . 
C 2 HOH 49 298 298 HOH TIP A . 
C 2 HOH 50 299 299 HOH TIP A . 
C 2 HOH 51 300 300 HOH TIP A . 
C 2 HOH 52 303 303 HOH TIP A . 
C 2 HOH 53 304 304 HOH TIP A . 
C 2 HOH 54 305 305 HOH TIP A . 
D 2 HOH 1  200 200 HOH TIP B . 
D 2 HOH 2  203 203 HOH TIP B . 
D 2 HOH 3  204 204 HOH TIP B . 
D 2 HOH 4  206 206 HOH TIP B . 
D 2 HOH 5  207 207 HOH TIP B . 
D 2 HOH 6  210 210 HOH TIP B . 
D 2 HOH 7  211 211 HOH TIP B . 
D 2 HOH 8  212 212 HOH TIP B . 
D 2 HOH 9  213 213 HOH TIP B . 
D 2 HOH 10 215 215 HOH TIP B . 
D 2 HOH 11 217 217 HOH TIP B . 
D 2 HOH 12 219 219 HOH TIP B . 
D 2 HOH 13 220 220 HOH TIP B . 
D 2 HOH 14 221 221 HOH TIP B . 
D 2 HOH 15 222 222 HOH TIP B . 
D 2 HOH 16 223 223 HOH TIP B . 
D 2 HOH 17 228 228 HOH TIP B . 
D 2 HOH 18 230 230 HOH TIP B . 
D 2 HOH 19 233 233 HOH TIP B . 
D 2 HOH 20 234 234 HOH TIP B . 
D 2 HOH 21 237 237 HOH TIP B . 
D 2 HOH 22 238 238 HOH TIP B . 
D 2 HOH 23 239 239 HOH TIP B . 
D 2 HOH 24 240 240 HOH TIP B . 
D 2 HOH 25 241 241 HOH TIP B . 
D 2 HOH 26 243 243 HOH TIP B . 
D 2 HOH 27 244 244 HOH TIP B . 
D 2 HOH 28 247 247 HOH TIP B . 
D 2 HOH 29 250 250 HOH TIP B . 
D 2 HOH 30 251 251 HOH TIP B . 
D 2 HOH 31 258 258 HOH TIP B . 
D 2 HOH 32 259 259 HOH TIP B . 
D 2 HOH 33 261 261 HOH TIP B . 
D 2 HOH 34 263 263 HOH TIP B . 
D 2 HOH 35 269 269 HOH TIP B . 
D 2 HOH 36 273 273 HOH TIP B . 
D 2 HOH 37 274 274 HOH TIP B . 
D 2 HOH 38 277 277 HOH TIP B . 
D 2 HOH 39 279 279 HOH TIP B . 
D 2 HOH 40 280 280 HOH TIP B . 
D 2 HOH 41 283 283 HOH TIP B . 
D 2 HOH 42 285 285 HOH TIP B . 
D 2 HOH 43 288 288 HOH TIP B . 
D 2 HOH 44 292 292 HOH TIP B . 
D 2 HOH 45 293 293 HOH TIP B . 
D 2 HOH 46 301 301 HOH TIP B . 
D 2 HOH 47 302 302 HOH TIP B . 
D 2 HOH 48 306 306 HOH TIP B . 
# 
loop_
_software.name 
_software.classification 
_software.version 
_software.citation_id 
_software.pdbx_ordinal 
CNS         refinement        1.1 ? 1 
SBC-Collect 'data collection' .   ? 2 
HKL-2000    'data scaling'    .   ? 3 
CNS         phasing           .   ? 4 
# 
_cell.entry_id           1R7L 
_cell.length_a           37.002 
_cell.length_b           66.338 
_cell.length_c           53.966 
_cell.angle_alpha        90.00 
_cell.angle_beta         95.29 
_cell.angle_gamma        90.00 
_cell.Z_PDB              4 
_cell.pdbx_unique_axis   ? 
# 
_symmetry.entry_id                         1R7L 
_symmetry.space_group_name_H-M             'P 1 21 1' 
_symmetry.pdbx_full_space_group_name_H-M   ? 
_symmetry.cell_setting                     ? 
_symmetry.Int_Tables_number                4 
_symmetry.space_group_name_Hall            ? 
# 
_exptl.entry_id          1R7L 
_exptl.method            'X-RAY DIFFRACTION' 
_exptl.crystals_number   1 
# 
_exptl_crystal.id                    1 
_exptl_crystal.density_meas          ? 
_exptl_crystal.density_percent_sol   53.36 
_exptl_crystal.description           ? 
_exptl_crystal.density_Matthews      2.64 
_exptl_crystal.F_000                 ? 
_exptl_crystal.preparation           ? 
# 
_exptl_crystal_grow.crystal_id      1 
_exptl_crystal_grow.method          'VAPOR DIFFUSION, SITTING DROP' 
_exptl_crystal_grow.temp            298 
_exptl_crystal_grow.temp_details    ? 
_exptl_crystal_grow.pH              6.0 
_exptl_crystal_grow.pdbx_details    
'20% PEG 8000, 0.1M MES, 0.2M Ca(OAc)2, pH 6.0, VAPOR DIFFUSION, SITTING DROP, temperature 298K' 
_exptl_crystal_grow.pdbx_pH_range   . 
# 
_diffrn.id                     1 
_diffrn.ambient_temp           100 
_diffrn.ambient_temp_details   ? 
_diffrn.crystal_id             1 
# 
_diffrn_detector.diffrn_id              1 
_diffrn_detector.detector               CCD 
_diffrn_detector.type                   SBC-2 
_diffrn_detector.pdbx_collection_date   2003-10-20 
_diffrn_detector.details                mirrors 
# 
_diffrn_radiation.diffrn_id                        1 
_diffrn_radiation.wavelength_id                    1 
_diffrn_radiation.pdbx_monochromatic_or_laue_m_l   M 
_diffrn_radiation.monochromator                    'Si 111 channel' 
_diffrn_radiation.pdbx_diffrn_protocol             MAD 
_diffrn_radiation.pdbx_scattering_type             x-ray 
# 
loop_
_diffrn_radiation_wavelength.id 
_diffrn_radiation_wavelength.wavelength 
_diffrn_radiation_wavelength.wt 
1 0.9795 1.0 
2 0.9798 1.0 
3 0.9465 1.0 
# 
_diffrn_source.diffrn_id                   1 
_diffrn_source.source                      SYNCHROTRON 
_diffrn_source.type                        'APS BEAMLINE 19-ID' 
_diffrn_source.pdbx_synchrotron_site       APS 
_diffrn_source.pdbx_synchrotron_beamline   19-ID 
_diffrn_source.pdbx_wavelength             ? 
_diffrn_source.pdbx_wavelength_list        '0.9795, 0.9798, 0.9465' 
# 
_reflns.entry_id                     1R7L 
_reflns.observed_criterion_sigma_I   4.0 
_reflns.observed_criterion_sigma_F   4.0 
_reflns.d_resolution_low             50 
_reflns.d_resolution_high            2.0 
_reflns.number_obs                   17557 
_reflns.number_all                   17716 
_reflns.percent_possible_obs         99.1 
_reflns.pdbx_Rmerge_I_obs            0.098 
_reflns.pdbx_Rsym_value              ? 
_reflns.pdbx_netI_over_sigmaI        22.3 
_reflns.B_iso_Wilson_estimate        16.2 
_reflns.pdbx_redundancy              8.12 
_reflns.R_free_details               ? 
_reflns.limit_h_max                  ? 
_reflns.limit_h_min                  ? 
_reflns.limit_k_max                  ? 
_reflns.limit_k_min                  ? 
_reflns.limit_l_max                  ? 
_reflns.limit_l_min                  ? 
_reflns.observed_criterion_F_max     ? 
_reflns.observed_criterion_F_min     ? 
_reflns.pdbx_chi_squared             ? 
_reflns.pdbx_scaling_rejects         ? 
_reflns.pdbx_diffrn_id               1 
_reflns.pdbx_ordinal                 1 
# 
_reflns_shell.d_res_high             2.0 
_reflns_shell.d_res_low              2.07 
_reflns_shell.percent_possible_all   95.6 
_reflns_shell.Rmerge_I_obs           0.518 
_reflns_shell.pdbx_Rsym_value        ? 
_reflns_shell.meanI_over_sigI_obs    2.25 
_reflns_shell.pdbx_redundancy        7.2 
_reflns_shell.percent_possible_obs   ? 
_reflns_shell.number_unique_all      ? 
_reflns_shell.number_measured_all    ? 
_reflns_shell.number_measured_obs    ? 
_reflns_shell.number_unique_obs      ? 
_reflns_shell.pdbx_chi_squared       ? 
_reflns_shell.pdbx_diffrn_id         ? 
_reflns_shell.pdbx_ordinal           1 
# 
_refine.entry_id                                 1R7L 
_refine.ls_number_reflns_obs                     32415 
_refine.ls_number_reflns_all                     34558 
_refine.pdbx_ls_sigma_I                          ? 
_refine.pdbx_ls_sigma_F                          0.0 
_refine.pdbx_data_cutoff_high_absF               444377.86 
_refine.pdbx_data_cutoff_low_absF                0.000000 
_refine.pdbx_data_cutoff_high_rms_absF           ? 
_refine.ls_d_res_low                             24.90 
_refine.ls_d_res_high                            2.00 
_refine.ls_percent_reflns_obs                    93.8 
_refine.ls_R_factor_obs                          0.223 
_refine.ls_R_factor_all                          ? 
_refine.ls_R_factor_R_work                       0.223 
_refine.ls_R_factor_R_free                       0.264 
_refine.ls_R_factor_R_free_error                 0.007 
_refine.ls_R_factor_R_free_error_details         ? 
_refine.ls_percent_reflns_R_free                 5.0 
_refine.ls_number_reflns_R_free                  1628 
_refine.ls_number_parameters                     ? 
_refine.ls_number_restraints                     ? 
_refine.occupancy_min                            ? 
_refine.occupancy_max                            ? 
_refine.correlation_coeff_Fo_to_Fc               ? 
_refine.correlation_coeff_Fo_to_Fc_free          ? 
_refine.B_iso_mean                               33.6 
_refine.aniso_B[1][1]                            8.14 
_refine.aniso_B[2][2]                            -3.42 
_refine.aniso_B[3][3]                            -4.72 
_refine.aniso_B[1][2]                            0.00 
_refine.aniso_B[1][3]                            -2.27 
_refine.aniso_B[2][3]                            0.00 
_refine.solvent_model_details                    'FLAT MODEL' 
_refine.solvent_model_param_ksol                 0.378568 
_refine.solvent_model_param_bsol                 60.0238 
_refine.pdbx_solvent_vdw_probe_radii             ? 
_refine.pdbx_solvent_ion_probe_radii             ? 
_refine.pdbx_solvent_shrinkage_radii             ? 
_refine.pdbx_ls_cross_valid_method               THROUGHOUT 
_refine.details                                  'Freidel pairs were used in the refinement.' 
_refine.pdbx_starting_model                      ? 
_refine.pdbx_method_to_determine_struct          MAD 
_refine.pdbx_isotropic_thermal_model             RESTRAINED 
_refine.pdbx_stereochemistry_target_values       'Engh & Huber' 
_refine.pdbx_stereochem_target_val_spec_case     ? 
_refine.pdbx_R_Free_selection_details            RANDOM 
_refine.pdbx_overall_ESU_R                       ? 
_refine.pdbx_overall_ESU_R_Free                  ? 
_refine.overall_SU_ML                            ? 
_refine.overall_SU_B                             ? 
_refine.ls_redundancy_reflns_obs                 ? 
_refine.B_iso_min                                ? 
_refine.B_iso_max                                ? 
_refine.overall_SU_R_Cruickshank_DPI             ? 
_refine.overall_SU_R_free                        ? 
_refine.ls_wR_factor_R_free                      ? 
_refine.ls_wR_factor_R_work                      ? 
_refine.overall_FOM_free_R_set                   ? 
_refine.overall_FOM_work_R_set                   ? 
_refine.pdbx_refine_id                           'X-RAY DIFFRACTION' 
_refine.pdbx_diffrn_id                           1 
_refine.pdbx_TLS_residual_ADP_flag               ? 
_refine.pdbx_overall_phase_error                 ? 
_refine.pdbx_overall_SU_R_free_Cruickshank_DPI   ? 
_refine.pdbx_overall_SU_R_Blow_DPI               ? 
_refine.pdbx_overall_SU_R_free_Blow_DPI          ? 
# 
_refine_analyze.entry_id                        1R7L 
_refine_analyze.Luzzati_coordinate_error_obs    0.27 
_refine_analyze.Luzzati_sigma_a_obs             0.30 
_refine_analyze.Luzzati_d_res_low_obs           5.00 
_refine_analyze.Luzzati_coordinate_error_free   0.33 
_refine_analyze.Luzzati_sigma_a_free            0.33 
_refine_analyze.Luzzati_d_res_low_free          ? 
_refine_analyze.number_disordered_residues      ? 
_refine_analyze.occupancy_sum_hydrogen          ? 
_refine_analyze.occupancy_sum_non_hydrogen      ? 
_refine_analyze.pdbx_Luzzati_d_res_high_obs     ? 
_refine_analyze.pdbx_refine_id                  'X-RAY DIFFRACTION' 
# 
_refine_hist.pdbx_refine_id                   'X-RAY DIFFRACTION' 
_refine_hist.cycle_id                         LAST 
_refine_hist.pdbx_number_atoms_protein        1690 
_refine_hist.pdbx_number_atoms_nucleic_acid   0 
_refine_hist.pdbx_number_atoms_ligand         0 
_refine_hist.number_atoms_solvent             102 
_refine_hist.number_atoms_total               1792 
_refine_hist.d_res_high                       2.00 
_refine_hist.d_res_low                        24.90 
# 
loop_
_refine_ls_restr.type 
_refine_ls_restr.dev_ideal 
_refine_ls_restr.dev_ideal_target 
_refine_ls_restr.weight 
_refine_ls_restr.number 
_refine_ls_restr.pdbx_refine_id 
_refine_ls_restr.pdbx_restraint_function 
c_bond_d           0.008 ? ? ? 'X-RAY DIFFRACTION' ? 
c_angle_deg        1.3   ? ? ? 'X-RAY DIFFRACTION' ? 
c_dihedral_angle_d 23.2  ? ? ? 'X-RAY DIFFRACTION' ? 
c_improper_angle_d 0.83  ? ? ? 'X-RAY DIFFRACTION' ? 
# 
_refine_ls_shell.pdbx_total_number_of_bins_used   6 
_refine_ls_shell.d_res_high                       2.00 
_refine_ls_shell.d_res_low                        2.13 
_refine_ls_shell.number_reflns_R_work             4497 
_refine_ls_shell.R_factor_R_work                  0.314 
_refine_ls_shell.percent_reflns_obs               82.7 
_refine_ls_shell.R_factor_R_free                  0.373 
_refine_ls_shell.R_factor_R_free_error            0.023 
_refine_ls_shell.percent_reflns_R_free            5.4 
_refine_ls_shell.number_reflns_R_free             256 
_refine_ls_shell.number_reflns_obs                ? 
_refine_ls_shell.redundancy_reflns_obs            ? 
_refine_ls_shell.number_reflns_all                ? 
_refine_ls_shell.pdbx_refine_id                   'X-RAY DIFFRACTION' 
_refine_ls_shell.R_factor_all                     ? 
# 
loop_
_pdbx_xplor_file.serial_no 
_pdbx_xplor_file.param_file 
_pdbx_xplor_file.topol_file 
_pdbx_xplor_file.pdbx_refine_id 
1 PROTEIN_REP.PARAM PROTEIN.TOP 'X-RAY DIFFRACTION' 
2 WATER_REP.PARAM   ?           'X-RAY DIFFRACTION' 
3 ION.PARAM         ?           'X-RAY DIFFRACTION' 
# 
_struct.entry_id                  1R7L 
_struct.title                     '2.0 A Crystal Structure of a Phage Protein from Bacillus cereus ATCC 14579' 
_struct.pdbx_model_details        ? 
_struct.pdbx_CASP_flag            ? 
_struct.pdbx_model_type_details   ? 
# 
_struct_keywords.entry_id        1R7L 
_struct_keywords.pdbx_keywords   'STRUCTURAL GENOMICS, UNKNOWN FUNCTION' 
_struct_keywords.text            
;Structural Genomics, phage protein, two layers alpha-beta sandwich, PSI, Protein Structure Initiative, Midwest Center for Structural Genomics, MCSG, UNKNOWN FUNCTION
;
# 
loop_
_struct_asym.id 
_struct_asym.pdbx_blank_PDB_chainid_flag 
_struct_asym.pdbx_modified 
_struct_asym.entity_id 
_struct_asym.details 
A N N 1 ? 
B N N 1 ? 
C N N 2 ? 
D N N 2 ? 
# 
_struct_ref.id                         1 
_struct_ref.db_name                    UNP 
_struct_ref.db_code                    Q81EU2_BACCR 
_struct_ref.pdbx_db_accession          Q81EU2 
_struct_ref.entity_id                  1 
_struct_ref.pdbx_seq_one_letter_code   
;MKPRDINKLIASKIFGYEIKDDNIIKDGRYRLGIPLYSQNIESAWQVVEKLEYDVKVTKTDLKPKYQVHVFVPGGVKMVF
AETAPMAICKGALASVDIELQD
;
_struct_ref.pdbx_align_begin           1 
_struct_ref.pdbx_db_isoform            ? 
# 
loop_
_struct_ref_seq.align_id 
_struct_ref_seq.ref_id 
_struct_ref_seq.pdbx_PDB_id_code 
_struct_ref_seq.pdbx_strand_id 
_struct_ref_seq.seq_align_beg 
_struct_ref_seq.pdbx_seq_align_beg_ins_code 
_struct_ref_seq.seq_align_end 
_struct_ref_seq.pdbx_seq_align_end_ins_code 
_struct_ref_seq.pdbx_db_accession 
_struct_ref_seq.db_align_beg 
_struct_ref_seq.pdbx_db_align_beg_ins_code 
_struct_ref_seq.db_align_end 
_struct_ref_seq.pdbx_db_align_end_ins_code 
_struct_ref_seq.pdbx_auth_seq_align_beg 
_struct_ref_seq.pdbx_auth_seq_align_end 
1 1 1R7L A 9 ? 110 ? Q81EU2 1 ? 102 ? 1 102 
2 1 1R7L B 9 ? 110 ? Q81EU2 1 ? 102 ? 1 102 
# 
loop_
_struct_ref_seq_dif.align_id 
_struct_ref_seq_dif.pdbx_pdb_id_code 
_struct_ref_seq_dif.mon_id 
_struct_ref_seq_dif.pdbx_pdb_strand_id 
_struct_ref_seq_dif.seq_num 
_struct_ref_seq_dif.pdbx_pdb_ins_code 
_struct_ref_seq_dif.pdbx_seq_db_name 
_struct_ref_seq_dif.pdbx_seq_db_accession_code 
_struct_ref_seq_dif.db_mon_id 
_struct_ref_seq_dif.pdbx_seq_db_seq_num 
_struct_ref_seq_dif.details 
_struct_ref_seq_dif.pdbx_auth_seq_num 
_struct_ref_seq_dif.pdbx_ordinal 
1 1R7L ASN A 1 ? UNP Q81EU2 ? ? 'expression tag' -7 1  
1 1R7L LEU A 2 ? UNP Q81EU2 ? ? 'expression tag' -6 2  
1 1R7L TYR A 3 ? UNP Q81EU2 ? ? 'expression tag' -5 3  
1 1R7L PHE A 4 ? UNP Q81EU2 ? ? 'expression tag' -4 4  
1 1R7L GLN A 5 ? UNP Q81EU2 ? ? 'expression tag' -3 5  
1 1R7L SER A 6 ? UNP Q81EU2 ? ? 'expression tag' -2 6  
1 1R7L ASN A 7 ? UNP Q81EU2 ? ? 'expression tag' -1 7  
1 1R7L ALA A 8 ? UNP Q81EU2 ? ? 'expression tag' 0  8  
2 1R7L ASN B 1 ? UNP Q81EU2 ? ? 'expression tag' -7 9  
2 1R7L LEU B 2 ? UNP Q81EU2 ? ? 'expression tag' -6 10 
2 1R7L TYR B 3 ? UNP Q81EU2 ? ? 'expression tag' -5 11 
2 1R7L PHE B 4 ? UNP Q81EU2 ? ? 'expression tag' -4 12 
2 1R7L GLN B 5 ? UNP Q81EU2 ? ? 'expression tag' -3 13 
2 1R7L SER B 6 ? UNP Q81EU2 ? ? 'expression tag' -2 14 
2 1R7L ASN B 7 ? UNP Q81EU2 ? ? 'expression tag' -1 15 
2 1R7L ALA B 8 ? UNP Q81EU2 ? ? 'expression tag' 0  16 
# 
_pdbx_struct_assembly.id                   1 
_pdbx_struct_assembly.details              author_defined_assembly 
_pdbx_struct_assembly.method_details       ? 
_pdbx_struct_assembly.oligomeric_details   dimeric 
_pdbx_struct_assembly.oligomeric_count     2 
# 
_pdbx_struct_assembly_gen.assembly_id       1 
_pdbx_struct_assembly_gen.oper_expression   1 
_pdbx_struct_assembly_gen.asym_id_list      A,B,C,D 
# 
_pdbx_struct_oper_list.id                   1 
_pdbx_struct_oper_list.type                 'identity operation' 
_pdbx_struct_oper_list.name                 1_555 
_pdbx_struct_oper_list.symmetry_operation   x,y,z 
_pdbx_struct_oper_list.matrix[1][1]         1.0000000000 
_pdbx_struct_oper_list.matrix[1][2]         0.0000000000 
_pdbx_struct_oper_list.matrix[1][3]         0.0000000000 
_pdbx_struct_oper_list.vector[1]            0.0000000000 
_pdbx_struct_oper_list.matrix[2][1]         0.0000000000 
_pdbx_struct_oper_list.matrix[2][2]         1.0000000000 
_pdbx_struct_oper_list.matrix[2][3]         0.0000000000 
_pdbx_struct_oper_list.vector[2]            0.0000000000 
_pdbx_struct_oper_list.matrix[3][1]         0.0000000000 
_pdbx_struct_oper_list.matrix[3][2]         0.0000000000 
_pdbx_struct_oper_list.matrix[3][3]         1.0000000000 
_pdbx_struct_oper_list.vector[3]            0.0000000000 
# 
_struct_biol.id                    1 
_struct_biol.details               'Molecule A and molecule B represent the dimer in the asymmetric unit.' 
_struct_biol.pdbx_parent_biol_id   ? 
# 
loop_
_struct_conf.conf_type_id 
_struct_conf.id 
_struct_conf.pdbx_PDB_helix_id 
_struct_conf.beg_label_comp_id 
_struct_conf.beg_label_asym_id 
_struct_conf.beg_label_seq_id 
_struct_conf.pdbx_beg_PDB_ins_code 
_struct_conf.end_label_comp_id 
_struct_conf.end_label_asym_id 
_struct_conf.end_label_seq_id 
_struct_conf.pdbx_end_PDB_ins_code 
_struct_conf.beg_auth_comp_id 
_struct_conf.beg_auth_asym_id 
_struct_conf.beg_auth_seq_id 
_struct_conf.end_auth_comp_id 
_struct_conf.end_auth_asym_id 
_struct_conf.end_auth_seq_id 
_struct_conf.pdbx_PDB_helix_class 
_struct_conf.details 
_struct_conf.pdbx_PDB_helix_length 
HELX_P HELX_P1 1 LYS A 10 ? ILE A 22  ? LYS A 2  ILE A 14 1 ? 13 
HELX_P HELX_P2 2 ASP A 35 ? ARG A 37  ? ASP A 27 ARG A 29 5 ? 3  
HELX_P HELX_P3 3 ASN A 48 ? LEU A 59  ? ASN A 40 LEU A 51 1 ? 12 
HELX_P HELX_P4 4 THR A 91 ? SER A 103 ? THR A 83 SER A 95 1 ? 13 
HELX_P HELX_P5 5 LYS B 10 ? ILE B 22  ? LYS B 2  ILE B 14 1 ? 13 
HELX_P HELX_P6 6 ASP B 35 ? ARG B 37  ? ASP B 27 ARG B 29 5 ? 3  
HELX_P HELX_P7 7 ASN B 48 ? LEU B 59  ? ASN B 40 LEU B 51 1 ? 12 
HELX_P HELX_P8 8 THR B 91 ? SER B 103 ? THR B 83 SER B 95 1 ? 13 
# 
_struct_conf_type.id          HELX_P 
_struct_conf_type.criteria    ? 
_struct_conf_type.reference   ? 
# 
loop_
_struct_mon_prot_cis.pdbx_id 
_struct_mon_prot_cis.label_comp_id 
_struct_mon_prot_cis.label_seq_id 
_struct_mon_prot_cis.label_asym_id 
_struct_mon_prot_cis.label_alt_id 
_struct_mon_prot_cis.pdbx_PDB_ins_code 
_struct_mon_prot_cis.auth_comp_id 
_struct_mon_prot_cis.auth_seq_id 
_struct_mon_prot_cis.auth_asym_id 
_struct_mon_prot_cis.pdbx_label_comp_id_2 
_struct_mon_prot_cis.pdbx_label_seq_id_2 
_struct_mon_prot_cis.pdbx_label_asym_id_2 
_struct_mon_prot_cis.pdbx_PDB_ins_code_2 
_struct_mon_prot_cis.pdbx_auth_comp_id_2 
_struct_mon_prot_cis.pdbx_auth_seq_id_2 
_struct_mon_prot_cis.pdbx_auth_asym_id_2 
_struct_mon_prot_cis.pdbx_PDB_model_num 
_struct_mon_prot_cis.pdbx_omega_angle 
1 LYS 71 A . ? LYS 63 A PRO 72 A ? PRO 64 A 1 -0.18 
2 LYS 71 B . ? LYS 63 B PRO 72 B ? PRO 64 B 1 -0.28 
# 
loop_
_struct_sheet.id 
_struct_sheet.type 
_struct_sheet.number_strands 
_struct_sheet.details 
A ? 3 ? 
B ? 6 ? 
C ? 2 ? 
# 
loop_
_struct_sheet_order.sheet_id 
_struct_sheet_order.range_id_1 
_struct_sheet_order.range_id_2 
_struct_sheet_order.offset 
_struct_sheet_order.sense 
A 1 2 ? anti-parallel 
A 2 3 ? anti-parallel 
B 1 2 ? anti-parallel 
B 2 3 ? anti-parallel 
B 3 4 ? anti-parallel 
B 4 5 ? anti-parallel 
B 5 6 ? anti-parallel 
C 1 2 ? anti-parallel 
# 
loop_
_struct_sheet_range.sheet_id 
_struct_sheet_range.id 
_struct_sheet_range.beg_label_comp_id 
_struct_sheet_range.beg_label_asym_id 
_struct_sheet_range.beg_label_seq_id 
_struct_sheet_range.pdbx_beg_PDB_ins_code 
_struct_sheet_range.end_label_comp_id 
_struct_sheet_range.end_label_asym_id 
_struct_sheet_range.end_label_seq_id 
_struct_sheet_range.pdbx_end_PDB_ins_code 
_struct_sheet_range.beg_auth_comp_id 
_struct_sheet_range.beg_auth_asym_id 
_struct_sheet_range.beg_auth_seq_id 
_struct_sheet_range.end_auth_comp_id 
_struct_sheet_range.end_auth_asym_id 
_struct_sheet_range.end_auth_seq_id 
A 1 ILE A 27 ? LYS A 28 ? ILE A 19 LYS A 20 
A 2 ASN A 31 ? LYS A 34 ? ASN A 23 LYS A 26 
A 3 TYR A 38 ? LEU A 40 ? TYR A 30 LEU A 32 
B 1 LYS A 85 ? ALA A 89 ? LYS A 77 ALA A 81 
B 2 TYR A 74 ? PHE A 79 ? TYR A 66 PHE A 71 
B 3 ASP A 62 ? LYS A 67 ? ASP A 54 LYS A 59 
B 4 ASP B 62 ? LYS B 67 ? ASP B 54 LYS B 59 
B 5 TYR B 74 ? PHE B 79 ? TYR B 66 PHE B 71 
B 6 LYS B 85 ? ALA B 89 ? LYS B 77 ALA B 81 
C 1 ASN B 31 ? LYS B 34 ? ASN B 23 LYS B 26 
C 2 TYR B 38 ? GLY B 41 ? TYR B 30 GLY B 33 
# 
loop_
_pdbx_struct_sheet_hbond.sheet_id 
_pdbx_struct_sheet_hbond.range_id_1 
_pdbx_struct_sheet_hbond.range_id_2 
_pdbx_struct_sheet_hbond.range_1_label_atom_id 
_pdbx_struct_sheet_hbond.range_1_label_comp_id 
_pdbx_struct_sheet_hbond.range_1_label_asym_id 
_pdbx_struct_sheet_hbond.range_1_label_seq_id 
_pdbx_struct_sheet_hbond.range_1_PDB_ins_code 
_pdbx_struct_sheet_hbond.range_1_auth_atom_id 
_pdbx_struct_sheet_hbond.range_1_auth_comp_id 
_pdbx_struct_sheet_hbond.range_1_auth_asym_id 
_pdbx_struct_sheet_hbond.range_1_auth_seq_id 
_pdbx_struct_sheet_hbond.range_2_label_atom_id 
_pdbx_struct_sheet_hbond.range_2_label_comp_id 
_pdbx_struct_sheet_hbond.range_2_label_asym_id 
_pdbx_struct_sheet_hbond.range_2_label_seq_id 
_pdbx_struct_sheet_hbond.range_2_PDB_ins_code 
_pdbx_struct_sheet_hbond.range_2_auth_atom_id 
_pdbx_struct_sheet_hbond.range_2_auth_comp_id 
_pdbx_struct_sheet_hbond.range_2_auth_asym_id 
_pdbx_struct_sheet_hbond.range_2_auth_seq_id 
A 1 2 N LYS A 28 ? N LYS A 20 O ASN A 31 ? O ASN A 23 
A 2 3 N LYS A 34 ? N LYS A 26 O TYR A 38 ? O TYR A 30 
B 1 2 O LYS A 85 ? O LYS A 77 N VAL A 78 ? N VAL A 70 
B 2 3 O HIS A 77 ? O HIS A 69 N LYS A 64 ? N LYS A 56 
B 3 4 N LYS A 67 ? N LYS A 59 O VAL B 63 ? O VAL B 55 
B 4 5 N THR B 66 ? N THR B 58 O GLN B 75 ? O GLN B 67 
B 5 6 N VAL B 78 ? N VAL B 70 O LYS B 85 ? O LYS B 77 
C 1 2 N LYS B 34 ? N LYS B 26 O TYR B 38 ? O TYR B 30 
# 
loop_
_pdbx_validate_torsion.id 
_pdbx_validate_torsion.PDB_model_num 
_pdbx_validate_torsion.auth_comp_id 
_pdbx_validate_torsion.auth_asym_id 
_pdbx_validate_torsion.auth_seq_id 
_pdbx_validate_torsion.PDB_ins_code 
_pdbx_validate_torsion.label_alt_id 
_pdbx_validate_torsion.phi 
_pdbx_validate_torsion.psi 
1 1 ALA A 0  ? ? -161.36 118.22 
2 1 ARG A 29 ? ? -148.99 -20.68 
3 1 VAL B 76 ? ? -39.63  141.08 
# 
_pdbx_SG_project.id                    1 
_pdbx_SG_project.project_name          'PSI, Protein Structure Initiative' 
_pdbx_SG_project.full_name_of_center   'Midwest Center for Structural Genomics' 
_pdbx_SG_project.initial_of_center     MCSG 
# 
loop_
_pdbx_unobs_or_zero_occ_residues.id 
_pdbx_unobs_or_zero_occ_residues.PDB_model_num 
_pdbx_unobs_or_zero_occ_residues.polymer_flag 
_pdbx_unobs_or_zero_occ_residues.occupancy_flag 
_pdbx_unobs_or_zero_occ_residues.auth_asym_id 
_pdbx_unobs_or_zero_occ_residues.auth_comp_id 
_pdbx_unobs_or_zero_occ_residues.auth_seq_id 
_pdbx_unobs_or_zero_occ_residues.PDB_ins_code 
_pdbx_unobs_or_zero_occ_residues.label_asym_id 
_pdbx_unobs_or_zero_occ_residues.label_comp_id 
_pdbx_unobs_or_zero_occ_residues.label_seq_id 
1 1 Y 1 A ASN -7  ? A ASN 1   
2 1 Y 1 A ASP 97  ? A ASP 105 
3 1 Y 1 A ILE 98  ? A ILE 106 
4 1 Y 1 A GLU 99  ? A GLU 107 
5 1 Y 1 A LEU 100 ? A LEU 108 
6 1 Y 1 A GLN 101 ? A GLN 109 
7 1 Y 1 A ASP 102 ? A ASP 110 
8 1 Y 1 B ASP 102 ? B ASP 110 
# 
loop_
_chem_comp_atom.comp_id 
_chem_comp_atom.atom_id 
_chem_comp_atom.type_symbol 
_chem_comp_atom.pdbx_aromatic_flag 
_chem_comp_atom.pdbx_stereo_config 
_chem_comp_atom.pdbx_ordinal 
ALA N    N N N 1   
ALA CA   C N S 2   
ALA C    C N N 3   
ALA O    O N N 4   
ALA CB   C N N 5   
ALA OXT  O N N 6   
ALA H    H N N 7   
ALA H2   H N N 8   
ALA HA   H N N 9   
ALA HB1  H N N 10  
ALA HB2  H N N 11  
ALA HB3  H N N 12  
ALA HXT  H N N 13  
ARG N    N N N 14  
ARG CA   C N S 15  
ARG C    C N N 16  
ARG O    O N N 17  
ARG CB   C N N 18  
ARG CG   C N N 19  
ARG CD   C N N 20  
ARG NE   N N N 21  
ARG CZ   C N N 22  
ARG NH1  N N N 23  
ARG NH2  N N N 24  
ARG OXT  O N N 25  
ARG H    H N N 26  
ARG H2   H N N 27  
ARG HA   H N N 28  
ARG HB2  H N N 29  
ARG HB3  H N N 30  
ARG HG2  H N N 31  
ARG HG3  H N N 32  
ARG HD2  H N N 33  
ARG HD3  H N N 34  
ARG HE   H N N 35  
ARG HH11 H N N 36  
ARG HH12 H N N 37  
ARG HH21 H N N 38  
ARG HH22 H N N 39  
ARG HXT  H N N 40  
ASN N    N N N 41  
ASN CA   C N S 42  
ASN C    C N N 43  
ASN O    O N N 44  
ASN CB   C N N 45  
ASN CG   C N N 46  
ASN OD1  O N N 47  
ASN ND2  N N N 48  
ASN OXT  O N N 49  
ASN H    H N N 50  
ASN H2   H N N 51  
ASN HA   H N N 52  
ASN HB2  H N N 53  
ASN HB3  H N N 54  
ASN HD21 H N N 55  
ASN HD22 H N N 56  
ASN HXT  H N N 57  
ASP N    N N N 58  
ASP CA   C N S 59  
ASP C    C N N 60  
ASP O    O N N 61  
ASP CB   C N N 62  
ASP CG   C N N 63  
ASP OD1  O N N 64  
ASP OD2  O N N 65  
ASP OXT  O N N 66  
ASP H    H N N 67  
ASP H2   H N N 68  
ASP HA   H N N 69  
ASP HB2  H N N 70  
ASP HB3  H N N 71  
ASP HD2  H N N 72  
ASP HXT  H N N 73  
CYS N    N N N 74  
CYS CA   C N R 75  
CYS C    C N N 76  
CYS O    O N N 77  
CYS CB   C N N 78  
CYS SG   S N N 79  
CYS OXT  O N N 80  
CYS H    H N N 81  
CYS H2   H N N 82  
CYS HA   H N N 83  
CYS HB2  H N N 84  
CYS HB3  H N N 85  
CYS HG   H N N 86  
CYS HXT  H N N 87  
GLN N    N N N 88  
GLN CA   C N S 89  
GLN C    C N N 90  
GLN O    O N N 91  
GLN CB   C N N 92  
GLN CG   C N N 93  
GLN CD   C N N 94  
GLN OE1  O N N 95  
GLN NE2  N N N 96  
GLN OXT  O N N 97  
GLN H    H N N 98  
GLN H2   H N N 99  
GLN HA   H N N 100 
GLN HB2  H N N 101 
GLN HB3  H N N 102 
GLN HG2  H N N 103 
GLN HG3  H N N 104 
GLN HE21 H N N 105 
GLN HE22 H N N 106 
GLN HXT  H N N 107 
GLU N    N N N 108 
GLU CA   C N S 109 
GLU C    C N N 110 
GLU O    O N N 111 
GLU CB   C N N 112 
GLU CG   C N N 113 
GLU CD   C N N 114 
GLU OE1  O N N 115 
GLU OE2  O N N 116 
GLU OXT  O N N 117 
GLU H    H N N 118 
GLU H2   H N N 119 
GLU HA   H N N 120 
GLU HB2  H N N 121 
GLU HB3  H N N 122 
GLU HG2  H N N 123 
GLU HG3  H N N 124 
GLU HE2  H N N 125 
GLU HXT  H N N 126 
GLY N    N N N 127 
GLY CA   C N N 128 
GLY C    C N N 129 
GLY O    O N N 130 
GLY OXT  O N N 131 
GLY H    H N N 132 
GLY H2   H N N 133 
GLY HA2  H N N 134 
GLY HA3  H N N 135 
GLY HXT  H N N 136 
HIS N    N N N 137 
HIS CA   C N S 138 
HIS C    C N N 139 
HIS O    O N N 140 
HIS CB   C N N 141 
HIS CG   C Y N 142 
HIS ND1  N Y N 143 
HIS CD2  C Y N 144 
HIS CE1  C Y N 145 
HIS NE2  N Y N 146 
HIS OXT  O N N 147 
HIS H    H N N 148 
HIS H2   H N N 149 
HIS HA   H N N 150 
HIS HB2  H N N 151 
HIS HB3  H N N 152 
HIS HD1  H N N 153 
HIS HD2  H N N 154 
HIS HE1  H N N 155 
HIS HE2  H N N 156 
HIS HXT  H N N 157 
HOH O    O N N 158 
HOH H1   H N N 159 
HOH H2   H N N 160 
ILE N    N N N 161 
ILE CA   C N S 162 
ILE C    C N N 163 
ILE O    O N N 164 
ILE CB   C N S 165 
ILE CG1  C N N 166 
ILE CG2  C N N 167 
ILE CD1  C N N 168 
ILE OXT  O N N 169 
ILE H    H N N 170 
ILE H2   H N N 171 
ILE HA   H N N 172 
ILE HB   H N N 173 
ILE HG12 H N N 174 
ILE HG13 H N N 175 
ILE HG21 H N N 176 
ILE HG22 H N N 177 
ILE HG23 H N N 178 
ILE HD11 H N N 179 
ILE HD12 H N N 180 
ILE HD13 H N N 181 
ILE HXT  H N N 182 
LEU N    N N N 183 
LEU CA   C N S 184 
LEU C    C N N 185 
LEU O    O N N 186 
LEU CB   C N N 187 
LEU CG   C N N 188 
LEU CD1  C N N 189 
LEU CD2  C N N 190 
LEU OXT  O N N 191 
LEU H    H N N 192 
LEU H2   H N N 193 
LEU HA   H N N 194 
LEU HB2  H N N 195 
LEU HB3  H N N 196 
LEU HG   H N N 197 
LEU HD11 H N N 198 
LEU HD12 H N N 199 
LEU HD13 H N N 200 
LEU HD21 H N N 201 
LEU HD22 H N N 202 
LEU HD23 H N N 203 
LEU HXT  H N N 204 
LYS N    N N N 205 
LYS CA   C N S 206 
LYS C    C N N 207 
LYS O    O N N 208 
LYS CB   C N N 209 
LYS CG   C N N 210 
LYS CD   C N N 211 
LYS CE   C N N 212 
LYS NZ   N N N 213 
LYS OXT  O N N 214 
LYS H    H N N 215 
LYS H2   H N N 216 
LYS HA   H N N 217 
LYS HB2  H N N 218 
LYS HB3  H N N 219 
LYS HG2  H N N 220 
LYS HG3  H N N 221 
LYS HD2  H N N 222 
LYS HD3  H N N 223 
LYS HE2  H N N 224 
LYS HE3  H N N 225 
LYS HZ1  H N N 226 
LYS HZ2  H N N 227 
LYS HZ3  H N N 228 
LYS HXT  H N N 229 
MET N    N N N 230 
MET CA   C N S 231 
MET C    C N N 232 
MET O    O N N 233 
MET CB   C N N 234 
MET CG   C N N 235 
MET SD   S N N 236 
MET CE   C N N 237 
MET OXT  O N N 238 
MET H    H N N 239 
MET H2   H N N 240 
MET HA   H N N 241 
MET HB2  H N N 242 
MET HB3  H N N 243 
MET HG2  H N N 244 
MET HG3  H N N 245 
MET HE1  H N N 246 
MET HE2  H N N 247 
MET HE3  H N N 248 
MET HXT  H N N 249 
PHE N    N N N 250 
PHE CA   C N S 251 
PHE C    C N N 252 
PHE O    O N N 253 
PHE CB   C N N 254 
PHE CG   C Y N 255 
PHE CD1  C Y N 256 
PHE CD2  C Y N 257 
PHE CE1  C Y N 258 
PHE CE2  C Y N 259 
PHE CZ   C Y N 260 
PHE OXT  O N N 261 
PHE H    H N N 262 
PHE H2   H N N 263 
PHE HA   H N N 264 
PHE HB2  H N N 265 
PHE HB3  H N N 266 
PHE HD1  H N N 267 
PHE HD2  H N N 268 
PHE HE1  H N N 269 
PHE HE2  H N N 270 
PHE HZ   H N N 271 
PHE HXT  H N N 272 
PRO N    N N N 273 
PRO CA   C N S 274 
PRO C    C N N 275 
PRO O    O N N 276 
PRO CB   C N N 277 
PRO CG   C N N 278 
PRO CD   C N N 279 
PRO OXT  O N N 280 
PRO H    H N N 281 
PRO HA   H N N 282 
PRO HB2  H N N 283 
PRO HB3  H N N 284 
PRO HG2  H N N 285 
PRO HG3  H N N 286 
PRO HD2  H N N 287 
PRO HD3  H N N 288 
PRO HXT  H N N 289 
SER N    N N N 290 
SER CA   C N S 291 
SER C    C N N 292 
SER O    O N N 293 
SER CB   C N N 294 
SER OG   O N N 295 
SER OXT  O N N 296 
SER H    H N N 297 
SER H2   H N N 298 
SER HA   H N N 299 
SER HB2  H N N 300 
SER HB3  H N N 301 
SER HG   H N N 302 
SER HXT  H N N 303 
THR N    N N N 304 
THR CA   C N S 305 
THR C    C N N 306 
THR O    O N N 307 
THR CB   C N R 308 
THR OG1  O N N 309 
THR CG2  C N N 310 
THR OXT  O N N 311 
THR H    H N N 312 
THR H2   H N N 313 
THR HA   H N N 314 
THR HB   H N N 315 
THR HG1  H N N 316 
THR HG21 H N N 317 
THR HG22 H N N 318 
THR HG23 H N N 319 
THR HXT  H N N 320 
TRP N    N N N 321 
TRP CA   C N S 322 
TRP C    C N N 323 
TRP O    O N N 324 
TRP CB   C N N 325 
TRP CG   C Y N 326 
TRP CD1  C Y N 327 
TRP CD2  C Y N 328 
TRP NE1  N Y N 329 
TRP CE2  C Y N 330 
TRP CE3  C Y N 331 
TRP CZ2  C Y N 332 
TRP CZ3  C Y N 333 
TRP CH2  C Y N 334 
TRP OXT  O N N 335 
TRP H    H N N 336 
TRP H2   H N N 337 
TRP HA   H N N 338 
TRP HB2  H N N 339 
TRP HB3  H N N 340 
TRP HD1  H N N 341 
TRP HE1  H N N 342 
TRP HE3  H N N 343 
TRP HZ2  H N N 344 
TRP HZ3  H N N 345 
TRP HH2  H N N 346 
TRP HXT  H N N 347 
TYR N    N N N 348 
TYR CA   C N S 349 
TYR C    C N N 350 
TYR O    O N N 351 
TYR CB   C N N 352 
TYR CG   C Y N 353 
TYR CD1  C Y N 354 
TYR CD2  C Y N 355 
TYR CE1  C Y N 356 
TYR CE2  C Y N 357 
TYR CZ   C Y N 358 
TYR OH   O N N 359 
TYR OXT  O N N 360 
TYR H    H N N 361 
TYR H2   H N N 362 
TYR HA   H N N 363 
TYR HB2  H N N 364 
TYR HB3  H N N 365 
TYR HD1  H N N 366 
TYR HD2  H N N 367 
TYR HE1  H N N 368 
TYR HE2  H N N 369 
TYR HH   H N N 370 
TYR HXT  H N N 371 
VAL N    N N N 372 
VAL CA   C N S 373 
VAL C    C N N 374 
VAL O    O N N 375 
VAL CB   C N N 376 
VAL CG1  C N N 377 
VAL CG2  C N N 378 
VAL OXT  O N N 379 
VAL H    H N N 380 
VAL H2   H N N 381 
VAL HA   H N N 382 
VAL HB   H N N 383 
VAL HG11 H N N 384 
VAL HG12 H N N 385 
VAL HG13 H N N 386 
VAL HG21 H N N 387 
VAL HG22 H N N 388 
VAL HG23 H N N 389 
VAL HXT  H N N 390 
# 
loop_
_chem_comp_bond.comp_id 
_chem_comp_bond.atom_id_1 
_chem_comp_bond.atom_id_2 
_chem_comp_bond.value_order 
_chem_comp_bond.pdbx_aromatic_flag 
_chem_comp_bond.pdbx_stereo_config 
_chem_comp_bond.pdbx_ordinal 
ALA N   CA   sing N N 1   
ALA N   H    sing N N 2   
ALA N   H2   sing N N 3   
ALA CA  C    sing N N 4   
ALA CA  CB   sing N N 5   
ALA CA  HA   sing N N 6   
ALA C   O    doub N N 7   
ALA C   OXT  sing N N 8   
ALA CB  HB1  sing N N 9   
ALA CB  HB2  sing N N 10  
ALA CB  HB3  sing N N 11  
ALA OXT HXT  sing N N 12  
ARG N   CA   sing N N 13  
ARG N   H    sing N N 14  
ARG N   H2   sing N N 15  
ARG CA  C    sing N N 16  
ARG CA  CB   sing N N 17  
ARG CA  HA   sing N N 18  
ARG C   O    doub N N 19  
ARG C   OXT  sing N N 20  
ARG CB  CG   sing N N 21  
ARG CB  HB2  sing N N 22  
ARG CB  HB3  sing N N 23  
ARG CG  CD   sing N N 24  
ARG CG  HG2  sing N N 25  
ARG CG  HG3  sing N N 26  
ARG CD  NE   sing N N 27  
ARG CD  HD2  sing N N 28  
ARG CD  HD3  sing N N 29  
ARG NE  CZ   sing N N 30  
ARG NE  HE   sing N N 31  
ARG CZ  NH1  sing N N 32  
ARG CZ  NH2  doub N N 33  
ARG NH1 HH11 sing N N 34  
ARG NH1 HH12 sing N N 35  
ARG NH2 HH21 sing N N 36  
ARG NH2 HH22 sing N N 37  
ARG OXT HXT  sing N N 38  
ASN N   CA   sing N N 39  
ASN N   H    sing N N 40  
ASN N   H2   sing N N 41  
ASN CA  C    sing N N 42  
ASN CA  CB   sing N N 43  
ASN CA  HA   sing N N 44  
ASN C   O    doub N N 45  
ASN C   OXT  sing N N 46  
ASN CB  CG   sing N N 47  
ASN CB  HB2  sing N N 48  
ASN CB  HB3  sing N N 49  
ASN CG  OD1  doub N N 50  
ASN CG  ND2  sing N N 51  
ASN ND2 HD21 sing N N 52  
ASN ND2 HD22 sing N N 53  
ASN OXT HXT  sing N N 54  
ASP N   CA   sing N N 55  
ASP N   H    sing N N 56  
ASP N   H2   sing N N 57  
ASP CA  C    sing N N 58  
ASP CA  CB   sing N N 59  
ASP CA  HA   sing N N 60  
ASP C   O    doub N N 61  
ASP C   OXT  sing N N 62  
ASP CB  CG   sing N N 63  
ASP CB  HB2  sing N N 64  
ASP CB  HB3  sing N N 65  
ASP CG  OD1  doub N N 66  
ASP CG  OD2  sing N N 67  
ASP OD2 HD2  sing N N 68  
ASP OXT HXT  sing N N 69  
CYS N   CA   sing N N 70  
CYS N   H    sing N N 71  
CYS N   H2   sing N N 72  
CYS CA  C    sing N N 73  
CYS CA  CB   sing N N 74  
CYS CA  HA   sing N N 75  
CYS C   O    doub N N 76  
CYS C   OXT  sing N N 77  
CYS CB  SG   sing N N 78  
CYS CB  HB2  sing N N 79  
CYS CB  HB3  sing N N 80  
CYS SG  HG   sing N N 81  
CYS OXT HXT  sing N N 82  
GLN N   CA   sing N N 83  
GLN N   H    sing N N 84  
GLN N   H2   sing N N 85  
GLN CA  C    sing N N 86  
GLN CA  CB   sing N N 87  
GLN CA  HA   sing N N 88  
GLN C   O    doub N N 89  
GLN C   OXT  sing N N 90  
GLN CB  CG   sing N N 91  
GLN CB  HB2  sing N N 92  
GLN CB  HB3  sing N N 93  
GLN CG  CD   sing N N 94  
GLN CG  HG2  sing N N 95  
GLN CG  HG3  sing N N 96  
GLN CD  OE1  doub N N 97  
GLN CD  NE2  sing N N 98  
GLN NE2 HE21 sing N N 99  
GLN NE2 HE22 sing N N 100 
GLN OXT HXT  sing N N 101 
GLU N   CA   sing N N 102 
GLU N   H    sing N N 103 
GLU N   H2   sing N N 104 
GLU CA  C    sing N N 105 
GLU CA  CB   sing N N 106 
GLU CA  HA   sing N N 107 
GLU C   O    doub N N 108 
GLU C   OXT  sing N N 109 
GLU CB  CG   sing N N 110 
GLU CB  HB2  sing N N 111 
GLU CB  HB3  sing N N 112 
GLU CG  CD   sing N N 113 
GLU CG  HG2  sing N N 114 
GLU CG  HG3  sing N N 115 
GLU CD  OE1  doub N N 116 
GLU CD  OE2  sing N N 117 
GLU OE2 HE2  sing N N 118 
GLU OXT HXT  sing N N 119 
GLY N   CA   sing N N 120 
GLY N   H    sing N N 121 
GLY N   H2   sing N N 122 
GLY CA  C    sing N N 123 
GLY CA  HA2  sing N N 124 
GLY CA  HA3  sing N N 125 
GLY C   O    doub N N 126 
GLY C   OXT  sing N N 127 
GLY OXT HXT  sing N N 128 
HIS N   CA   sing N N 129 
HIS N   H    sing N N 130 
HIS N   H2   sing N N 131 
HIS CA  C    sing N N 132 
HIS CA  CB   sing N N 133 
HIS CA  HA   sing N N 134 
HIS C   O    doub N N 135 
HIS C   OXT  sing N N 136 
HIS CB  CG   sing N N 137 
HIS CB  HB2  sing N N 138 
HIS CB  HB3  sing N N 139 
HIS CG  ND1  sing Y N 140 
HIS CG  CD2  doub Y N 141 
HIS ND1 CE1  doub Y N 142 
HIS ND1 HD1  sing N N 143 
HIS CD2 NE2  sing Y N 144 
HIS CD2 HD2  sing N N 145 
HIS CE1 NE2  sing Y N 146 
HIS CE1 HE1  sing N N 147 
HIS NE2 HE2  sing N N 148 
HIS OXT HXT  sing N N 149 
HOH O   H1   sing N N 150 
HOH O   H2   sing N N 151 
ILE N   CA   sing N N 152 
ILE N   H    sing N N 153 
ILE N   H2   sing N N 154 
ILE CA  C    sing N N 155 
ILE CA  CB   sing N N 156 
ILE CA  HA   sing N N 157 
ILE C   O    doub N N 158 
ILE C   OXT  sing N N 159 
ILE CB  CG1  sing N N 160 
ILE CB  CG2  sing N N 161 
ILE CB  HB   sing N N 162 
ILE CG1 CD1  sing N N 163 
ILE CG1 HG12 sing N N 164 
ILE CG1 HG13 sing N N 165 
ILE CG2 HG21 sing N N 166 
ILE CG2 HG22 sing N N 167 
ILE CG2 HG23 sing N N 168 
ILE CD1 HD11 sing N N 169 
ILE CD1 HD12 sing N N 170 
ILE CD1 HD13 sing N N 171 
ILE OXT HXT  sing N N 172 
LEU N   CA   sing N N 173 
LEU N   H    sing N N 174 
LEU N   H2   sing N N 175 
LEU CA  C    sing N N 176 
LEU CA  CB   sing N N 177 
LEU CA  HA   sing N N 178 
LEU C   O    doub N N 179 
LEU C   OXT  sing N N 180 
LEU CB  CG   sing N N 181 
LEU CB  HB2  sing N N 182 
LEU CB  HB3  sing N N 183 
LEU CG  CD1  sing N N 184 
LEU CG  CD2  sing N N 185 
LEU CG  HG   sing N N 186 
LEU CD1 HD11 sing N N 187 
LEU CD1 HD12 sing N N 188 
LEU CD1 HD13 sing N N 189 
LEU CD2 HD21 sing N N 190 
LEU CD2 HD22 sing N N 191 
LEU CD2 HD23 sing N N 192 
LEU OXT HXT  sing N N 193 
LYS N   CA   sing N N 194 
LYS N   H    sing N N 195 
LYS N   H2   sing N N 196 
LYS CA  C    sing N N 197 
LYS CA  CB   sing N N 198 
LYS CA  HA   sing N N 199 
LYS C   O    doub N N 200 
LYS C   OXT  sing N N 201 
LYS CB  CG   sing N N 202 
LYS CB  HB2  sing N N 203 
LYS CB  HB3  sing N N 204 
LYS CG  CD   sing N N 205 
LYS CG  HG2  sing N N 206 
LYS CG  HG3  sing N N 207 
LYS CD  CE   sing N N 208 
LYS CD  HD2  sing N N 209 
LYS CD  HD3  sing N N 210 
LYS CE  NZ   sing N N 211 
LYS CE  HE2  sing N N 212 
LYS CE  HE3  sing N N 213 
LYS NZ  HZ1  sing N N 214 
LYS NZ  HZ2  sing N N 215 
LYS NZ  HZ3  sing N N 216 
LYS OXT HXT  sing N N 217 
MET N   CA   sing N N 218 
MET N   H    sing N N 219 
MET N   H2   sing N N 220 
MET CA  C    sing N N 221 
MET CA  CB   sing N N 222 
MET CA  HA   sing N N 223 
MET C   O    doub N N 224 
MET C   OXT  sing N N 225 
MET CB  CG   sing N N 226 
MET CB  HB2  sing N N 227 
MET CB  HB3  sing N N 228 
MET CG  SD   sing N N 229 
MET CG  HG2  sing N N 230 
MET CG  HG3  sing N N 231 
MET SD  CE   sing N N 232 
MET CE  HE1  sing N N 233 
MET CE  HE2  sing N N 234 
MET CE  HE3  sing N N 235 
MET OXT HXT  sing N N 236 
PHE N   CA   sing N N 237 
PHE N   H    sing N N 238 
PHE N   H2   sing N N 239 
PHE CA  C    sing N N 240 
PHE CA  CB   sing N N 241 
PHE CA  HA   sing N N 242 
PHE C   O    doub N N 243 
PHE C   OXT  sing N N 244 
PHE CB  CG   sing N N 245 
PHE CB  HB2  sing N N 246 
PHE CB  HB3  sing N N 247 
PHE CG  CD1  doub Y N 248 
PHE CG  CD2  sing Y N 249 
PHE CD1 CE1  sing Y N 250 
PHE CD1 HD1  sing N N 251 
PHE CD2 CE2  doub Y N 252 
PHE CD2 HD2  sing N N 253 
PHE CE1 CZ   doub Y N 254 
PHE CE1 HE1  sing N N 255 
PHE CE2 CZ   sing Y N 256 
PHE CE2 HE2  sing N N 257 
PHE CZ  HZ   sing N N 258 
PHE OXT HXT  sing N N 259 
PRO N   CA   sing N N 260 
PRO N   CD   sing N N 261 
PRO N   H    sing N N 262 
PRO CA  C    sing N N 263 
PRO CA  CB   sing N N 264 
PRO CA  HA   sing N N 265 
PRO C   O    doub N N 266 
PRO C   OXT  sing N N 267 
PRO CB  CG   sing N N 268 
PRO CB  HB2  sing N N 269 
PRO CB  HB3  sing N N 270 
PRO CG  CD   sing N N 271 
PRO CG  HG2  sing N N 272 
PRO CG  HG3  sing N N 273 
PRO CD  HD2  sing N N 274 
PRO CD  HD3  sing N N 275 
PRO OXT HXT  sing N N 276 
SER N   CA   sing N N 277 
SER N   H    sing N N 278 
SER N   H2   sing N N 279 
SER CA  C    sing N N 280 
SER CA  CB   sing N N 281 
SER CA  HA   sing N N 282 
SER C   O    doub N N 283 
SER C   OXT  sing N N 284 
SER CB  OG   sing N N 285 
SER CB  HB2  sing N N 286 
SER CB  HB3  sing N N 287 
SER OG  HG   sing N N 288 
SER OXT HXT  sing N N 289 
THR N   CA   sing N N 290 
THR N   H    sing N N 291 
THR N   H2   sing N N 292 
THR CA  C    sing N N 293 
THR CA  CB   sing N N 294 
THR CA  HA   sing N N 295 
THR C   O    doub N N 296 
THR C   OXT  sing N N 297 
THR CB  OG1  sing N N 298 
THR CB  CG2  sing N N 299 
THR CB  HB   sing N N 300 
THR OG1 HG1  sing N N 301 
THR CG2 HG21 sing N N 302 
THR CG2 HG22 sing N N 303 
THR CG2 HG23 sing N N 304 
THR OXT HXT  sing N N 305 
TRP N   CA   sing N N 306 
TRP N   H    sing N N 307 
TRP N   H2   sing N N 308 
TRP CA  C    sing N N 309 
TRP CA  CB   sing N N 310 
TRP CA  HA   sing N N 311 
TRP C   O    doub N N 312 
TRP C   OXT  sing N N 313 
TRP CB  CG   sing N N 314 
TRP CB  HB2  sing N N 315 
TRP CB  HB3  sing N N 316 
TRP CG  CD1  doub Y N 317 
TRP CG  CD2  sing Y N 318 
TRP CD1 NE1  sing Y N 319 
TRP CD1 HD1  sing N N 320 
TRP CD2 CE2  doub Y N 321 
TRP CD2 CE3  sing Y N 322 
TRP NE1 CE2  sing Y N 323 
TRP NE1 HE1  sing N N 324 
TRP CE2 CZ2  sing Y N 325 
TRP CE3 CZ3  doub Y N 326 
TRP CE3 HE3  sing N N 327 
TRP CZ2 CH2  doub Y N 328 
TRP CZ2 HZ2  sing N N 329 
TRP CZ3 CH2  sing Y N 330 
TRP CZ3 HZ3  sing N N 331 
TRP CH2 HH2  sing N N 332 
TRP OXT HXT  sing N N 333 
TYR N   CA   sing N N 334 
TYR N   H    sing N N 335 
TYR N   H2   sing N N 336 
TYR CA  C    sing N N 337 
TYR CA  CB   sing N N 338 
TYR CA  HA   sing N N 339 
TYR C   O    doub N N 340 
TYR C   OXT  sing N N 341 
TYR CB  CG   sing N N 342 
TYR CB  HB2  sing N N 343 
TYR CB  HB3  sing N N 344 
TYR CG  CD1  doub Y N 345 
TYR CG  CD2  sing Y N 346 
TYR CD1 CE1  sing Y N 347 
TYR CD1 HD1  sing N N 348 
TYR CD2 CE2  doub Y N 349 
TYR CD2 HD2  sing N N 350 
TYR CE1 CZ   doub Y N 351 
TYR CE1 HE1  sing N N 352 
TYR CE2 CZ   sing Y N 353 
TYR CE2 HE2  sing N N 354 
TYR CZ  OH   sing N N 355 
TYR OH  HH   sing N N 356 
TYR OXT HXT  sing N N 357 
VAL N   CA   sing N N 358 
VAL N   H    sing N N 359 
VAL N   H2   sing N N 360 
VAL CA  C    sing N N 361 
VAL CA  CB   sing N N 362 
VAL CA  HA   sing N N 363 
VAL C   O    doub N N 364 
VAL C   OXT  sing N N 365 
VAL CB  CG1  sing N N 366 
VAL CB  CG2  sing N N 367 
VAL CB  HB   sing N N 368 
VAL CG1 HG11 sing N N 369 
VAL CG1 HG12 sing N N 370 
VAL CG1 HG13 sing N N 371 
VAL CG2 HG21 sing N N 372 
VAL CG2 HG22 sing N N 373 
VAL CG2 HG23 sing N N 374 
VAL OXT HXT  sing N N 375 
# 
_atom_sites.entry_id                    1R7L 
_atom_sites.fract_transf_matrix[1][1]   0.02489423 
_atom_sites.fract_transf_matrix[1][2]   -0.01025506 
_atom_sites.fract_transf_matrix[1][3]   -0.00343154 
_atom_sites.fract_transf_matrix[2][1]   -0.00246794 
_atom_sites.fract_transf_matrix[2][2]   -0.00974854 
_atom_sites.fract_transf_matrix[2][3]   0.01122946 
_atom_sites.fract_transf_matrix[3][1]   -0.00515727 
_atom_sites.fract_transf_matrix[3][2]   -0.01292548 
_atom_sites.fract_transf_matrix[3][3]   -0.01235433 
_atom_sites.fract_transf_vector[1]      0.507002 
_atom_sites.fract_transf_vector[2]      0.121354 
_atom_sites.fract_transf_vector[3]      0.229416 
# 
loop_
_atom_type.symbol 
C 
N 
O 
S 
# 
loop_
_atom_site.group_PDB 
_atom_site.id 
_atom_site.type_symbol 
_atom_site.label_atom_id 
_atom_site.label_alt_id 
_atom_site.label_comp_id 
_atom_site.label_asym_id 
_atom_site.label_entity_id 
_atom_site.label_seq_id 
_atom_site.pdbx_PDB_ins_code 
_atom_site.Cartn_x 
_atom_site.Cartn_y 
_atom_site.Cartn_z 
_atom_site.occupancy 
_atom_site.B_iso_or_equiv 
_atom_site.pdbx_formal_charge 
_atom_site.auth_seq_id 
_atom_site.auth_comp_id 
_atom_site.auth_asym_id 
_atom_site.auth_atom_id 
_atom_site.pdbx_PDB_model_num 
ATOM   1    N N   . LEU A 1 2   ? -5.815  -25.239 -22.786 1.00 32.54 ? -6  LEU A N   1 
ATOM   2    C CA  . LEU A 1 2   ? -6.673  -24.162 -23.381 1.00 34.01 ? -6  LEU A CA  1 
ATOM   3    C C   . LEU A 1 2   ? -6.847  -22.934 -22.491 1.00 34.69 ? -6  LEU A C   1 
ATOM   4    O O   . LEU A 1 2   ? -6.898  -23.038 -21.268 1.00 34.34 ? -6  LEU A O   1 
ATOM   5    C CB  . LEU A 1 2   ? -8.054  -24.717 -23.743 1.00 32.72 ? -6  LEU A CB  1 
ATOM   6    C CG  . LEU A 1 2   ? -8.126  -25.588 -25.000 1.00 32.68 ? -6  LEU A CG  1 
ATOM   7    C CD1 . LEU A 1 2   ? -9.564  -26.012 -25.225 1.00 32.63 ? -6  LEU A CD1 1 
ATOM   8    C CD2 . LEU A 1 2   ? -7.607  -24.813 -26.204 1.00 30.71 ? -6  LEU A CD2 1 
ATOM   9    N N   . TYR A 1 3   ? -6.957  -21.770 -23.118 1.00 35.65 ? -5  TYR A N   1 
ATOM   10   C CA  . TYR A 1 3   ? -7.107  -20.521 -22.382 1.00 38.30 ? -5  TYR A CA  1 
ATOM   11   C C   . TYR A 1 3   ? -8.030  -19.561 -23.106 1.00 39.20 ? -5  TYR A C   1 
ATOM   12   O O   . TYR A 1 3   ? -8.349  -19.750 -24.281 1.00 39.88 ? -5  TYR A O   1 
ATOM   13   C CB  . TYR A 1 3   ? -5.745  -19.845 -22.224 1.00 39.55 ? -5  TYR A CB  1 
ATOM   14   C CG  . TYR A 1 3   ? -4.714  -20.730 -21.583 1.00 41.40 ? -5  TYR A CG  1 
ATOM   15   C CD1 . TYR A 1 3   ? -4.532  -20.737 -20.200 1.00 41.62 ? -5  TYR A CD1 1 
ATOM   16   C CD2 . TYR A 1 3   ? -3.964  -21.611 -22.354 1.00 41.98 ? -5  TYR A CD2 1 
ATOM   17   C CE1 . TYR A 1 3   ? -3.627  -21.605 -19.602 1.00 41.51 ? -5  TYR A CE1 1 
ATOM   18   C CE2 . TYR A 1 3   ? -3.063  -22.484 -21.766 1.00 43.01 ? -5  TYR A CE2 1 
ATOM   19   C CZ  . TYR A 1 3   ? -2.899  -22.478 -20.390 1.00 42.50 ? -5  TYR A CZ  1 
ATOM   20   O OH  . TYR A 1 3   ? -2.015  -23.361 -19.817 1.00 43.51 ? -5  TYR A OH  1 
ATOM   21   N N   . PHE A 1 4   ? -8.453  -18.525 -22.390 1.00 39.39 ? -4  PHE A N   1 
ATOM   22   C CA  . PHE A 1 4   ? -9.300  -17.496 -22.971 1.00 40.41 ? -4  PHE A CA  1 
ATOM   23   C C   . PHE A 1 4   ? -9.019  -16.184 -22.253 1.00 41.96 ? -4  PHE A C   1 
ATOM   24   O O   . PHE A 1 4   ? -8.796  -16.158 -21.039 1.00 41.10 ? -4  PHE A O   1 
ATOM   25   C CB  . PHE A 1 4   ? -10.783 -17.885 -22.871 1.00 39.14 ? -4  PHE A CB  1 
ATOM   26   C CG  . PHE A 1 4   ? -11.396 -17.638 -21.534 1.00 37.29 ? -4  PHE A CG  1 
ATOM   27   C CD1 . PHE A 1 4   ? -11.901 -16.388 -21.212 1.00 37.03 ? -4  PHE A CD1 1 
ATOM   28   C CD2 . PHE A 1 4   ? -11.474 -18.653 -20.600 1.00 36.59 ? -4  PHE A CD2 1 
ATOM   29   C CE1 . PHE A 1 4   ? -12.475 -16.150 -19.980 1.00 38.04 ? -4  PHE A CE1 1 
ATOM   30   C CE2 . PHE A 1 4   ? -12.047 -18.426 -19.363 1.00 38.21 ? -4  PHE A CE2 1 
ATOM   31   C CZ  . PHE A 1 4   ? -12.549 -17.169 -19.050 1.00 38.66 ? -4  PHE A CZ  1 
ATOM   32   N N   . GLN A 1 5   ? -8.998  -15.096 -23.013 1.00 43.58 ? -3  GLN A N   1 
ATOM   33   C CA  . GLN A 1 5   ? -8.734  -13.789 -22.437 1.00 45.79 ? -3  GLN A CA  1 
ATOM   34   C C   . GLN A 1 5   ? -9.991  -13.296 -21.756 1.00 46.83 ? -3  GLN A C   1 
ATOM   35   O O   . GLN A 1 5   ? -11.032 -13.171 -22.388 1.00 46.70 ? -3  GLN A O   1 
ATOM   36   C CB  . GLN A 1 5   ? -8.299  -12.814 -23.524 1.00 46.86 ? -3  GLN A CB  1 
ATOM   37   C CG  . GLN A 1 5   ? -7.026  -13.238 -24.228 1.00 50.58 ? -3  GLN A CG  1 
ATOM   38   C CD  . GLN A 1 5   ? -5.902  -13.577 -23.254 1.00 53.42 ? -3  GLN A CD  1 
ATOM   39   O OE1 . GLN A 1 5   ? -5.588  -12.796 -22.350 1.00 55.05 ? -3  GLN A OE1 1 
ATOM   40   N NE2 . GLN A 1 5   ? -5.284  -14.745 -23.441 1.00 55.27 ? -3  GLN A NE2 1 
ATOM   41   N N   . SER A 1 6   ? -9.896  -13.023 -20.462 1.00 48.88 ? -2  SER A N   1 
ATOM   42   C CA  . SER A 1 6   ? -11.054 -12.567 -19.725 1.00 50.28 ? -2  SER A CA  1 
ATOM   43   C C   . SER A 1 6   ? -10.987 -11.087 -19.375 1.00 51.45 ? -2  SER A C   1 
ATOM   44   O O   . SER A 1 6   ? -9.964  -10.580 -18.915 1.00 50.28 ? -2  SER A O   1 
ATOM   45   C CB  . SER A 1 6   ? -11.230 -13.406 -18.460 1.00 51.23 ? -2  SER A CB  1 
ATOM   46   O OG  . SER A 1 6   ? -12.527 -13.227 -17.909 1.00 52.89 ? -2  SER A OG  1 
ATOM   47   N N   . ASN A 1 7   ? -12.107 -10.414 -19.614 1.00 53.60 ? -1  ASN A N   1 
ATOM   48   C CA  . ASN A 1 7   ? -12.284 -8.988  -19.356 1.00 55.75 ? -1  ASN A CA  1 
ATOM   49   C C   . ASN A 1 7   ? -12.272 -8.711  -17.855 1.00 55.97 ? -1  ASN A C   1 
ATOM   50   O O   . ASN A 1 7   ? -11.878 -7.634  -17.409 1.00 56.72 ? -1  ASN A O   1 
ATOM   51   C CB  . ASN A 1 7   ? -13.618 -8.542  -19.977 1.00 57.84 ? -1  ASN A CB  1 
ATOM   52   C CG  . ASN A 1 7   ? -14.005 -7.132  -19.597 1.00 59.14 ? -1  ASN A CG  1 
ATOM   53   O OD1 . ASN A 1 7   ? -14.240 -6.839  -18.428 1.00 60.62 ? -1  ASN A OD1 1 
ATOM   54   N ND2 . ASN A 1 7   ? -14.083 -6.248  -20.590 1.00 60.23 ? -1  ASN A ND2 1 
ATOM   55   N N   . ALA A 1 8   ? -12.715 -9.697  -17.083 1.00 55.59 ? 0   ALA A N   1 
ATOM   56   C CA  . ALA A 1 8   ? -12.758 -9.589  -15.635 1.00 55.59 ? 0   ALA A CA  1 
ATOM   57   C C   . ALA A 1 8   ? -12.860 -10.984 -15.029 1.00 55.10 ? 0   ALA A C   1 
ATOM   58   O O   . ALA A 1 8   ? -13.823 -11.710 -15.269 1.00 56.23 ? 0   ALA A O   1 
ATOM   59   C CB  . ALA A 1 8   ? -13.945 -8.738  -15.204 1.00 55.83 ? 0   ALA A CB  1 
ATOM   60   N N   . MET A 1 9   ? -11.856 -11.354 -14.246 1.00 54.22 ? 1   MET A N   1 
ATOM   61   C CA  . MET A 1 9   ? -11.834 -12.663 -13.612 1.00 52.29 ? 1   MET A CA  1 
ATOM   62   C C   . MET A 1 9   ? -12.071 -12.565 -12.116 1.00 49.04 ? 1   MET A C   1 
ATOM   63   O O   . MET A 1 9   ? -11.782 -11.541 -11.494 1.00 47.22 ? 1   MET A O   1 
ATOM   64   C CB  . MET A 1 9   ? -10.497 -13.337 -13.875 1.00 55.65 ? 1   MET A CB  1 
ATOM   65   C CG  . MET A 1 9   ? -10.173 -13.438 -15.339 1.00 60.18 ? 1   MET A CG  1 
ATOM   66   S SD  . MET A 1 9   ? -8.540  -14.082 -15.573 1.00 67.01 ? 1   MET A SD  1 
ATOM   67   C CE  . MET A 1 9   ? -8.818  -15.806 -15.167 1.00 66.87 ? 1   MET A CE  1 
ATOM   68   N N   . LYS A 1 10  ? -12.598 -13.642 -11.547 1.00 46.15 ? 2   LYS A N   1 
ATOM   69   C CA  . LYS A 1 10  ? -12.881 -13.685 -10.124 1.00 44.34 ? 2   LYS A CA  1 
ATOM   70   C C   . LYS A 1 10  ? -11.569 -13.667 -9.334  1.00 42.47 ? 2   LYS A C   1 
ATOM   71   O O   . LYS A 1 10  ? -10.565 -14.241 -9.766  1.00 41.98 ? 2   LYS A O   1 
ATOM   72   C CB  . LYS A 1 10  ? -13.716 -14.932 -9.811  1.00 44.66 ? 2   LYS A CB  1 
ATOM   73   C CG  . LYS A 1 10  ? -15.055 -14.924 -10.540 1.00 46.90 ? 2   LYS A CG  1 
ATOM   74   C CD  . LYS A 1 10  ? -16.016 -16.017 -10.091 1.00 49.84 ? 2   LYS A CD  1 
ATOM   75   C CE  . LYS A 1 10  ? -15.580 -17.401 -10.546 1.00 52.16 ? 2   LYS A CE  1 
ATOM   76   N NZ  . LYS A 1 10  ? -14.327 -17.844 -9.876  1.00 54.23 ? 2   LYS A NZ  1 
ATOM   77   N N   . PRO A 1 11  ? -11.552 -12.985 -8.174  1.00 40.01 ? 3   PRO A N   1 
ATOM   78   C CA  . PRO A 1 11  ? -10.328 -12.922 -7.371  1.00 37.94 ? 3   PRO A CA  1 
ATOM   79   C C   . PRO A 1 11  ? -9.648  -14.268 -7.136  1.00 37.32 ? 3   PRO A C   1 
ATOM   80   O O   . PRO A 1 11  ? -8.431  -14.376 -7.268  1.00 35.14 ? 3   PRO A O   1 
ATOM   81   C CB  . PRO A 1 11  ? -10.790 -12.234 -6.081  1.00 37.77 ? 3   PRO A CB  1 
ATOM   82   C CG  . PRO A 1 11  ? -12.287 -12.420 -6.070  1.00 39.17 ? 3   PRO A CG  1 
ATOM   83   C CD  . PRO A 1 11  ? -12.654 -12.268 -7.510  1.00 39.39 ? 3   PRO A CD  1 
ATOM   84   N N   . ARG A 1 12  ? -10.431 -15.293 -6.799  1.00 37.32 ? 4   ARG A N   1 
ATOM   85   C CA  . ARG A 1 12  ? -9.885  -16.625 -6.560  1.00 37.57 ? 4   ARG A CA  1 
ATOM   86   C C   . ARG A 1 12  ? -9.025  -17.081 -7.739  1.00 36.49 ? 4   ARG A C   1 
ATOM   87   O O   . ARG A 1 12  ? -7.956  -17.658 -7.545  1.00 35.97 ? 4   ARG A O   1 
ATOM   88   C CB  . ARG A 1 12  ? -11.023 -17.627 -6.315  1.00 41.02 ? 4   ARG A CB  1 
ATOM   89   C CG  . ARG A 1 12  ? -12.110 -17.633 -7.400  1.00 46.65 ? 4   ARG A CG  1 
ATOM   90   C CD  . ARG A 1 12  ? -13.435 -18.249 -6.901  1.00 51.38 ? 4   ARG A CD  1 
ATOM   91   N NE  . ARG A 1 12  ? -13.391 -19.707 -6.803  1.00 55.24 ? 4   ARG A NE  1 
ATOM   92   C CZ  . ARG A 1 12  ? -13.415 -20.534 -7.850  1.00 58.18 ? 4   ARG A CZ  1 
ATOM   93   N NH1 . ARG A 1 12  ? -13.488 -20.049 -9.086  1.00 57.22 ? 4   ARG A NH1 1 
ATOM   94   N NH2 . ARG A 1 12  ? -13.355 -21.850 -7.664  1.00 58.23 ? 4   ARG A NH2 1 
ATOM   95   N N   . ASP A 1 13  ? -9.489  -16.812 -8.959  1.00 34.24 ? 5   ASP A N   1 
ATOM   96   C CA  . ASP A 1 13  ? -8.761  -17.191 -10.171 1.00 32.40 ? 5   ASP A CA  1 
ATOM   97   C C   . ASP A 1 13  ? -7.516  -16.334 -10.400 1.00 29.18 ? 5   ASP A C   1 
ATOM   98   O O   . ASP A 1 13  ? -6.493  -16.822 -10.868 1.00 27.62 ? 5   ASP A O   1 
ATOM   99   C CB  . ASP A 1 13  ? -9.672  -17.090 -11.390 1.00 35.52 ? 5   ASP A CB  1 
ATOM   100  C CG  . ASP A 1 13  ? -10.844 -18.048 -11.317 1.00 40.78 ? 5   ASP A CG  1 
ATOM   101  O OD1 . ASP A 1 13  ? -10.632 -19.229 -10.939 1.00 42.34 ? 5   ASP A OD1 1 
ATOM   102  O OD2 . ASP A 1 13  ? -11.972 -17.620 -11.651 1.00 42.96 ? 5   ASP A OD2 1 
ATOM   103  N N   . ILE A 1 14  ? -7.619  -15.052 -10.080 1.00 25.56 ? 6   ILE A N   1 
ATOM   104  C CA  . ILE A 1 14  ? -6.496  -14.150 -10.222 1.00 22.79 ? 6   ILE A CA  1 
ATOM   105  C C   . ILE A 1 14  ? -5.405  -14.526 -9.220  1.00 21.22 ? 6   ILE A C   1 
ATOM   106  O O   . ILE A 1 14  ? -4.213  -14.468 -9.541  1.00 19.81 ? 6   ILE A O   1 
ATOM   107  C CB  . ILE A 1 14  ? -6.942  -12.717 -9.979  1.00 23.46 ? 6   ILE A CB  1 
ATOM   108  C CG1 . ILE A 1 14  ? -7.944  -12.329 -11.067 1.00 24.21 ? 6   ILE A CG1 1 
ATOM   109  C CG2 . ILE A 1 14  ? -5.733  -11.787 -9.949  1.00 21.77 ? 6   ILE A CG2 1 
ATOM   110  C CD1 . ILE A 1 14  ? -8.674  -11.056 -10.796 1.00 29.15 ? 6   ILE A CD1 1 
ATOM   111  N N   . ASN A 1 15  ? -5.814  -14.924 -8.014  1.00 19.99 ? 7   ASN A N   1 
ATOM   112  C CA  . ASN A 1 15  ? -4.855  -15.313 -6.979  1.00 18.96 ? 7   ASN A CA  1 
ATOM   113  C C   . ASN A 1 15  ? -4.037  -16.513 -7.452  1.00 19.45 ? 7   ASN A C   1 
ATOM   114  O O   . ASN A 1 15  ? -2.862  -16.634 -7.120  1.00 20.40 ? 7   ASN A O   1 
ATOM   115  C CB  . ASN A 1 15  ? -5.559  -15.665 -5.657  1.00 17.46 ? 7   ASN A CB  1 
ATOM   116  C CG  . ASN A 1 15  ? -6.388  -14.515 -5.101  1.00 15.97 ? 7   ASN A CG  1 
ATOM   117  O OD1 . ASN A 1 15  ? -6.102  -13.349 -5.351  1.00 15.56 ? 7   ASN A OD1 1 
ATOM   118  N ND2 . ASN A 1 15  ? -7.414  -14.846 -4.326  1.00 14.98 ? 7   ASN A ND2 1 
ATOM   119  N N   . LYS A 1 16  ? -4.649  -17.407 -8.226  1.00 20.19 ? 8   LYS A N   1 
ATOM   120  C CA  . LYS A 1 16  ? -3.917  -18.559 -8.733  1.00 20.78 ? 8   LYS A CA  1 
ATOM   121  C C   . LYS A 1 16  ? -2.903  -18.130 -9.796  1.00 19.56 ? 8   LYS A C   1 
ATOM   122  O O   . LYS A 1 16  ? -1.754  -18.565 -9.779  1.00 19.66 ? 8   LYS A O   1 
ATOM   123  C CB  . LYS A 1 16  ? -4.876  -19.592 -9.310  1.00 24.15 ? 8   LYS A CB  1 
ATOM   124  C CG  . LYS A 1 16  ? -5.755  -20.223 -8.260  1.00 28.23 ? 8   LYS A CG  1 
ATOM   125  C CD  . LYS A 1 16  ? -6.335  -21.534 -8.755  1.00 33.76 ? 8   LYS A CD  1 
ATOM   126  C CE  . LYS A 1 16  ? -7.178  -21.352 -10.000 1.00 36.75 ? 8   LYS A CE  1 
ATOM   127  N NZ  . LYS A 1 16  ? -7.549  -22.676 -10.598 1.00 40.82 ? 8   LYS A NZ  1 
ATOM   128  N N   . LEU A 1 17  ? -3.335  -17.280 -10.721 1.00 18.91 ? 9   LEU A N   1 
ATOM   129  C CA  . LEU A 1 17  ? -2.451  -16.770 -11.763 1.00 19.57 ? 9   LEU A CA  1 
ATOM   130  C C   . LEU A 1 17  ? -1.262  -16.034 -11.117 1.00 20.41 ? 9   LEU A C   1 
ATOM   131  O O   . LEU A 1 17  ? -0.118  -16.182 -11.561 1.00 21.22 ? 9   LEU A O   1 
ATOM   132  C CB  . LEU A 1 17  ? -3.224  -15.823 -12.683 1.00 18.80 ? 9   LEU A CB  1 
ATOM   133  C CG  . LEU A 1 17  ? -4.311  -16.442 -13.572 1.00 16.86 ? 9   LEU A CG  1 
ATOM   134  C CD1 . LEU A 1 17  ? -5.166  -15.338 -14.169 1.00 14.53 ? 9   LEU A CD1 1 
ATOM   135  C CD2 . LEU A 1 17  ? -3.659  -17.273 -14.683 1.00 17.74 ? 9   LEU A CD2 1 
ATOM   136  N N   . ILE A 1 18  ? -1.528  -15.243 -10.075 1.00 18.58 ? 10  ILE A N   1 
ATOM   137  C CA  . ILE A 1 18  ? -0.455  -14.527 -9.377  1.00 18.63 ? 10  ILE A CA  1 
ATOM   138  C C   . ILE A 1 18  ? 0.505   -15.522 -8.722  1.00 18.90 ? 10  ILE A C   1 
ATOM   139  O O   . ILE A 1 18  ? 1.727   -15.399 -8.828  1.00 18.82 ? 10  ILE A O   1 
ATOM   140  C CB  . ILE A 1 18  ? -1.011  -13.593 -8.275  1.00 16.70 ? 10  ILE A CB  1 
ATOM   141  C CG1 . ILE A 1 18  ? -1.702  -12.392 -8.922  1.00 15.52 ? 10  ILE A CG1 1 
ATOM   142  C CG2 . ILE A 1 18  ? 0.120   -13.128 -7.356  1.00 15.13 ? 10  ILE A CG2 1 
ATOM   143  C CD1 . ILE A 1 18  ? -0.755  -11.478 -9.702  1.00 14.82 ? 10  ILE A CD1 1 
ATOM   144  N N   . ALA A 1 19  ? -0.065  -16.511 -8.047  1.00 20.00 ? 11  ALA A N   1 
ATOM   145  C CA  . ALA A 1 19  ? 0.717   -17.531 -7.366  1.00 19.91 ? 11  ALA A CA  1 
ATOM   146  C C   . ALA A 1 19  ? 1.700   -18.186 -8.324  1.00 20.14 ? 11  ALA A C   1 
ATOM   147  O O   . ALA A 1 19  ? 2.881   -18.310 -8.019  1.00 20.62 ? 11  ALA A O   1 
ATOM   148  C CB  . ALA A 1 19  ? -0.209  -18.587 -6.758  1.00 17.22 ? 11  ALA A CB  1 
ATOM   149  N N   . SER A 1 20  ? 1.222   -18.586 -9.495  1.00 21.08 ? 12  SER A N   1 
ATOM   150  C CA  . SER A 1 20  ? 2.101   -19.256 -10.439 1.00 23.50 ? 12  SER A CA  1 
ATOM   151  C C   . SER A 1 20  ? 2.922   -18.335 -11.333 1.00 24.15 ? 12  SER A C   1 
ATOM   152  O O   . SER A 1 20  ? 4.125   -18.540 -11.484 1.00 24.62 ? 12  SER A O   1 
ATOM   153  C CB  . SER A 1 20  ? 1.307   -20.231 -11.306 1.00 22.66 ? 12  SER A CB  1 
ATOM   154  O OG  . SER A 1 20  ? 0.345   -19.541 -12.072 1.00 26.91 ? 12  SER A OG  1 
ATOM   155  N N   . LYS A 1 21  ? 2.291   -17.321 -11.918 1.00 23.68 ? 13  LYS A N   1 
ATOM   156  C CA  . LYS A 1 21  ? 3.008   -16.424 -12.811 1.00 22.61 ? 13  LYS A CA  1 
ATOM   157  C C   . LYS A 1 21  ? 3.955   -15.432 -12.147 1.00 22.20 ? 13  LYS A C   1 
ATOM   158  O O   . LYS A 1 21  ? 4.987   -15.081 -12.719 1.00 23.27 ? 13  LYS A O   1 
ATOM   159  C CB  . LYS A 1 21  ? 2.025   -15.665 -13.693 1.00 24.45 ? 13  LYS A CB  1 
ATOM   160  C CG  . LYS A 1 21  ? 1.201   -16.552 -14.606 1.00 26.31 ? 13  LYS A CG  1 
ATOM   161  C CD  . LYS A 1 21  ? 0.384   -15.717 -15.592 1.00 27.52 ? 13  LYS A CD  1 
ATOM   162  C CE  . LYS A 1 21  ? -0.533  -16.599 -16.426 1.00 28.83 ? 13  LYS A CE  1 
ATOM   163  N NZ  . LYS A 1 21  ? -1.257  -15.848 -17.492 1.00 31.37 ? 13  LYS A NZ  1 
ATOM   164  N N   . ILE A 1 22  ? 3.624   -14.978 -10.947 1.00 20.26 ? 14  ILE A N   1 
ATOM   165  C CA  . ILE A 1 22  ? 4.475   -14.012 -10.267 1.00 19.13 ? 14  ILE A CA  1 
ATOM   166  C C   . ILE A 1 22  ? 5.414   -14.663 -9.264  1.00 20.44 ? 14  ILE A C   1 
ATOM   167  O O   . ILE A 1 22  ? 6.569   -14.260 -9.134  1.00 19.93 ? 14  ILE A O   1 
ATOM   168  C CB  . ILE A 1 22  ? 3.627   -12.937 -9.535  1.00 18.38 ? 14  ILE A CB  1 
ATOM   169  C CG1 . ILE A 1 22  ? 2.727   -12.218 -10.536 1.00 18.03 ? 14  ILE A CG1 1 
ATOM   170  C CG2 . ILE A 1 22  ? 4.530   -11.932 -8.833  1.00 18.96 ? 14  ILE A CG2 1 
ATOM   171  C CD1 . ILE A 1 22  ? 3.478   -11.551 -11.673 1.00 17.38 ? 14  ILE A CD1 1 
ATOM   172  N N   . PHE A 1 23  ? 4.920   -15.669 -8.548  1.00 21.29 ? 15  PHE A N   1 
ATOM   173  C CA  . PHE A 1 23  ? 5.744   -16.338 -7.551  1.00 22.48 ? 15  PHE A CA  1 
ATOM   174  C C   . PHE A 1 23  ? 6.252   -17.712 -8.000  1.00 23.89 ? 15  PHE A C   1 
ATOM   175  O O   . PHE A 1 23  ? 6.940   -18.401 -7.247  1.00 26.26 ? 15  PHE A O   1 
ATOM   176  C CB  . PHE A 1 23  ? 4.968   -16.449 -6.237  1.00 20.42 ? 15  PHE A CB  1 
ATOM   177  C CG  . PHE A 1 23  ? 4.682   -15.120 -5.591  1.00 19.34 ? 15  PHE A CG  1 
ATOM   178  C CD1 . PHE A 1 23  ? 5.641   -14.493 -4.803  1.00 20.38 ? 15  PHE A CD1 1 
ATOM   179  C CD2 . PHE A 1 23  ? 3.455   -14.493 -5.776  1.00 20.10 ? 15  PHE A CD2 1 
ATOM   180  C CE1 . PHE A 1 23  ? 5.379   -13.257 -4.201  1.00 22.29 ? 15  PHE A CE1 1 
ATOM   181  C CE2 . PHE A 1 23  ? 3.180   -13.250 -5.178  1.00 20.03 ? 15  PHE A CE2 1 
ATOM   182  C CZ  . PHE A 1 23  ? 4.141   -12.634 -4.390  1.00 20.39 ? 15  PHE A CZ  1 
ATOM   183  N N   . GLY A 1 24  ? 5.914   -18.102 -9.225  1.00 24.32 ? 16  GLY A N   1 
ATOM   184  C CA  . GLY A 1 24  ? 6.364   -19.379 -9.749  1.00 24.51 ? 16  GLY A CA  1 
ATOM   185  C C   . GLY A 1 24  ? 5.960   -20.643 -9.007  1.00 26.51 ? 16  GLY A C   1 
ATOM   186  O O   . GLY A 1 24  ? 6.615   -21.672 -9.169  1.00 26.73 ? 16  GLY A O   1 
ATOM   187  N N   . TYR A 1 25  ? 4.901   -20.592 -8.202  1.00 26.74 ? 17  TYR A N   1 
ATOM   188  C CA  . TYR A 1 25  ? 4.446   -21.781 -7.476  1.00 27.89 ? 17  TYR A CA  1 
ATOM   189  C C   . TYR A 1 25  ? 3.687   -22.740 -8.383  1.00 28.69 ? 17  TYR A C   1 
ATOM   190  O O   . TYR A 1 25  ? 3.043   -22.328 -9.352  1.00 27.90 ? 17  TYR A O   1 
ATOM   191  C CB  . TYR A 1 25  ? 3.497   -21.420 -6.335  1.00 28.23 ? 17  TYR A CB  1 
ATOM   192  C CG  . TYR A 1 25  ? 4.086   -20.630 -5.207  1.00 30.43 ? 17  TYR A CG  1 
ATOM   193  C CD1 . TYR A 1 25  ? 5.221   -21.074 -4.534  1.00 33.15 ? 17  TYR A CD1 1 
ATOM   194  C CD2 . TYR A 1 25  ? 3.480   -19.455 -4.780  1.00 30.64 ? 17  TYR A CD2 1 
ATOM   195  C CE1 . TYR A 1 25  ? 5.736   -20.360 -3.453  1.00 35.07 ? 17  TYR A CE1 1 
ATOM   196  C CE2 . TYR A 1 25  ? 3.984   -18.737 -3.709  1.00 33.17 ? 17  TYR A CE2 1 
ATOM   197  C CZ  . TYR A 1 25  ? 5.111   -19.192 -3.050  1.00 35.02 ? 17  TYR A CZ  1 
ATOM   198  O OH  . TYR A 1 25  ? 5.613   -18.464 -2.000  1.00 38.64 ? 17  TYR A OH  1 
ATOM   199  N N   . GLU A 1 26  ? 3.749   -24.022 -8.052  1.00 30.75 ? 18  GLU A N   1 
ATOM   200  C CA  . GLU A 1 26  ? 3.034   -25.033 -8.814  1.00 34.15 ? 18  GLU A CA  1 
ATOM   201  C C   . GLU A 1 26  ? 1.645   -25.091 -8.195  1.00 34.57 ? 18  GLU A C   1 
ATOM   202  O O   . GLU A 1 26  ? 1.512   -25.179 -6.972  1.00 34.28 ? 18  GLU A O   1 
ATOM   203  C CB  . GLU A 1 26  ? 3.702   -26.398 -8.664  1.00 38.81 ? 18  GLU A CB  1 
ATOM   204  C CG  . GLU A 1 26  ? 3.367   -27.363 -9.792  1.00 48.05 ? 18  GLU A CG  1 
ATOM   205  C CD  . GLU A 1 26  ? 3.577   -28.825 -9.409  1.00 53.59 ? 18  GLU A CD  1 
ATOM   206  O OE1 . GLU A 1 26  ? 4.663   -29.162 -8.878  1.00 56.80 ? 18  GLU A OE1 1 
ATOM   207  O OE2 . GLU A 1 26  ? 2.650   -29.638 -9.649  1.00 56.18 ? 18  GLU A OE2 1 
ATOM   208  N N   . ILE A 1 27  ? 0.614   -25.018 -9.027  1.00 35.47 ? 19  ILE A N   1 
ATOM   209  C CA  . ILE A 1 27  ? -0.756  -25.078 -8.535  1.00 37.88 ? 19  ILE A CA  1 
ATOM   210  C C   . ILE A 1 27  ? -1.347  -26.437 -8.939  1.00 40.29 ? 19  ILE A C   1 
ATOM   211  O O   . ILE A 1 27  ? -1.078  -26.948 -10.030 1.00 40.56 ? 19  ILE A O   1 
ATOM   212  C CB  . ILE A 1 27  ? -1.640  -23.938 -9.140  1.00 37.05 ? 19  ILE A CB  1 
ATOM   213  C CG1 . ILE A 1 27  ? -1.025  -22.562 -8.870  1.00 35.53 ? 19  ILE A CG1 1 
ATOM   214  C CG2 . ILE A 1 27  ? -3.032  -23.986 -8.527  1.00 37.97 ? 19  ILE A CG2 1 
ATOM   215  C CD1 . ILE A 1 27  ? -0.980  -22.186 -7.410  1.00 32.97 ? 19  ILE A CD1 1 
ATOM   216  N N   . LYS A 1 28  ? -2.141  -27.026 -8.053  1.00 42.54 ? 20  LYS A N   1 
ATOM   217  C CA  . LYS A 1 28  ? -2.771  -28.316 -8.325  1.00 45.00 ? 20  LYS A CA  1 
ATOM   218  C C   . LYS A 1 28  ? -4.095  -28.342 -7.586  1.00 45.59 ? 20  LYS A C   1 
ATOM   219  O O   . LYS A 1 28  ? -4.120  -28.313 -6.357  1.00 45.23 ? 20  LYS A O   1 
ATOM   220  C CB  . LYS A 1 28  ? -1.886  -29.466 -7.833  1.00 46.78 ? 20  LYS A CB  1 
ATOM   221  C CG  . LYS A 1 28  ? -2.436  -30.872 -8.124  1.00 49.51 ? 20  LYS A CG  1 
ATOM   222  C CD  . LYS A 1 28  ? -1.493  -31.966 -7.593  1.00 51.87 ? 20  LYS A CD  1 
ATOM   223  C CE  . LYS A 1 28  ? -1.954  -33.377 -7.969  1.00 51.96 ? 20  LYS A CE  1 
ATOM   224  N NZ  . LYS A 1 28  ? -3.291  -33.716 -7.404  1.00 54.11 ? 20  LYS A NZ  1 
ATOM   225  N N   . ASP A 1 29  ? -5.192  -28.394 -8.334  1.00 47.33 ? 21  ASP A N   1 
ATOM   226  C CA  . ASP A 1 29  ? -6.527  -28.411 -7.740  1.00 48.71 ? 21  ASP A CA  1 
ATOM   227  C C   . ASP A 1 29  ? -6.724  -27.186 -6.857  1.00 47.32 ? 21  ASP A C   1 
ATOM   228  O O   . ASP A 1 29  ? -7.365  -27.263 -5.809  1.00 47.44 ? 21  ASP A O   1 
ATOM   229  C CB  . ASP A 1 29  ? -6.749  -29.680 -6.900  1.00 52.71 ? 21  ASP A CB  1 
ATOM   230  C CG  . ASP A 1 29  ? -6.960  -30.925 -7.751  1.00 56.97 ? 21  ASP A CG  1 
ATOM   231  O OD1 . ASP A 1 29  ? -5.982  -31.402 -8.375  1.00 58.37 ? 21  ASP A OD1 1 
ATOM   232  O OD2 . ASP A 1 29  ? -8.112  -31.426 -7.793  1.00 59.78 ? 21  ASP A OD2 1 
ATOM   233  N N   . ASP A 1 30  ? -6.141  -26.069 -7.275  1.00 45.57 ? 22  ASP A N   1 
ATOM   234  C CA  . ASP A 1 30  ? -6.269  -24.808 -6.558  1.00 44.91 ? 22  ASP A CA  1 
ATOM   235  C C   . ASP A 1 30  ? -5.526  -24.682 -5.226  1.00 43.82 ? 22  ASP A C   1 
ATOM   236  O O   . ASP A 1 30  ? -5.943  -23.937 -4.341  1.00 43.64 ? 22  ASP A O   1 
ATOM   237  C CB  . ASP A 1 30  ? -7.752  -24.493 -6.373  1.00 47.42 ? 22  ASP A CB  1 
ATOM   238  C CG  . ASP A 1 30  ? -8.543  -24.673 -7.663  1.00 50.84 ? 22  ASP A CG  1 
ATOM   239  O OD1 . ASP A 1 30  ? -8.075  -24.191 -8.715  1.00 52.35 ? 22  ASP A OD1 1 
ATOM   240  O OD2 . ASP A 1 30  ? -9.630  -25.294 -7.631  1.00 52.48 ? 22  ASP A OD2 1 
ATOM   241  N N   . ASN A 1 31  ? -4.432  -25.419 -5.083  1.00 42.39 ? 23  ASN A N   1 
ATOM   242  C CA  . ASN A 1 31  ? -3.593  -25.339 -3.890  1.00 40.12 ? 23  ASN A CA  1 
ATOM   243  C C   . ASN A 1 31  ? -2.189  -25.133 -4.413  1.00 38.32 ? 23  ASN A C   1 
ATOM   244  O O   . ASN A 1 31  ? -1.902  -25.427 -5.575  1.00 37.58 ? 23  ASN A O   1 
ATOM   245  C CB  . ASN A 1 31  ? -3.577  -26.641 -3.086  1.00 40.82 ? 23  ASN A CB  1 
ATOM   246  C CG  . ASN A 1 31  ? -4.931  -27.033 -2.581  1.00 43.77 ? 23  ASN A CG  1 
ATOM   247  O OD1 . ASN A 1 31  ? -5.696  -26.197 -2.094  1.00 46.36 ? 23  ASN A OD1 1 
ATOM   248  N ND2 . ASN A 1 31  ? -5.238  -28.322 -2.673  1.00 44.81 ? 23  ASN A ND2 1 
ATOM   249  N N   . ILE A 1 32  ? -1.311  -24.618 -3.569  1.00 35.82 ? 24  ILE A N   1 
ATOM   250  C CA  . ILE A 1 32  ? 0.066   -24.457 -3.978  1.00 34.74 ? 24  ILE A CA  1 
ATOM   251  C C   . ILE A 1 32  ? 0.669   -25.755 -3.500  1.00 36.36 ? 24  ILE A C   1 
ATOM   252  O O   . ILE A 1 32  ? 0.376   -26.190 -2.386  1.00 36.15 ? 24  ILE A O   1 
ATOM   253  C CB  . ILE A 1 32  ? 0.763   -23.301 -3.237  1.00 33.66 ? 24  ILE A CB  1 
ATOM   254  C CG1 . ILE A 1 32  ? 0.305   -21.959 -3.815  1.00 31.08 ? 24  ILE A CG1 1 
ATOM   255  C CG2 . ILE A 1 32  ? 2.284   -23.470 -3.320  1.00 31.65 ? 24  ILE A CG2 1 
ATOM   256  C CD1 . ILE A 1 32  ? 0.624   -20.770 -2.939  1.00 28.87 ? 24  ILE A CD1 1 
ATOM   257  N N   . ILE A 1 33  ? 1.478   -26.393 -4.335  1.00 37.31 ? 25  ILE A N   1 
ATOM   258  C CA  . ILE A 1 33  ? 2.128   -27.627 -3.922  1.00 39.71 ? 25  ILE A CA  1 
ATOM   259  C C   . ILE A 1 33  ? 3.634   -27.475 -4.074  1.00 40.87 ? 25  ILE A C   1 
ATOM   260  O O   . ILE A 1 33  ? 4.153   -27.297 -5.178  1.00 40.75 ? 25  ILE A O   1 
ATOM   261  C CB  . ILE A 1 33  ? 1.634   -28.845 -4.732  1.00 39.84 ? 25  ILE A CB  1 
ATOM   262  C CG1 . ILE A 1 33  ? 1.805   -28.592 -6.220  1.00 41.38 ? 25  ILE A CG1 1 
ATOM   263  C CG2 . ILE A 1 33  ? 0.167   -29.106 -4.436  1.00 40.32 ? 25  ILE A CG2 1 
ATOM   264  C CD1 . ILE A 1 33  ? 1.341   -29.752 -7.078  1.00 45.21 ? 25  ILE A CD1 1 
ATOM   265  N N   . LYS A 1 34  ? 4.329   -27.521 -2.944  1.00 42.50 ? 26  LYS A N   1 
ATOM   266  C CA  . LYS A 1 34  ? 5.774   -27.388 -2.929  1.00 44.49 ? 26  LYS A CA  1 
ATOM   267  C C   . LYS A 1 34  ? 6.446   -28.740 -3.008  1.00 45.74 ? 26  LYS A C   1 
ATOM   268  O O   . LYS A 1 34  ? 5.983   -29.707 -2.404  1.00 46.51 ? 26  LYS A O   1 
ATOM   269  C CB  . LYS A 1 34  ? 6.227   -26.700 -1.648  1.00 45.46 ? 26  LYS A CB  1 
ATOM   270  C CG  . LYS A 1 34  ? 5.773   -25.266 -1.521  1.00 48.36 ? 26  LYS A CG  1 
ATOM   271  C CD  . LYS A 1 34  ? 6.422   -24.620 -0.310  1.00 50.80 ? 26  LYS A CD  1 
ATOM   272  C CE  . LYS A 1 34  ? 6.031   -23.152 -0.198  1.00 53.28 ? 26  LYS A CE  1 
ATOM   273  N NZ  . LYS A 1 34  ? 6.427   -22.360 -1.405  1.00 55.16 ? 26  LYS A NZ  1 
ATOM   274  N N   . ASP A 1 35  ? 7.545   -28.803 -3.754  1.00 47.24 ? 27  ASP A N   1 
ATOM   275  C CA  . ASP A 1 35  ? 8.313   -30.037 -3.890  1.00 47.64 ? 27  ASP A CA  1 
ATOM   276  C C   . ASP A 1 35  ? 7.441   -31.205 -4.333  1.00 47.25 ? 27  ASP A C   1 
ATOM   277  O O   . ASP A 1 35  ? 7.733   -32.356 -4.025  1.00 47.87 ? 27  ASP A O   1 
ATOM   278  C CB  . ASP A 1 35  ? 8.995   -30.368 -2.555  1.00 48.82 ? 27  ASP A CB  1 
ATOM   279  C CG  . ASP A 1 35  ? 9.928   -29.253 -2.075  1.00 51.58 ? 27  ASP A CG  1 
ATOM   280  O OD1 . ASP A 1 35  ? 11.020  -29.097 -2.672  1.00 53.53 ? 27  ASP A OD1 1 
ATOM   281  O OD2 . ASP A 1 35  ? 9.567   -28.530 -1.109  1.00 49.43 ? 27  ASP A OD2 1 
ATOM   282  N N   . GLY A 1 36  ? 6.359   -30.897 -5.042  1.00 47.13 ? 28  GLY A N   1 
ATOM   283  C CA  . GLY A 1 36  ? 5.460   -31.928 -5.542  1.00 45.64 ? 28  GLY A CA  1 
ATOM   284  C C   . GLY A 1 36  ? 4.677   -32.787 -4.558  1.00 44.83 ? 28  GLY A C   1 
ATOM   285  O O   . GLY A 1 36  ? 4.087   -33.790 -4.969  1.00 43.81 ? 28  GLY A O   1 
ATOM   286  N N   . ARG A 1 37  ? 4.645   -32.413 -3.280  1.00 44.29 ? 29  ARG A N   1 
ATOM   287  C CA  . ARG A 1 37  ? 3.914   -33.207 -2.290  1.00 44.19 ? 29  ARG A CA  1 
ATOM   288  C C   . ARG A 1 37  ? 3.305   -32.438 -1.115  1.00 40.57 ? 29  ARG A C   1 
ATOM   289  O O   . ARG A 1 37  ? 2.383   -32.926 -0.467  1.00 39.83 ? 29  ARG A O   1 
ATOM   290  C CB  . ARG A 1 37  ? 4.819   -34.327 -1.751  1.00 48.41 ? 29  ARG A CB  1 
ATOM   291  C CG  . ARG A 1 37  ? 4.821   -35.622 -2.594  1.00 55.44 ? 29  ARG A CG  1 
ATOM   292  C CD  . ARG A 1 37  ? 3.583   -36.497 -2.317  1.00 60.40 ? 29  ARG A CD  1 
ATOM   293  N NE  . ARG A 1 37  ? 3.530   -37.733 -3.111  1.00 65.27 ? 29  ARG A NE  1 
ATOM   294  C CZ  . ARG A 1 37  ? 4.437   -38.710 -3.068  1.00 68.39 ? 29  ARG A CZ  1 
ATOM   295  N NH1 . ARG A 1 37  ? 5.492   -38.614 -2.268  1.00 69.47 ? 29  ARG A NH1 1 
ATOM   296  N NH2 . ARG A 1 37  ? 4.289   -39.795 -3.823  1.00 69.86 ? 29  ARG A NH2 1 
ATOM   297  N N   . TYR A 1 38  ? 3.804   -31.243 -0.835  1.00 37.67 ? 30  TYR A N   1 
ATOM   298  C CA  . TYR A 1 38  ? 3.282   -30.471 0.286   1.00 36.77 ? 30  TYR A CA  1 
ATOM   299  C C   . TYR A 1 38  ? 2.311   -29.412 -0.193  1.00 35.99 ? 30  TYR A C   1 
ATOM   300  O O   . TYR A 1 38  ? 2.649   -28.603 -1.054  1.00 36.96 ? 30  TYR A O   1 
ATOM   301  C CB  . TYR A 1 38  ? 4.438   -29.821 1.040   1.00 36.51 ? 30  TYR A CB  1 
ATOM   302  C CG  . TYR A 1 38  ? 5.496   -30.826 1.417   1.00 38.44 ? 30  TYR A CG  1 
ATOM   303  C CD1 . TYR A 1 38  ? 5.320   -31.673 2.513   1.00 38.67 ? 30  TYR A CD1 1 
ATOM   304  C CD2 . TYR A 1 38  ? 6.639   -30.992 0.629   1.00 37.89 ? 30  TYR A CD2 1 
ATOM   305  C CE1 . TYR A 1 38  ? 6.252   -32.665 2.817   1.00 39.66 ? 30  TYR A CE1 1 
ATOM   306  C CE2 . TYR A 1 38  ? 7.577   -31.978 0.919   1.00 39.25 ? 30  TYR A CE2 1 
ATOM   307  C CZ  . TYR A 1 38  ? 7.380   -32.816 2.015   1.00 40.82 ? 30  TYR A CZ  1 
ATOM   308  O OH  . TYR A 1 38  ? 8.306   -33.808 2.305   1.00 40.72 ? 30  TYR A OH  1 
ATOM   309  N N   . ARG A 1 39  ? 1.099   -29.426 0.356   1.00 34.71 ? 31  ARG A N   1 
ATOM   310  C CA  . ARG A 1 39  ? 0.085   -28.453 -0.033  1.00 32.79 ? 31  ARG A CA  1 
ATOM   311  C C   . ARG A 1 39  ? 0.021   -27.269 0.899   1.00 31.12 ? 31  ARG A C   1 
ATOM   312  O O   . ARG A 1 39  ? 0.323   -27.367 2.090   1.00 30.44 ? 31  ARG A O   1 
ATOM   313  C CB  . ARG A 1 39  ? -1.314  -29.074 -0.085  1.00 33.73 ? 31  ARG A CB  1 
ATOM   314  C CG  . ARG A 1 39  ? -1.539  -30.049 -1.213  1.00 35.48 ? 31  ARG A CG  1 
ATOM   315  C CD  . ARG A 1 39  ? -1.417  -31.476 -0.717  1.00 36.40 ? 31  ARG A CD  1 
ATOM   316  N NE  . ARG A 1 39  ? -2.454  -31.856 0.246   1.00 36.20 ? 31  ARG A NE  1 
ATOM   317  C CZ  . ARG A 1 39  ? -3.754  -31.941 -0.031  1.00 35.51 ? 31  ARG A CZ  1 
ATOM   318  N NH1 . ARG A 1 39  ? -4.198  -31.667 -1.249  1.00 36.58 ? 31  ARG A NH1 1 
ATOM   319  N NH2 . ARG A 1 39  ? -4.608  -32.335 0.902   1.00 35.13 ? 31  ARG A NH2 1 
ATOM   320  N N   . LEU A 1 40  ? -0.397  -26.152 0.323   1.00 29.25 ? 32  LEU A N   1 
ATOM   321  C CA  . LEU A 1 40  ? -0.567  -24.891 1.026   1.00 27.84 ? 32  LEU A CA  1 
ATOM   322  C C   . LEU A 1 40  ? -1.752  -24.191 0.376   1.00 26.10 ? 32  LEU A C   1 
ATOM   323  O O   . LEU A 1 40  ? -2.072  -24.454 -0.788  1.00 25.28 ? 32  LEU A O   1 
ATOM   324  C CB  . LEU A 1 40  ? 0.660   -24.001 0.845   1.00 29.18 ? 32  LEU A CB  1 
ATOM   325  C CG  . LEU A 1 40  ? 1.950   -24.328 1.572   1.00 30.51 ? 32  LEU A CG  1 
ATOM   326  C CD1 . LEU A 1 40  ? 2.948   -23.206 1.327   1.00 28.36 ? 32  LEU A CD1 1 
ATOM   327  C CD2 . LEU A 1 40  ? 1.657   -24.473 3.060   1.00 32.05 ? 32  LEU A CD2 1 
ATOM   328  N N   . GLY A 1 41  ? -2.402  -23.308 1.122   1.00 24.85 ? 33  GLY A N   1 
ATOM   329  C CA  . GLY A 1 41  ? -3.508  -22.566 0.558   1.00 22.41 ? 33  GLY A CA  1 
ATOM   330  C C   . GLY A 1 41  ? -2.880  -21.437 -0.237  1.00 21.48 ? 33  GLY A C   1 
ATOM   331  O O   . GLY A 1 41  ? -1.681  -21.180 -0.115  1.00 21.19 ? 33  GLY A O   1 
ATOM   332  N N   . ILE A 1 42  ? -3.678  -20.764 -1.054  1.00 21.29 ? 34  ILE A N   1 
ATOM   333  C CA  . ILE A 1 42  ? -3.187  -19.661 -1.870  1.00 20.21 ? 34  ILE A CA  1 
ATOM   334  C C   . ILE A 1 42  ? -3.556  -18.317 -1.232  1.00 19.99 ? 34  ILE A C   1 
ATOM   335  O O   . ILE A 1 42  ? -4.705  -18.078 -0.872  1.00 20.25 ? 34  ILE A O   1 
ATOM   336  C CB  . ILE A 1 42  ? -3.787  -19.730 -3.289  1.00 19.82 ? 34  ILE A CB  1 
ATOM   337  C CG1 . ILE A 1 42  ? -3.518  -21.111 -3.896  1.00 21.27 ? 34  ILE A CG1 1 
ATOM   338  C CG2 . ILE A 1 42  ? -3.172  -18.654 -4.170  1.00 19.51 ? 34  ILE A CG2 1 
ATOM   339  C CD1 . ILE A 1 42  ? -4.135  -21.318 -5.269  1.00 22.62 ? 34  ILE A CD1 1 
ATOM   340  N N   . PRO A 1 43  ? -2.577  -17.419 -1.081  1.00 18.82 ? 35  PRO A N   1 
ATOM   341  C CA  . PRO A 1 43  ? -2.842  -16.107 -0.481  1.00 18.16 ? 35  PRO A CA  1 
ATOM   342  C C   . PRO A 1 43  ? -3.910  -15.335 -1.262  1.00 17.51 ? 35  PRO A C   1 
ATOM   343  O O   . PRO A 1 43  ? -4.081  -15.539 -2.458  1.00 18.58 ? 35  PRO A O   1 
ATOM   344  C CB  . PRO A 1 43  ? -1.483  -15.421 -0.548  1.00 16.80 ? 35  PRO A CB  1 
ATOM   345  C CG  . PRO A 1 43  ? -0.524  -16.578 -0.485  1.00 18.12 ? 35  PRO A CG  1 
ATOM   346  C CD  . PRO A 1 43  ? -1.153  -17.572 -1.415  1.00 17.93 ? 35  PRO A CD  1 
ATOM   347  N N   . LEU A 1 44  ? -4.631  -14.457 -0.582  1.00 18.12 ? 36  LEU A N   1 
ATOM   348  C CA  . LEU A 1 44  ? -5.665  -13.653 -1.222  1.00 19.45 ? 36  LEU A CA  1 
ATOM   349  C C   . LEU A 1 44  ? -5.035  -12.364 -1.736  1.00 19.18 ? 36  LEU A C   1 
ATOM   350  O O   . LEU A 1 44  ? -5.390  -11.264 -1.308  1.00 21.11 ? 36  LEU A O   1 
ATOM   351  C CB  . LEU A 1 44  ? -6.771  -13.327 -0.218  1.00 22.05 ? 36  LEU A CB  1 
ATOM   352  C CG  . LEU A 1 44  ? -7.870  -14.370 0.013   1.00 25.42 ? 36  LEU A CG  1 
ATOM   353  C CD1 . LEU A 1 44  ? -7.278  -15.729 0.354   1.00 28.28 ? 36  LEU A CD1 1 
ATOM   354  C CD2 . LEU A 1 44  ? -8.775  -13.874 1.125   1.00 26.93 ? 36  LEU A CD2 1 
ATOM   355  N N   . TYR A 1 45  ? -4.092  -12.516 -2.658  1.00 17.65 ? 37  TYR A N   1 
ATOM   356  C CA  . TYR A 1 45  ? -3.374  -11.397 -3.242  1.00 16.54 ? 37  TYR A CA  1 
ATOM   357  C C   . TYR A 1 45  ? -4.280  -10.289 -3.740  1.00 17.77 ? 37  TYR A C   1 
ATOM   358  O O   . TYR A 1 45  ? -3.999  -9.109  -3.531  1.00 17.70 ? 37  TYR A O   1 
ATOM   359  C CB  . TYR A 1 45  ? -2.535  -11.873 -4.423  1.00 17.15 ? 37  TYR A CB  1 
ATOM   360  C CG  . TYR A 1 45  ? -1.540  -12.967 -4.120  1.00 15.42 ? 37  TYR A CG  1 
ATOM   361  C CD1 . TYR A 1 45  ? -0.412  -12.721 -3.346  1.00 14.54 ? 37  TYR A CD1 1 
ATOM   362  C CD2 . TYR A 1 45  ? -1.713  -14.242 -4.652  1.00 16.37 ? 37  TYR A CD2 1 
ATOM   363  C CE1 . TYR A 1 45  ? 0.527   -13.721 -3.113  1.00 15.01 ? 37  TYR A CE1 1 
ATOM   364  C CE2 . TYR A 1 45  ? -0.782  -15.250 -4.427  1.00 15.98 ? 37  TYR A CE2 1 
ATOM   365  C CZ  . TYR A 1 45  ? 0.334   -14.986 -3.660  1.00 18.31 ? 37  TYR A CZ  1 
ATOM   366  O OH  . TYR A 1 45  ? 1.255   -15.993 -3.459  1.00 17.49 ? 37  TYR A OH  1 
ATOM   367  N N   . SER A 1 46  ? -5.360  -10.661 -4.421  1.00 18.01 ? 38  SER A N   1 
ATOM   368  C CA  . SER A 1 46  ? -6.269  -9.662  -4.976  1.00 20.60 ? 38  SER A CA  1 
ATOM   369  C C   . SER A 1 46  ? -7.293  -9.078  -3.980  1.00 22.18 ? 38  SER A C   1 
ATOM   370  O O   . SER A 1 46  ? -8.089  -8.215  -4.350  1.00 22.42 ? 38  SER A O   1 
ATOM   371  C CB  . SER A 1 46  ? -6.981  -10.237 -6.220  1.00 19.34 ? 38  SER A CB  1 
ATOM   372  O OG  . SER A 1 46  ? -7.752  -11.389 -5.912  1.00 19.37 ? 38  SER A OG  1 
ATOM   373  N N   . GLN A 1 47  ? -7.264  -9.530  -2.728  1.00 22.63 ? 39  GLN A N   1 
ATOM   374  C CA  . GLN A 1 47  ? -8.191  -9.015  -1.726  1.00 24.88 ? 39  GLN A CA  1 
ATOM   375  C C   . GLN A 1 47  ? -7.527  -8.342  -0.514  1.00 25.49 ? 39  GLN A C   1 
ATOM   376  O O   . GLN A 1 47  ? -8.093  -7.397  0.035   1.00 26.96 ? 39  GLN A O   1 
ATOM   377  C CB  . GLN A 1 47  ? -9.125  -10.123 -1.233  1.00 28.48 ? 39  GLN A CB  1 
ATOM   378  C CG  . GLN A 1 47  ? -9.974  -10.762 -2.315  1.00 32.50 ? 39  GLN A CG  1 
ATOM   379  C CD  . GLN A 1 47  ? -9.485  -12.150 -2.686  1.00 36.06 ? 39  GLN A CD  1 
ATOM   380  O OE1 . GLN A 1 47  ? -8.325  -12.333 -3.076  1.00 37.91 ? 39  GLN A OE1 1 
ATOM   381  N NE2 . GLN A 1 47  ? -10.370 -13.140 -2.571  1.00 35.73 ? 39  GLN A NE2 1 
ATOM   382  N N   . ASN A 1 48  ? -6.352  -8.819  -0.087  1.00 24.95 ? 40  ASN A N   1 
ATOM   383  C CA  . ASN A 1 48  ? -5.641  -8.222  1.061   1.00 24.95 ? 40  ASN A CA  1 
ATOM   384  C C   . ASN A 1 48  ? -4.526  -7.338  0.555   1.00 22.61 ? 40  ASN A C   1 
ATOM   385  O O   . ASN A 1 48  ? -3.787  -7.744  -0.329  1.00 23.45 ? 40  ASN A O   1 
ATOM   386  C CB  . ASN A 1 48  ? -4.958  -9.274  1.937   1.00 29.03 ? 40  ASN A CB  1 
ATOM   387  C CG  . ASN A 1 48  ? -5.838  -10.426 2.253   1.00 34.94 ? 40  ASN A CG  1 
ATOM   388  O OD1 . ASN A 1 48  ? -5.365  -11.552 2.395   1.00 38.90 ? 40  ASN A OD1 1 
ATOM   389  N ND2 . ASN A 1 48  ? -7.137  -10.167 2.376   1.00 39.31 ? 40  ASN A ND2 1 
ATOM   390  N N   . ILE A 1 49  ? -4.377  -6.154  1.140   1.00 20.78 ? 41  ILE A N   1 
ATOM   391  C CA  . ILE A 1 49  ? -3.314  -5.241  0.741   1.00 19.17 ? 41  ILE A CA  1 
ATOM   392  C C   . ILE A 1 49  ? -1.978  -5.813  1.232   1.00 19.36 ? 41  ILE A C   1 
ATOM   393  O O   . ILE A 1 49  ? -0.922  -5.561  0.658   1.00 19.70 ? 41  ILE A O   1 
ATOM   394  C CB  . ILE A 1 49  ? -3.565  -3.819  1.330   1.00 18.53 ? 41  ILE A CB  1 
ATOM   395  C CG1 . ILE A 1 49  ? -2.534  -2.824  0.787   1.00 16.77 ? 41  ILE A CG1 1 
ATOM   396  C CG2 . ILE A 1 49  ? -3.586  -3.878  2.852   1.00 18.64 ? 41  ILE A CG2 1 
ATOM   397  C CD1 . ILE A 1 49  ? -2.716  -2.508  -0.695  1.00 15.64 ? 41  ILE A CD1 1 
ATOM   398  N N   . GLU A 1 50  ? -2.032  -6.612  2.287   1.00 20.59 ? 42  GLU A N   1 
ATOM   399  C CA  . GLU A 1 50  ? -0.823  -7.216  2.825   1.00 22.25 ? 42  GLU A CA  1 
ATOM   400  C C   . GLU A 1 50  ? -0.276  -8.240  1.848   1.00 21.44 ? 42  GLU A C   1 
ATOM   401  O O   . GLU A 1 50  ? 0.936   -8.283  1.586   1.00 20.97 ? 42  GLU A O   1 
ATOM   402  C CB  . GLU A 1 50  ? -1.127  -7.880  4.160   1.00 26.68 ? 42  GLU A CB  1 
ATOM   403  C CG  . GLU A 1 50  ? -0.152  -7.495  5.240   1.00 35.73 ? 42  GLU A CG  1 
ATOM   404  C CD  . GLU A 1 50  ? -0.745  -7.642  6.624   1.00 42.80 ? 42  GLU A CD  1 
ATOM   405  O OE1 . GLU A 1 50  ? 0.002   -7.488  7.620   1.00 46.11 ? 42  GLU A OE1 1 
ATOM   406  O OE2 . GLU A 1 50  ? -1.971  -7.899  6.719   1.00 46.75 ? 42  GLU A OE2 1 
ATOM   407  N N   . SER A 1 51  ? -1.177  -9.063  1.313   1.00 20.18 ? 43  SER A N   1 
ATOM   408  C CA  . SER A 1 51  ? -0.826  -10.096 0.333   1.00 19.25 ? 43  SER A CA  1 
ATOM   409  C C   . SER A 1 51  ? -0.438  -9.428  -0.974  1.00 17.87 ? 43  SER A C   1 
ATOM   410  O O   . SER A 1 51  ? 0.555   -9.794  -1.609  1.00 18.09 ? 43  SER A O   1 
ATOM   411  C CB  . SER A 1 51  ? -2.022  -11.017 0.067   1.00 19.62 ? 43  SER A CB  1 
ATOM   412  O OG  . SER A 1 51  ? -2.374  -11.748 1.222   1.00 20.53 ? 43  SER A OG  1 
ATOM   413  N N   . ALA A 1 52  ? -1.242  -8.448  -1.373  1.00 17.28 ? 44  ALA A N   1 
ATOM   414  C CA  . ALA A 1 52  ? -0.990  -7.715  -2.603  1.00 18.04 ? 44  ALA A CA  1 
ATOM   415  C C   . ALA A 1 52  ? 0.360   -7.024  -2.550  1.00 17.72 ? 44  ALA A C   1 
ATOM   416  O O   . ALA A 1 52  ? 1.034   -6.905  -3.575  1.00 18.29 ? 44  ALA A O   1 
ATOM   417  C CB  . ALA A 1 52  ? -2.091  -6.688  -2.843  1.00 18.69 ? 44  ALA A CB  1 
ATOM   418  N N   . TRP A 1 53  ? 0.765   -6.566  -1.365  1.00 17.46 ? 45  TRP A N   1 
ATOM   419  C CA  . TRP A 1 53  ? 2.046   -5.887  -1.275  1.00 19.46 ? 45  TRP A CA  1 
ATOM   420  C C   . TRP A 1 53  ? 3.200   -6.842  -1.496  1.00 20.55 ? 45  TRP A C   1 
ATOM   421  O O   . TRP A 1 53  ? 4.296   -6.417  -1.866  1.00 20.10 ? 45  TRP A O   1 
ATOM   422  C CB  . TRP A 1 53  ? 2.221   -5.140  0.046   1.00 17.82 ? 45  TRP A CB  1 
ATOM   423  C CG  . TRP A 1 53  ? 2.946   -3.860  -0.215  1.00 16.92 ? 45  TRP A CG  1 
ATOM   424  C CD1 . TRP A 1 53  ? 4.278   -3.616  -0.042  1.00 17.77 ? 45  TRP A CD1 1 
ATOM   425  C CD2 . TRP A 1 53  ? 2.410   -2.701  -0.879  1.00 17.37 ? 45  TRP A CD2 1 
ATOM   426  N NE1 . TRP A 1 53  ? 4.608   -2.379  -0.566  1.00 18.40 ? 45  TRP A NE1 1 
ATOM   427  C CE2 . TRP A 1 53  ? 3.477   -1.802  -1.084  1.00 16.56 ? 45  TRP A CE2 1 
ATOM   428  C CE3 . TRP A 1 53  ? 1.127   -2.344  -1.329  1.00 15.49 ? 45  TRP A CE3 1 
ATOM   429  C CZ2 . TRP A 1 53  ? 3.302   -0.570  -1.717  1.00 16.97 ? 45  TRP A CZ2 1 
ATOM   430  C CZ3 . TRP A 1 53  ? 0.955   -1.127  -1.958  1.00 15.23 ? 45  TRP A CZ3 1 
ATOM   431  C CH2 . TRP A 1 53  ? 2.037   -0.250  -2.147  1.00 15.85 ? 45  TRP A CH2 1 
ATOM   432  N N   . GLN A 1 54  ? 2.956   -8.129  -1.274  1.00 21.27 ? 46  GLN A N   1 
ATOM   433  C CA  . GLN A 1 54  ? 3.990   -9.122  -1.513  1.00 22.35 ? 46  GLN A CA  1 
ATOM   434  C C   . GLN A 1 54  ? 4.244   -9.097  -3.015  1.00 20.86 ? 46  GLN A C   1 
ATOM   435  O O   . GLN A 1 54  ? 5.367   -9.298  -3.473  1.00 20.39 ? 46  GLN A O   1 
ATOM   436  C CB  . GLN A 1 54  ? 3.512   -10.512 -1.099  1.00 25.45 ? 46  GLN A CB  1 
ATOM   437  C CG  . GLN A 1 54  ? 3.652   -10.807 0.383   1.00 31.84 ? 46  GLN A CG  1 
ATOM   438  C CD  . GLN A 1 54  ? 2.959   -12.102 0.777   1.00 36.18 ? 46  GLN A CD  1 
ATOM   439  O OE1 . GLN A 1 54  ? 3.047   -13.116 0.069   1.00 37.60 ? 46  GLN A OE1 1 
ATOM   440  N NE2 . GLN A 1 54  ? 2.270   -12.078 1.913   1.00 38.77 ? 46  GLN A NE2 1 
ATOM   441  N N   . VAL A 1 55  ? 3.182   -8.840  -3.770  1.00 19.14 ? 47  VAL A N   1 
ATOM   442  C CA  . VAL A 1 55  ? 3.255   -8.774  -5.229  1.00 18.45 ? 47  VAL A CA  1 
ATOM   443  C C   . VAL A 1 55  ? 4.097   -7.578  -5.647  1.00 19.07 ? 47  VAL A C   1 
ATOM   444  O O   . VAL A 1 55  ? 5.008   -7.699  -6.477  1.00 19.26 ? 47  VAL A O   1 
ATOM   445  C CB  . VAL A 1 55  ? 1.829   -8.654  -5.847  1.00 18.36 ? 47  VAL A CB  1 
ATOM   446  C CG1 . VAL A 1 55  ? 1.912   -8.422  -7.363  1.00 16.36 ? 47  VAL A CG1 1 
ATOM   447  C CG2 . VAL A 1 55  ? 1.039   -9.933  -5.551  1.00 16.15 ? 47  VAL A CG2 1 
ATOM   448  N N   . VAL A 1 56  ? 3.785   -6.424  -5.061  1.00 19.45 ? 48  VAL A N   1 
ATOM   449  C CA  . VAL A 1 56  ? 4.498   -5.187  -5.346  1.00 19.31 ? 48  VAL A CA  1 
ATOM   450  C C   . VAL A 1 56  ? 5.993   -5.362  -5.187  1.00 22.03 ? 48  VAL A C   1 
ATOM   451  O O   . VAL A 1 56  ? 6.770   -4.978  -6.060  1.00 23.59 ? 48  VAL A O   1 
ATOM   452  C CB  . VAL A 1 56  ? 4.048   -4.052  -4.403  1.00 18.18 ? 48  VAL A CB  1 
ATOM   453  C CG1 . VAL A 1 56  ? 4.961   -2.846  -4.553  1.00 16.76 ? 48  VAL A CG1 1 
ATOM   454  C CG2 . VAL A 1 56  ? 2.628   -3.665  -4.718  1.00 14.77 ? 48  VAL A CG2 1 
ATOM   455  N N   . GLU A 1 57  ? 6.397   -5.946  -4.071  1.00 23.70 ? 49  GLU A N   1 
ATOM   456  C CA  . GLU A 1 57  ? 7.812   -6.133  -3.809  1.00 26.91 ? 49  GLU A CA  1 
ATOM   457  C C   . GLU A 1 57  ? 8.438   -7.224  -4.662  1.00 26.19 ? 49  GLU A C   1 
ATOM   458  O O   . GLU A 1 57  ? 9.597   -7.113  -5.055  1.00 27.65 ? 49  GLU A O   1 
ATOM   459  C CB  . GLU A 1 57  ? 8.021   -6.441  -2.334  1.00 30.66 ? 49  GLU A CB  1 
ATOM   460  C CG  . GLU A 1 57  ? 7.499   -5.348  -1.437  1.00 39.12 ? 49  GLU A CG  1 
ATOM   461  C CD  . GLU A 1 57  ? 7.605   -5.698  0.035   1.00 45.48 ? 49  GLU A CD  1 
ATOM   462  O OE1 . GLU A 1 57  ? 7.153   -6.807  0.423   1.00 48.69 ? 49  GLU A OE1 1 
ATOM   463  O OE2 . GLU A 1 57  ? 8.131   -4.858  0.804   1.00 48.47 ? 49  GLU A OE2 1 
ATOM   464  N N   . LYS A 1 58  ? 7.669   -8.266  -4.955  1.00 24.58 ? 50  LYS A N   1 
ATOM   465  C CA  . LYS A 1 58  ? 8.168   -9.374  -5.752  1.00 23.23 ? 50  LYS A CA  1 
ATOM   466  C C   . LYS A 1 58  ? 8.485   -8.933  -7.170  1.00 24.19 ? 50  LYS A C   1 
ATOM   467  O O   . LYS A 1 58  ? 9.483   -9.369  -7.751  1.00 24.74 ? 50  LYS A O   1 
ATOM   468  C CB  . LYS A 1 58  ? 7.149   -10.509 -5.779  1.00 23.98 ? 50  LYS A CB  1 
ATOM   469  C CG  . LYS A 1 58  ? 7.574   -11.715 -6.604  1.00 24.19 ? 50  LYS A CG  1 
ATOM   470  C CD  . LYS A 1 58  ? 8.781   -12.405 -5.990  1.00 26.00 ? 50  LYS A CD  1 
ATOM   471  C CE  . LYS A 1 58  ? 9.238   -13.575 -6.846  1.00 29.19 ? 50  LYS A CE  1 
ATOM   472  N NZ  . LYS A 1 58  ? 10.458  -14.235 -6.291  1.00 30.33 ? 50  LYS A NZ  1 
ATOM   473  N N   . LEU A 1 59  ? 7.648   -8.072  -7.738  1.00 24.20 ? 51  LEU A N   1 
ATOM   474  C CA  . LEU A 1 59  ? 7.898   -7.606  -9.095  1.00 25.03 ? 51  LEU A CA  1 
ATOM   475  C C   . LEU A 1 59  ? 9.265   -6.940  -9.168  1.00 27.84 ? 51  LEU A C   1 
ATOM   476  O O   . LEU A 1 59  ? 9.692   -6.263  -8.226  1.00 26.48 ? 51  LEU A O   1 
ATOM   477  C CB  . LEU A 1 59  ? 6.824   -6.615  -9.538  1.00 23.71 ? 51  LEU A CB  1 
ATOM   478  C CG  . LEU A 1 59  ? 5.467   -7.181  -9.954  1.00 22.89 ? 51  LEU A CG  1 
ATOM   479  C CD1 . LEU A 1 59  ? 4.488   -6.042  -10.173 1.00 23.50 ? 51  LEU A CD1 1 
ATOM   480  C CD2 . LEU A 1 59  ? 5.618   -7.983  -11.218 1.00 20.53 ? 51  LEU A CD2 1 
ATOM   481  N N   . GLU A 1 60  ? 9.946   -7.145  -10.292 1.00 30.83 ? 52  GLU A N   1 
ATOM   482  C CA  . GLU A 1 60  ? 11.273  -6.579  -10.521 1.00 33.60 ? 52  GLU A CA  1 
ATOM   483  C C   . GLU A 1 60  ? 11.184  -5.134  -11.013 1.00 32.18 ? 52  GLU A C   1 
ATOM   484  O O   . GLU A 1 60  ? 12.137  -4.366  -10.876 1.00 33.82 ? 52  GLU A O   1 
ATOM   485  C CB  . GLU A 1 60  ? 12.021  -7.415  -11.562 1.00 38.44 ? 52  GLU A CB  1 
ATOM   486  C CG  . GLU A 1 60  ? 13.467  -7.737  -11.199 1.00 46.32 ? 52  GLU A CG  1 
ATOM   487  C CD  . GLU A 1 60  ? 13.613  -9.003  -10.342 1.00 51.73 ? 52  GLU A CD  1 
ATOM   488  O OE1 . GLU A 1 60  ? 13.292  -10.113 -10.846 1.00 53.66 ? 52  GLU A OE1 1 
ATOM   489  O OE2 . GLU A 1 60  ? 14.054  -8.889  -9.170  1.00 53.58 ? 52  GLU A OE2 1 
ATOM   490  N N   . TYR A 1 61  ? 10.036  -4.768  -11.574 1.00 29.13 ? 53  TYR A N   1 
ATOM   491  C CA  . TYR A 1 61  ? 9.825   -3.431  -12.100 1.00 27.14 ? 53  TYR A CA  1 
ATOM   492  C C   . TYR A 1 61  ? 9.337   -2.438  -11.065 1.00 26.41 ? 53  TYR A C   1 
ATOM   493  O O   . TYR A 1 61  ? 8.860   -2.815  -9.991  1.00 25.71 ? 53  TYR A O   1 
ATOM   494  C CB  . TYR A 1 61  ? 8.794   -3.467  -13.219 1.00 27.67 ? 53  TYR A CB  1 
ATOM   495  C CG  . TYR A 1 61  ? 8.992   -4.594  -14.183 1.00 30.08 ? 53  TYR A CG  1 
ATOM   496  C CD1 . TYR A 1 61  ? 10.192  -4.740  -14.872 1.00 31.56 ? 53  TYR A CD1 1 
ATOM   497  C CD2 . TYR A 1 61  ? 7.974   -5.505  -14.425 1.00 30.66 ? 53  TYR A CD2 1 
ATOM   498  C CE1 . TYR A 1 61  ? 10.371  -5.770  -15.783 1.00 33.48 ? 53  TYR A CE1 1 
ATOM   499  C CE2 . TYR A 1 61  ? 8.138   -6.538  -15.334 1.00 32.88 ? 53  TYR A CE2 1 
ATOM   500  C CZ  . TYR A 1 61  ? 9.337   -6.665  -16.012 1.00 33.83 ? 53  TYR A CZ  1 
ATOM   501  O OH  . TYR A 1 61  ? 9.502   -7.678  -16.923 1.00 35.56 ? 53  TYR A OH  1 
ATOM   502  N N   . ASP A 1 62  ? 9.461   -1.160  -11.400 1.00 25.12 ? 54  ASP A N   1 
ATOM   503  C CA  . ASP A 1 62  ? 8.979   -0.101  -10.527 1.00 24.44 ? 54  ASP A CA  1 
ATOM   504  C C   . ASP A 1 62  ? 7.462   -0.211  -10.638 1.00 23.05 ? 54  ASP A C   1 
ATOM   505  O O   . ASP A 1 62  ? 6.948   -0.566  -11.700 1.00 21.34 ? 54  ASP A O   1 
ATOM   506  C CB  . ASP A 1 62  ? 9.398   1.278   -11.040 1.00 27.45 ? 54  ASP A CB  1 
ATOM   507  C CG  . ASP A 1 62  ? 10.885  1.532   -10.918 1.00 30.79 ? 54  ASP A CG  1 
ATOM   508  O OD1 . ASP A 1 62  ? 11.574  0.775   -10.203 1.00 33.09 ? 54  ASP A OD1 1 
ATOM   509  O OD2 . ASP A 1 62  ? 11.361  2.510   -11.534 1.00 34.71 ? 54  ASP A OD2 1 
ATOM   510  N N   . VAL A 1 63  ? 6.754   0.109   -9.561  1.00 21.96 ? 55  VAL A N   1 
ATOM   511  C CA  . VAL A 1 63  ? 5.295   0.038   -9.549  1.00 21.15 ? 55  VAL A CA  1 
ATOM   512  C C   . VAL A 1 63  ? 4.672   1.290   -8.913  1.00 21.25 ? 55  VAL A C   1 
ATOM   513  O O   . VAL A 1 63  ? 5.154   1.780   -7.892  1.00 20.50 ? 55  VAL A O   1 
ATOM   514  C CB  . VAL A 1 63  ? 4.813   -1.191  -8.741  1.00 20.20 ? 55  VAL A CB  1 
ATOM   515  C CG1 . VAL A 1 63  ? 3.295   -1.283  -8.812  1.00 21.05 ? 55  VAL A CG1 1 
ATOM   516  C CG2 . VAL A 1 63  ? 5.495   -2.468  -9.245  1.00 17.09 ? 55  VAL A CG2 1 
ATOM   517  N N   . LYS A 1 64  ? 3.599   1.791   -9.518  1.00 21.03 ? 56  LYS A N   1 
ATOM   518  C CA  . LYS A 1 64  ? 2.889   2.961   -9.011  1.00 21.98 ? 56  LYS A CA  1 
ATOM   519  C C   . LYS A 1 64  ? 1.453   2.605   -8.664  1.00 21.25 ? 56  LYS A C   1 
ATOM   520  O O   . LYS A 1 64  ? 0.746   2.031   -9.489  1.00 21.23 ? 56  LYS A O   1 
ATOM   521  C CB  . LYS A 1 64  ? 2.820   4.061   -10.065 1.00 26.11 ? 56  LYS A CB  1 
ATOM   522  C CG  . LYS A 1 64  ? 3.863   5.134   -9.969  1.00 32.68 ? 56  LYS A CG  1 
ATOM   523  C CD  . LYS A 1 64  ? 3.401   6.357   -10.761 1.00 36.63 ? 56  LYS A CD  1 
ATOM   524  C CE  . LYS A 1 64  ? 4.454   7.457   -10.750 1.00 40.25 ? 56  LYS A CE  1 
ATOM   525  N NZ  . LYS A 1 64  ? 5.721   6.989   -11.382 1.00 42.00 ? 56  LYS A NZ  1 
ATOM   526  N N   . VAL A 1 65  ? 1.018   2.948   -7.455  1.00 19.05 ? 57  VAL A N   1 
ATOM   527  C CA  . VAL A 1 65  ? -0.359  2.699   -7.057  1.00 18.26 ? 57  VAL A CA  1 
ATOM   528  C C   . VAL A 1 65  ? -0.949  4.065   -6.762  1.00 19.47 ? 57  VAL A C   1 
ATOM   529  O O   . VAL A 1 65  ? -0.399  4.823   -5.958  1.00 19.51 ? 57  VAL A O   1 
ATOM   530  C CB  . VAL A 1 65  ? -0.458  1.840   -5.790  1.00 16.59 ? 57  VAL A CB  1 
ATOM   531  C CG1 . VAL A 1 65  ? -1.923  1.554   -5.472  1.00 14.72 ? 57  VAL A CG1 1 
ATOM   532  C CG2 . VAL A 1 65  ? 0.307   0.549   -5.976  1.00 15.71 ? 57  VAL A CG2 1 
ATOM   533  N N   . THR A 1 66  ? -2.058  4.386   -7.421  1.00 19.83 ? 58  THR A N   1 
ATOM   534  C CA  . THR A 1 66  ? -2.710  5.676   -7.232  1.00 20.27 ? 58  THR A CA  1 
ATOM   535  C C   . THR A 1 66  ? -4.149  5.526   -6.774  1.00 20.20 ? 58  THR A C   1 
ATOM   536  O O   . THR A 1 66  ? -4.910  4.765   -7.374  1.00 18.64 ? 58  THR A O   1 
ATOM   537  C CB  . THR A 1 66  ? -2.733  6.492   -8.545  1.00 19.86 ? 58  THR A CB  1 
ATOM   538  O OG1 . THR A 1 66  ? -1.412  6.560   -9.095  1.00 20.61 ? 58  THR A OG1 1 
ATOM   539  C CG2 . THR A 1 66  ? -3.226  7.908   -8.286  1.00 19.92 ? 58  THR A CG2 1 
ATOM   540  N N   . LYS A 1 67  ? -4.515  6.249   -5.712  1.00 21.33 ? 59  LYS A N   1 
ATOM   541  C CA  . LYS A 1 67  ? -5.891  6.235   -5.203  1.00 23.45 ? 59  LYS A CA  1 
ATOM   542  C C   . LYS A 1 67  ? -6.575  7.551   -5.556  1.00 24.78 ? 59  LYS A C   1 
ATOM   543  O O   . LYS A 1 67  ? -6.022  8.631   -5.321  1.00 26.33 ? 59  LYS A O   1 
ATOM   544  C CB  . LYS A 1 67  ? -5.945  6.089   -3.675  1.00 23.61 ? 59  LYS A CB  1 
ATOM   545  C CG  . LYS A 1 67  ? -7.389  6.031   -3.134  1.00 23.44 ? 59  LYS A CG  1 
ATOM   546  C CD  . LYS A 1 67  ? -7.565  6.808   -1.825  1.00 25.61 ? 59  LYS A CD  1 
ATOM   547  C CE  . LYS A 1 67  ? -7.262  8.299   -2.010  1.00 25.40 ? 59  LYS A CE  1 
ATOM   548  N NZ  . LYS A 1 67  ? -7.417  9.127   -0.771  1.00 23.02 ? 59  LYS A NZ  1 
ATOM   549  N N   . THR A 1 68  ? -7.768  7.469   -6.132  1.00 25.90 ? 60  THR A N   1 
ATOM   550  C CA  . THR A 1 68  ? -8.515  8.676   -6.469  1.00 27.56 ? 60  THR A CA  1 
ATOM   551  C C   . THR A 1 68  ? -9.949  8.476   -5.998  1.00 29.43 ? 60  THR A C   1 
ATOM   552  O O   . THR A 1 68  ? -10.277 7.473   -5.356  1.00 29.69 ? 60  THR A O   1 
ATOM   553  C CB  . THR A 1 68  ? -8.541  8.960   -7.994  1.00 25.43 ? 60  THR A CB  1 
ATOM   554  O OG1 . THR A 1 68  ? -9.318  7.959   -8.656  1.00 26.32 ? 60  THR A OG1 1 
ATOM   555  C CG2 . THR A 1 68  ? -7.147  8.946   -8.562  1.00 25.01 ? 60  THR A CG2 1 
ATOM   556  N N   . ASP A 1 69  ? -10.794 9.441   -6.329  1.00 31.88 ? 61  ASP A N   1 
ATOM   557  C CA  . ASP A 1 69  ? -12.197 9.393   -5.968  1.00 33.84 ? 61  ASP A CA  1 
ATOM   558  C C   . ASP A 1 69  ? -12.982 9.270   -7.252  1.00 32.32 ? 61  ASP A C   1 
ATOM   559  O O   . ASP A 1 69  ? -14.192 9.500   -7.283  1.00 32.53 ? 61  ASP A O   1 
ATOM   560  C CB  . ASP A 1 69  ? -12.597 10.670  -5.234  1.00 38.47 ? 61  ASP A CB  1 
ATOM   561  C CG  . ASP A 1 69  ? -11.845 10.843  -3.932  1.00 43.62 ? 61  ASP A CG  1 
ATOM   562  O OD1 . ASP A 1 69  ? -11.913 9.923   -3.081  1.00 45.28 ? 61  ASP A OD1 1 
ATOM   563  O OD2 . ASP A 1 69  ? -11.185 11.895  -3.766  1.00 47.00 ? 61  ASP A OD2 1 
ATOM   564  N N   . LEU A 1 70  ? -12.272 8.916   -8.317  1.00 30.12 ? 62  LEU A N   1 
ATOM   565  C CA  . LEU A 1 70  ? -12.895 8.747   -9.614  1.00 28.39 ? 62  LEU A CA  1 
ATOM   566  C C   . LEU A 1 70  ? -13.273 7.287   -9.747  1.00 27.46 ? 62  LEU A C   1 
ATOM   567  O O   . LEU A 1 70  ? -13.126 6.525   -8.797  1.00 25.99 ? 62  LEU A O   1 
ATOM   568  C CB  . LEU A 1 70  ? -11.935 9.148   -10.730 1.00 28.95 ? 62  LEU A CB  1 
ATOM   569  C CG  . LEU A 1 70  ? -11.292 10.533  -10.653 1.00 31.03 ? 62  LEU A CG  1 
ATOM   570  C CD1 . LEU A 1 70  ? -10.696 10.870  -12.005 1.00 32.75 ? 62  LEU A CD1 1 
ATOM   571  C CD2 . LEU A 1 70  ? -12.315 11.579  -10.272 1.00 31.63 ? 62  LEU A CD2 1 
ATOM   572  N N   . LYS A 1 71  ? -13.764 6.905   -10.919 1.00 27.63 ? 63  LYS A N   1 
ATOM   573  C CA  . LYS A 1 71  ? -14.181 5.534   -11.174 1.00 29.60 ? 63  LYS A CA  1 
ATOM   574  C C   . LYS A 1 71  ? -13.533 4.977   -12.433 1.00 28.84 ? 63  LYS A C   1 
ATOM   575  O O   . LYS A 1 71  ? -13.683 5.541   -13.515 1.00 28.50 ? 63  LYS A O   1 
ATOM   576  C CB  . LYS A 1 71  ? -15.709 5.469   -11.318 1.00 33.07 ? 63  LYS A CB  1 
ATOM   577  C CG  . LYS A 1 71  ? -16.411 4.791   -10.148 1.00 39.14 ? 63  LYS A CG  1 
ATOM   578  C CD  . LYS A 1 71  ? -16.074 5.492   -8.834  1.00 44.94 ? 63  LYS A CD  1 
ATOM   579  C CE  . LYS A 1 71  ? -16.058 4.523   -7.643  1.00 48.61 ? 63  LYS A CE  1 
ATOM   580  N NZ  . LYS A 1 71  ? -17.397 3.921   -7.339  1.00 50.85 ? 63  LYS A NZ  1 
ATOM   581  N N   . PRO A 1 72  ? -12.780 3.868   -12.306 1.00 28.98 ? 64  PRO A N   1 
ATOM   582  C CA  . PRO A 1 72  ? -12.502 3.121   -11.069 1.00 27.25 ? 64  PRO A CA  1 
ATOM   583  C C   . PRO A 1 72  ? -11.562 3.881   -10.134 1.00 26.00 ? 64  PRO A C   1 
ATOM   584  O O   . PRO A 1 72  ? -10.757 4.702   -10.571 1.00 25.59 ? 64  PRO A O   1 
ATOM   585  C CB  . PRO A 1 72  ? -11.917 1.810   -11.579 1.00 26.36 ? 64  PRO A CB  1 
ATOM   586  C CG  . PRO A 1 72  ? -11.283 2.208   -12.862 1.00 29.43 ? 64  PRO A CG  1 
ATOM   587  C CD  . PRO A 1 72  ? -12.261 3.149   -13.482 1.00 27.76 ? 64  PRO A CD  1 
ATOM   588  N N   . LYS A 1 73  ? -11.668 3.588   -8.845  1.00 24.83 ? 65  LYS A N   1 
ATOM   589  C CA  . LYS A 1 73  ? -10.899 4.272   -7.817  1.00 23.31 ? 65  LYS A CA  1 
ATOM   590  C C   . LYS A 1 73  ? -9.385  4.213   -7.908  1.00 22.52 ? 65  LYS A C   1 
ATOM   591  O O   . LYS A 1 73  ? -8.703  5.227   -7.758  1.00 22.85 ? 65  LYS A O   1 
ATOM   592  C CB  . LYS A 1 73  ? -11.331 3.745   -6.458  1.00 24.52 ? 65  LYS A CB  1 
ATOM   593  C CG  . LYS A 1 73  ? -10.927 4.609   -5.305  1.00 27.07 ? 65  LYS A CG  1 
ATOM   594  C CD  . LYS A 1 73  ? -11.392 3.982   -4.000  1.00 29.47 ? 65  LYS A CD  1 
ATOM   595  C CE  . LYS A 1 73  ? -11.102 4.903   -2.828  1.00 31.91 ? 65  LYS A CE  1 
ATOM   596  N NZ  . LYS A 1 73  ? -11.407 4.247   -1.525  1.00 35.33 ? 65  LYS A NZ  1 
ATOM   597  N N   . TYR A 1 74  ? -8.865  3.018   -8.148  1.00 21.79 ? 66  TYR A N   1 
ATOM   598  C CA  . TYR A 1 74  ? -7.427  2.795   -8.210  1.00 19.94 ? 66  TYR A CA  1 
ATOM   599  C C   . TYR A 1 74  ? -6.845  2.598   -9.602  1.00 19.83 ? 66  TYR A C   1 
ATOM   600  O O   . TYR A 1 74  ? -7.505  2.083   -10.503 1.00 18.65 ? 66  TYR A O   1 
ATOM   601  C CB  . TYR A 1 74  ? -7.071  1.571   -7.352  1.00 20.25 ? 66  TYR A CB  1 
ATOM   602  C CG  . TYR A 1 74  ? -7.113  1.830   -5.866  1.00 20.17 ? 66  TYR A CG  1 
ATOM   603  C CD1 . TYR A 1 74  ? -6.012  2.380   -5.210  1.00 20.73 ? 66  TYR A CD1 1 
ATOM   604  C CD2 . TYR A 1 74  ? -8.267  1.577   -5.123  1.00 19.66 ? 66  TYR A CD2 1 
ATOM   605  C CE1 . TYR A 1 74  ? -6.056  2.676   -3.852  1.00 21.10 ? 66  TYR A CE1 1 
ATOM   606  C CE2 . TYR A 1 74  ? -8.324  1.870   -3.761  1.00 20.58 ? 66  TYR A CE2 1 
ATOM   607  C CZ  . TYR A 1 74  ? -7.212  2.420   -3.133  1.00 21.53 ? 66  TYR A CZ  1 
ATOM   608  O OH  . TYR A 1 74  ? -7.241  2.718   -1.789  1.00 23.82 ? 66  TYR A OH  1 
ATOM   609  N N   . GLN A 1 75  ? -5.587  3.003   -9.751  1.00 20.15 ? 67  GLN A N   1 
ATOM   610  C CA  . GLN A 1 75  ? -4.853  2.853   -11.001 1.00 21.21 ? 67  GLN A CA  1 
ATOM   611  C C   . GLN A 1 75  ? -3.461  2.354   -10.656 1.00 19.26 ? 67  GLN A C   1 
ATOM   612  O O   . GLN A 1 75  ? -2.852  2.818   -9.708  1.00 20.63 ? 67  GLN A O   1 
ATOM   613  C CB  . GLN A 1 75  ? -4.724  4.184   -11.748 1.00 20.99 ? 67  GLN A CB  1 
ATOM   614  C CG  . GLN A 1 75  ? -4.209  3.990   -13.175 1.00 23.36 ? 67  GLN A CG  1 
ATOM   615  C CD  . GLN A 1 75  ? -4.006  5.284   -13.939 1.00 24.71 ? 67  GLN A CD  1 
ATOM   616  O OE1 . GLN A 1 75  ? -4.009  5.291   -15.169 1.00 27.10 ? 67  GLN A OE1 1 
ATOM   617  N NE2 . GLN A 1 75  ? -3.816  6.379   -13.221 1.00 23.66 ? 67  GLN A NE2 1 
ATOM   618  N N   . VAL A 1 76  ? -2.952  1.402   -11.415 1.00 18.18 ? 68  VAL A N   1 
ATOM   619  C CA  . VAL A 1 76  ? -1.614  0.908   -11.141 1.00 17.10 ? 68  VAL A CA  1 
ATOM   620  C C   . VAL A 1 76  ? -0.798  0.914   -12.417 1.00 17.20 ? 68  VAL A C   1 
ATOM   621  O O   . VAL A 1 76  ? -1.304  0.599   -13.489 1.00 17.39 ? 68  VAL A O   1 
ATOM   622  C CB  . VAL A 1 76  ? -1.644  -0.524  -10.535 1.00 17.55 ? 68  VAL A CB  1 
ATOM   623  C CG1 . VAL A 1 76  ? -0.288  -1.233  -10.757 1.00 14.61 ? 68  VAL A CG1 1 
ATOM   624  C CG2 . VAL A 1 76  ? -1.980  -0.441  -9.034  1.00 14.79 ? 68  VAL A CG2 1 
ATOM   625  N N   . HIS A 1 77  ? 0.464   1.298   -12.283 1.00 18.18 ? 69  HIS A N   1 
ATOM   626  C CA  . HIS A 1 77  ? 1.392   1.338   -13.404 1.00 19.43 ? 69  HIS A CA  1 
ATOM   627  C C   . HIS A 1 77  ? 2.569   0.429   -13.065 1.00 19.17 ? 69  HIS A C   1 
ATOM   628  O O   . HIS A 1 77  ? 3.086   0.458   -11.948 1.00 20.13 ? 69  HIS A O   1 
ATOM   629  C CB  . HIS A 1 77  ? 1.929   2.762   -13.622 1.00 19.50 ? 69  HIS A CB  1 
ATOM   630  C CG  . HIS A 1 77  ? 0.885   3.758   -14.023 1.00 20.18 ? 69  HIS A CG  1 
ATOM   631  N ND1 . HIS A 1 77  ? 0.401   3.855   -15.308 1.00 22.04 ? 69  HIS A ND1 1 
ATOM   632  C CD2 . HIS A 1 77  ? 0.248   4.715   -13.310 1.00 20.00 ? 69  HIS A CD2 1 
ATOM   633  C CE1 . HIS A 1 77  ? -0.489  4.830   -15.371 1.00 21.01 ? 69  HIS A CE1 1 
ATOM   634  N NE2 . HIS A 1 77  ? -0.600  5.368   -14.172 1.00 21.05 ? 69  HIS A NE2 1 
ATOM   635  N N   . VAL A 1 78  ? 2.971   -0.395  -14.018 1.00 18.70 ? 70  VAL A N   1 
ATOM   636  C CA  . VAL A 1 78  ? 4.120   -1.266  -13.829 1.00 19.25 ? 70  VAL A CA  1 
ATOM   637  C C   . VAL A 1 78  ? 5.012   -0.948  -15.026 1.00 20.63 ? 70  VAL A C   1 
ATOM   638  O O   . VAL A 1 78  ? 4.626   -1.122  -16.186 1.00 18.94 ? 70  VAL A O   1 
ATOM   639  C CB  . VAL A 1 78  ? 3.721   -2.746  -13.824 1.00 17.92 ? 70  VAL A CB  1 
ATOM   640  C CG1 . VAL A 1 78  ? 4.949   -3.602  -13.579 1.00 16.68 ? 70  VAL A CG1 1 
ATOM   641  C CG2 . VAL A 1 78  ? 2.665   -2.998  -12.731 1.00 17.12 ? 70  VAL A CG2 1 
ATOM   642  N N   . PHE A 1 79  ? 6.203   -0.454  -14.736 1.00 22.99 ? 71  PHE A N   1 
ATOM   643  C CA  . PHE A 1 79  ? 7.118   -0.055  -15.787 1.00 26.40 ? 71  PHE A CA  1 
ATOM   644  C C   . PHE A 1 79  ? 8.004   -1.170  -16.292 1.00 27.67 ? 71  PHE A C   1 
ATOM   645  O O   . PHE A 1 79  ? 9.112   -1.402  -15.801 1.00 28.74 ? 71  PHE A O   1 
ATOM   646  C CB  . PHE A 1 79  ? 7.930   1.139   -15.299 1.00 27.16 ? 71  PHE A CB  1 
ATOM   647  C CG  . PHE A 1 79  ? 7.067   2.296   -14.857 1.00 29.04 ? 71  PHE A CG  1 
ATOM   648  C CD1 . PHE A 1 79  ? 6.463   2.296   -13.601 1.00 28.72 ? 71  PHE A CD1 1 
ATOM   649  C CD2 . PHE A 1 79  ? 6.805   3.360   -15.719 1.00 28.57 ? 71  PHE A CD2 1 
ATOM   650  C CE1 . PHE A 1 79  ? 5.607   3.340   -13.215 1.00 28.70 ? 71  PHE A CE1 1 
ATOM   651  C CE2 . PHE A 1 79  ? 5.952   4.403   -15.336 1.00 27.04 ? 71  PHE A CE2 1 
ATOM   652  C CZ  . PHE A 1 79  ? 5.355   4.390   -14.089 1.00 25.87 ? 71  PHE A CZ  1 
ATOM   653  N N   . VAL A 1 80  ? 7.479   -1.877  -17.278 1.00 29.68 ? 72  VAL A N   1 
ATOM   654  C CA  . VAL A 1 80  ? 8.185   -2.976  -17.897 1.00 31.55 ? 72  VAL A CA  1 
ATOM   655  C C   . VAL A 1 80  ? 9.194   -2.364  -18.878 1.00 35.70 ? 72  VAL A C   1 
ATOM   656  O O   . VAL A 1 80  ? 8.965   -1.273  -19.412 1.00 34.89 ? 72  VAL A O   1 
ATOM   657  C CB  . VAL A 1 80  ? 7.199   -3.870  -18.670 1.00 29.23 ? 72  VAL A CB  1 
ATOM   658  C CG1 . VAL A 1 80  ? 6.142   -4.414  -17.727 1.00 28.28 ? 72  VAL A CG1 1 
ATOM   659  C CG2 . VAL A 1 80  ? 6.546   -3.067  -19.791 1.00 29.64 ? 72  VAL A CG2 1 
ATOM   660  N N   . PRO A 1 81  ? 10.326  -3.054  -19.126 1.00 37.25 ? 73  PRO A N   1 
ATOM   661  C CA  . PRO A 1 81  ? 11.285  -2.473  -20.063 1.00 38.52 ? 73  PRO A CA  1 
ATOM   662  C C   . PRO A 1 81  ? 10.609  -2.062  -21.380 1.00 39.84 ? 73  PRO A C   1 
ATOM   663  O O   . PRO A 1 81  ? 9.873   -2.847  -21.983 1.00 39.03 ? 73  PRO A O   1 
ATOM   664  C CB  . PRO A 1 81  ? 12.324  -3.588  -20.225 1.00 39.07 ? 73  PRO A CB  1 
ATOM   665  C CG  . PRO A 1 81  ? 11.565  -4.834  -19.916 1.00 38.31 ? 73  PRO A CG  1 
ATOM   666  C CD  . PRO A 1 81  ? 10.731  -4.416  -18.742 1.00 37.60 ? 73  PRO A CD  1 
ATOM   667  N N   . GLY A 1 82  ? 10.838  -0.815  -21.796 1.00 41.64 ? 74  GLY A N   1 
ATOM   668  C CA  . GLY A 1 82  ? 10.248  -0.315  -23.028 1.00 42.95 ? 74  GLY A CA  1 
ATOM   669  C C   . GLY A 1 82  ? 8.732   -0.390  -23.030 1.00 43.92 ? 74  GLY A C   1 
ATOM   670  O O   . GLY A 1 82  ? 8.134   -1.296  -23.629 1.00 44.67 ? 74  GLY A O   1 
ATOM   671  N N   . GLY A 1 83  ? 8.107   0.573   -22.360 1.00 43.83 ? 75  GLY A N   1 
ATOM   672  C CA  . GLY A 1 83  ? 6.657   0.605   -22.276 1.00 41.68 ? 75  GLY A CA  1 
ATOM   673  C C   . GLY A 1 83  ? 6.209   0.431   -20.838 1.00 40.09 ? 75  GLY A C   1 
ATOM   674  O O   . GLY A 1 83  ? 6.944   -0.098  -20.005 1.00 41.06 ? 75  GLY A O   1 
ATOM   675  N N   . VAL A 1 84  ? 5.009   0.890   -20.529 1.00 36.40 ? 76  VAL A N   1 
ATOM   676  C CA  . VAL A 1 84  ? 4.503   0.754   -19.178 1.00 33.31 ? 76  VAL A CA  1 
ATOM   677  C C   . VAL A 1 84  ? 3.117   0.136   -19.240 1.00 31.93 ? 76  VAL A C   1 
ATOM   678  O O   . VAL A 1 84  ? 2.324   0.446   -20.127 1.00 30.97 ? 76  VAL A O   1 
ATOM   679  C CB  . VAL A 1 84  ? 4.439   2.124   -18.460 1.00 32.94 ? 76  VAL A CB  1 
ATOM   680  C CG1 . VAL A 1 84  ? 3.668   3.103   -19.295 1.00 32.81 ? 76  VAL A CG1 1 
ATOM   681  C CG2 . VAL A 1 84  ? 3.781   1.978   -17.106 1.00 31.81 ? 76  VAL A CG2 1 
ATOM   682  N N   . LYS A 1 85  ? 2.839   -0.766  -18.310 1.00 28.77 ? 77  LYS A N   1 
ATOM   683  C CA  . LYS A 1 85  ? 1.543   -1.413  -18.253 1.00 27.31 ? 77  LYS A CA  1 
ATOM   684  C C   . LYS A 1 85  ? 0.668   -0.564  -17.345 1.00 25.51 ? 77  LYS A C   1 
ATOM   685  O O   . LYS A 1 85  ? 1.151   -0.001  -16.366 1.00 26.82 ? 77  LYS A O   1 
ATOM   686  C CB  . LYS A 1 85  ? 1.688   -2.823  -17.676 1.00 28.83 ? 77  LYS A CB  1 
ATOM   687  C CG  . LYS A 1 85  ? 2.565   -3.736  -18.500 1.00 31.29 ? 77  LYS A CG  1 
ATOM   688  C CD  . LYS A 1 85  ? 1.958   -3.974  -19.871 1.00 32.92 ? 77  LYS A CD  1 
ATOM   689  C CE  . LYS A 1 85  ? 2.870   -4.829  -20.739 1.00 36.15 ? 77  LYS A CE  1 
ATOM   690  N NZ  . LYS A 1 85  ? 2.301   -4.956  -22.108 1.00 37.38 ? 77  LYS A NZ  1 
ATOM   691  N N   . MET A 1 86  ? -0.614  -0.459  -17.665 1.00 23.34 ? 78  MET A N   1 
ATOM   692  C CA  . MET A 1 86  ? -1.518  0.330   -16.844 1.00 22.30 ? 78  MET A CA  1 
ATOM   693  C C   . MET A 1 86  ? -2.848  -0.390  -16.718 1.00 20.93 ? 78  MET A C   1 
ATOM   694  O O   . MET A 1 86  ? -3.343  -0.954  -17.688 1.00 21.28 ? 78  MET A O   1 
ATOM   695  C CB  . MET A 1 86  ? -1.716  1.719   -17.467 1.00 23.10 ? 78  MET A CB  1 
ATOM   696  C CG  . MET A 1 86  ? -2.556  2.690   -16.638 1.00 24.07 ? 78  MET A CG  1 
ATOM   697  S SD  . MET A 1 86  ? -4.326  2.424   -16.725 1.00 21.88 ? 78  MET A SD  1 
ATOM   698  C CE  . MET A 1 86  ? -4.733  3.388   -18.137 1.00 28.33 ? 78  MET A CE  1 
ATOM   699  N N   . VAL A 1 87  ? -3.412  -0.383  -15.512 1.00 19.73 ? 79  VAL A N   1 
ATOM   700  C CA  . VAL A 1 87  ? -4.701  -1.023  -15.249 1.00 18.90 ? 79  VAL A CA  1 
ATOM   701  C C   . VAL A 1 87  ? -5.511  -0.174  -14.271 1.00 18.87 ? 79  VAL A C   1 
ATOM   702  O O   . VAL A 1 87  ? -4.991  0.751   -13.660 1.00 19.09 ? 79  VAL A O   1 
ATOM   703  C CB  . VAL A 1 87  ? -4.540  -2.445  -14.619 1.00 18.40 ? 79  VAL A CB  1 
ATOM   704  C CG1 . VAL A 1 87  ? -3.758  -3.348  -15.546 1.00 18.30 ? 79  VAL A CG1 1 
ATOM   705  C CG2 . VAL A 1 87  ? -3.851  -2.352  -13.263 1.00 17.02 ? 79  VAL A CG2 1 
ATOM   706  N N   . PHE A 1 88  ? -6.790  -0.496  -14.142 1.00 20.45 ? 80  PHE A N   1 
ATOM   707  C CA  . PHE A 1 88  ? -7.688  0.197   -13.219 1.00 21.91 ? 80  PHE A CA  1 
ATOM   708  C C   . PHE A 1 88  ? -8.403  -0.882  -12.403 1.00 21.10 ? 80  PHE A C   1 
ATOM   709  O O   . PHE A 1 88  ? -8.555  -2.011  -12.861 1.00 22.53 ? 80  PHE A O   1 
ATOM   710  C CB  . PHE A 1 88  ? -8.751  0.988   -13.978 1.00 22.45 ? 80  PHE A CB  1 
ATOM   711  C CG  . PHE A 1 88  ? -8.231  2.176   -14.730 1.00 24.94 ? 80  PHE A CG  1 
ATOM   712  C CD1 . PHE A 1 88  ? -7.642  3.245   -14.057 1.00 27.01 ? 80  PHE A CD1 1 
ATOM   713  C CD2 . PHE A 1 88  ? -8.412  2.270   -16.111 1.00 25.11 ? 80  PHE A CD2 1 
ATOM   714  C CE1 . PHE A 1 88  ? -7.248  4.400   -14.750 1.00 28.36 ? 80  PHE A CE1 1 
ATOM   715  C CE2 . PHE A 1 88  ? -8.025  3.414   -16.813 1.00 25.37 ? 80  PHE A CE2 1 
ATOM   716  C CZ  . PHE A 1 88  ? -7.445  4.482   -16.133 1.00 26.25 ? 80  PHE A CZ  1 
ATOM   717  N N   . ALA A 1 89  ? -8.846  -0.538  -11.204 1.00 21.35 ? 81  ALA A N   1 
ATOM   718  C CA  . ALA A 1 89  ? -9.578  -1.481  -10.365 1.00 21.59 ? 81  ALA A CA  1 
ATOM   719  C C   . ALA A 1 89  ? -10.226 -0.684  -9.237  1.00 21.67 ? 81  ALA A C   1 
ATOM   720  O O   . ALA A 1 89  ? -9.843  0.458   -8.987  1.00 18.80 ? 81  ALA A O   1 
ATOM   721  C CB  . ALA A 1 89  ? -8.633  -2.542  -9.805  1.00 21.85 ? 81  ALA A CB  1 
ATOM   722  N N   . GLU A 1 90  ? -11.214 -1.270  -8.568  1.00 22.56 ? 82  GLU A N   1 
ATOM   723  C CA  . GLU A 1 90  ? -11.888 -0.568  -7.484  1.00 24.40 ? 82  GLU A CA  1 
ATOM   724  C C   . GLU A 1 90  ? -11.133 -0.688  -6.170  1.00 23.71 ? 82  GLU A C   1 
ATOM   725  O O   . GLU A 1 90  ? -11.370 0.078   -5.237  1.00 23.39 ? 82  GLU A O   1 
ATOM   726  C CB  . GLU A 1 90  ? -13.317 -1.082  -7.312  1.00 27.53 ? 82  GLU A CB  1 
ATOM   727  C CG  . GLU A 1 90  ? -14.284 -0.630  -8.410  1.00 34.17 ? 82  GLU A CG  1 
ATOM   728  C CD  . GLU A 1 90  ? -14.302 0.899   -8.653  1.00 37.47 ? 82  GLU A CD  1 
ATOM   729  O OE1 . GLU A 1 90  ? -13.862 1.689   -7.782  1.00 35.93 ? 82  GLU A OE1 1 
ATOM   730  O OE2 . GLU A 1 90  ? -14.785 1.311   -9.733  1.00 40.15 ? 82  GLU A OE2 1 
ATOM   731  N N   . THR A 1 91  ? -10.224 -1.656  -6.090  1.00 22.50 ? 83  THR A N   1 
ATOM   732  C CA  . THR A 1 91  ? -9.436  -1.828  -4.875  1.00 20.64 ? 83  THR A CA  1 
ATOM   733  C C   . THR A 1 91  ? -7.960  -1.858  -5.237  1.00 20.26 ? 83  THR A C   1 
ATOM   734  O O   . THR A 1 91  ? -7.590  -2.256  -6.349  1.00 19.06 ? 83  THR A O   1 
ATOM   735  C CB  . THR A 1 91  ? -9.790  -3.135  -4.124  1.00 19.59 ? 83  THR A CB  1 
ATOM   736  O OG1 . THR A 1 91  ? -9.310  -4.262  -4.862  1.00 20.38 ? 83  THR A OG1 1 
ATOM   737  C CG2 . THR A 1 91  ? -11.290 -3.256  -3.956  1.00 19.46 ? 83  THR A CG2 1 
ATOM   738  N N   . ALA A 1 92  ? -7.121  -1.421  -4.303  1.00 17.69 ? 84  ALA A N   1 
ATOM   739  C CA  . ALA A 1 92  ? -5.691  -1.407  -4.536  1.00 19.02 ? 84  ALA A CA  1 
ATOM   740  C C   . ALA A 1 92  ? -5.161  -2.833  -4.749  1.00 18.46 ? 84  ALA A C   1 
ATOM   741  O O   . ALA A 1 92  ? -4.341  -3.059  -5.629  1.00 19.50 ? 84  ALA A O   1 
ATOM   742  C CB  . ALA A 1 92  ? -4.969  -0.718  -3.358  1.00 17.51 ? 84  ALA A CB  1 
ATOM   743  N N   . PRO A 1 93  ? -5.623  -3.814  -3.950  1.00 19.25 ? 85  PRO A N   1 
ATOM   744  C CA  . PRO A 1 93  ? -5.116  -5.179  -4.159  1.00 19.05 ? 85  PRO A CA  1 
ATOM   745  C C   . PRO A 1 93  ? -5.424  -5.740  -5.552  1.00 19.15 ? 85  PRO A C   1 
ATOM   746  O O   . PRO A 1 93  ? -4.603  -6.444  -6.127  1.00 18.94 ? 85  PRO A O   1 
ATOM   747  C CB  . PRO A 1 93  ? -5.797  -5.979  -3.045  1.00 19.28 ? 85  PRO A CB  1 
ATOM   748  C CG  . PRO A 1 93  ? -5.941  -4.954  -1.942  1.00 18.39 ? 85  PRO A CG  1 
ATOM   749  C CD  . PRO A 1 93  ? -6.411  -3.731  -2.703  1.00 18.67 ? 85  PRO A CD  1 
ATOM   750  N N   . MET A 1 94  ? -6.599  -5.438  -6.098  1.00 19.31 ? 86  MET A N   1 
ATOM   751  C CA  . MET A 1 94  ? -6.939  -5.945  -7.429  1.00 20.46 ? 86  MET A CA  1 
ATOM   752  C C   . MET A 1 94  ? -6.180  -5.227  -8.555  1.00 20.34 ? 86  MET A C   1 
ATOM   753  O O   . MET A 1 94  ? -5.791  -5.860  -9.539  1.00 19.36 ? 86  MET A O   1 
ATOM   754  C CB  . MET A 1 94  ? -8.448  -5.839  -7.685  1.00 22.00 ? 86  MET A CB  1 
ATOM   755  C CG  . MET A 1 94  ? -8.914  -6.441  -9.027  1.00 20.97 ? 86  MET A CG  1 
ATOM   756  S SD  . MET A 1 94  ? -8.542  -8.195  -9.306  1.00 17.60 ? 86  MET A SD  1 
ATOM   757  C CE  . MET A 1 94  ? -9.839  -8.949  -8.450  1.00 20.53 ? 86  MET A CE  1 
ATOM   758  N N   . ALA A 1 95  ? -5.977  -3.917  -8.414  1.00 18.77 ? 87  ALA A N   1 
ATOM   759  C CA  . ALA A 1 95  ? -5.259  -3.141  -9.426  1.00 18.19 ? 87  ALA A CA  1 
ATOM   760  C C   . ALA A 1 95  ? -3.807  -3.587  -9.452  1.00 18.00 ? 87  ALA A C   1 
ATOM   761  O O   . ALA A 1 95  ? -3.192  -3.638  -10.513 1.00 17.30 ? 87  ALA A O   1 
ATOM   762  C CB  . ALA A 1 95  ? -5.336  -1.662  -9.112  1.00 17.99 ? 87  ALA A CB  1 
ATOM   763  N N   . ILE A 1 96  ? -3.268  -3.899  -8.272  1.00 17.50 ? 88  ILE A N   1 
ATOM   764  C CA  . ILE A 1 96  ? -1.891  -4.373  -8.128  1.00 15.43 ? 88  ILE A CA  1 
ATOM   765  C C   . ILE A 1 96  ? -1.751  -5.716  -8.829  1.00 16.63 ? 88  ILE A C   1 
ATOM   766  O O   . ILE A 1 96  ? -0.836  -5.921  -9.630  1.00 17.53 ? 88  ILE A O   1 
ATOM   767  C CB  . ILE A 1 96  ? -1.501  -4.551  -6.637  1.00 15.77 ? 88  ILE A CB  1 
ATOM   768  C CG1 . ILE A 1 96  ? -1.251  -3.180  -5.995  1.00 13.76 ? 88  ILE A CG1 1 
ATOM   769  C CG2 . ILE A 1 96  ? -0.291  -5.472  -6.518  1.00 14.87 ? 88  ILE A CG2 1 
ATOM   770  C CD1 . ILE A 1 96  ? -1.063  -3.223  -4.480  1.00 13.43 ? 88  ILE A CD1 1 
ATOM   771  N N   . CYS A 1 97  ? -2.663  -6.636  -8.541  1.00 16.19 ? 89  CYS A N   1 
ATOM   772  C CA  . CYS A 1 97  ? -2.601  -7.948  -9.173  1.00 16.33 ? 89  CYS A CA  1 
ATOM   773  C C   . CYS A 1 97  ? -2.793  -7.864  -10.679 1.00 16.22 ? 89  CYS A C   1 
ATOM   774  O O   . CYS A 1 97  ? -2.065  -8.517  -11.423 1.00 16.27 ? 89  CYS A O   1 
ATOM   775  C CB  . CYS A 1 97  ? -3.628  -8.888  -8.546  1.00 17.05 ? 89  CYS A CB  1 
ATOM   776  S SG  . CYS A 1 97  ? -3.109  -9.427  -6.888  1.00 20.21 ? 89  CYS A SG  1 
ATOM   777  N N   . LYS A 1 98  ? -3.760  -7.070  -11.135 1.00 15.64 ? 90  LYS A N   1 
ATOM   778  C CA  . LYS A 1 98  ? -3.971  -6.918  -12.572 1.00 17.74 ? 90  LYS A CA  1 
ATOM   779  C C   . LYS A 1 98  ? -2.718  -6.318  -13.245 1.00 17.92 ? 90  LYS A C   1 
ATOM   780  O O   . LYS A 1 98  ? -2.348  -6.724  -14.349 1.00 19.44 ? 90  LYS A O   1 
ATOM   781  C CB  . LYS A 1 98  ? -5.190  -6.027  -12.868 1.00 17.81 ? 90  LYS A CB  1 
ATOM   782  C CG  . LYS A 1 98  ? -6.483  -6.549  -12.305 1.00 18.27 ? 90  LYS A CG  1 
ATOM   783  C CD  . LYS A 1 98  ? -7.682  -6.227  -13.189 1.00 21.33 ? 90  LYS A CD  1 
ATOM   784  C CE  . LYS A 1 98  ? -7.763  -4.769  -13.577 1.00 24.24 ? 90  LYS A CE  1 
ATOM   785  N NZ  . LYS A 1 98  ? -9.033  -4.439  -14.295 1.00 25.90 ? 90  LYS A NZ  1 
ATOM   786  N N   . GLY A 1 99  ? -2.069  -5.358  -12.588 1.00 17.10 ? 91  GLY A N   1 
ATOM   787  C CA  . GLY A 1 99  ? -0.878  -4.760  -13.167 1.00 17.36 ? 91  GLY A CA  1 
ATOM   788  C C   . GLY A 1 99  ? 0.236   -5.786  -13.270 1.00 20.20 ? 91  GLY A C   1 
ATOM   789  O O   . GLY A 1 99  ? 0.937   -5.867  -14.282 1.00 19.39 ? 91  GLY A O   1 
ATOM   790  N N   . ALA A 1 100 ? 0.396   -6.585  -12.215 1.00 19.33 ? 92  ALA A N   1 
ATOM   791  C CA  . ALA A 1 100 ? 1.428   -7.611  -12.184 1.00 19.24 ? 92  ALA A CA  1 
ATOM   792  C C   . ALA A 1 100 ? 1.221   -8.602  -13.317 1.00 19.17 ? 92  ALA A C   1 
ATOM   793  O O   . ALA A 1 100 ? 2.162   -8.937  -14.029 1.00 21.02 ? 92  ALA A O   1 
ATOM   794  C CB  . ALA A 1 100 ? 1.405   -8.341  -10.843 1.00 19.16 ? 92  ALA A CB  1 
ATOM   795  N N   . LEU A 1 101 ? -0.010  -9.076  -13.480 1.00 17.60 ? 93  LEU A N   1 
ATOM   796  C CA  . LEU A 1 101 ? -0.311  -10.035 -14.535 1.00 19.53 ? 93  LEU A CA  1 
ATOM   797  C C   . LEU A 1 101 ? -0.132  -9.428  -15.925 1.00 20.83 ? 93  LEU A C   1 
ATOM   798  O O   . LEU A 1 101 ? 0.229   -10.133 -16.857 1.00 22.91 ? 93  LEU A O   1 
ATOM   799  C CB  . LEU A 1 101 ? -1.733  -10.591 -14.376 1.00 17.27 ? 93  LEU A CB  1 
ATOM   800  C CG  . LEU A 1 101 ? -1.986  -11.464 -13.134 1.00 18.99 ? 93  LEU A CG  1 
ATOM   801  C CD1 . LEU A 1 101 ? -3.452  -11.864 -13.072 1.00 16.48 ? 93  LEU A CD1 1 
ATOM   802  C CD2 . LEU A 1 101 ? -1.098  -12.704 -13.160 1.00 18.73 ? 93  LEU A CD2 1 
ATOM   803  N N   . ALA A 1 102 ? -0.370  -8.125  -16.061 1.00 21.30 ? 94  ALA A N   1 
ATOM   804  C CA  . ALA A 1 102 ? -0.209  -7.445  -17.347 1.00 23.29 ? 94  ALA A CA  1 
ATOM   805  C C   . ALA A 1 102 ? 1.266   -7.342  -17.739 1.00 25.42 ? 94  ALA A C   1 
ATOM   806  O O   . ALA A 1 102 ? 1.611   -7.339  -18.922 1.00 27.65 ? 94  ALA A O   1 
ATOM   807  C CB  . ALA A 1 102 ? -0.823  -6.052  -17.288 1.00 20.22 ? 94  ALA A CB  1 
ATOM   808  N N   . SER A 1 103 ? 2.141   -7.269  -16.744 1.00 27.24 ? 95  SER A N   1 
ATOM   809  C CA  . SER A 1 103 ? 3.569   -7.152  -16.997 1.00 28.47 ? 95  SER A CA  1 
ATOM   810  C C   . SER A 1 103 ? 4.225   -8.488  -17.350 1.00 30.28 ? 95  SER A C   1 
ATOM   811  O O   . SER A 1 103 ? 5.409   -8.536  -17.673 1.00 30.49 ? 95  SER A O   1 
ATOM   812  C CB  . SER A 1 103 ? 4.258   -6.559  -15.775 1.00 26.84 ? 95  SER A CB  1 
ATOM   813  O OG  . SER A 1 103 ? 4.260   -7.493  -14.710 1.00 28.85 ? 95  SER A OG  1 
ATOM   814  N N   . VAL A 1 104 ? 3.468   -9.577  -17.274 1.00 32.97 ? 96  VAL A N   1 
ATOM   815  C CA  . VAL A 1 104 ? 4.023   -10.888 -17.605 1.00 35.39 ? 96  VAL A CA  1 
ATOM   816  C C   . VAL A 1 104 ? 3.463   -11.390 -18.932 1.00 37.60 ? 96  VAL A C   1 
ATOM   817  O O   . VAL A 1 104 ? 4.168   -12.183 -19.588 1.00 40.60 ? 96  VAL A O   1 
ATOM   818  C CB  . VAL A 1 104 ? 3.751   -11.946 -16.488 1.00 34.89 ? 96  VAL A CB  1 
ATOM   819  C CG1 . VAL A 1 104 ? 4.207   -11.403 -15.143 1.00 35.14 ? 96  VAL A CG1 1 
ATOM   820  C CG2 . VAL A 1 104 ? 2.285   -12.320 -16.442 1.00 34.89 ? 96  VAL A CG2 1 
ATOM   821  N N   . ASN B 1 1   ? 15.475  33.673  15.165  1.00 40.48 ? -7  ASN B N   1 
ATOM   822  C CA  . ASN B 1 1   ? 15.303  32.196  15.058  1.00 40.76 ? -7  ASN B CA  1 
ATOM   823  C C   . ASN B 1 1   ? 13.944  31.838  15.663  1.00 40.85 ? -7  ASN B C   1 
ATOM   824  O O   . ASN B 1 1   ? 13.752  31.895  16.880  1.00 40.90 ? -7  ASN B O   1 
ATOM   825  C CB  . ASN B 1 1   ? 16.442  31.484  15.794  1.00 41.55 ? -7  ASN B CB  1 
ATOM   826  C CG  . ASN B 1 1   ? 16.750  30.111  15.208  1.00 45.24 ? -7  ASN B CG  1 
ATOM   827  O OD1 . ASN B 1 1   ? 16.021  29.140  15.434  1.00 45.92 ? -7  ASN B OD1 1 
ATOM   828  N ND2 . ASN B 1 1   ? 17.832  30.031  14.436  1.00 46.23 ? -7  ASN B ND2 1 
ATOM   829  N N   . LEU B 1 2   ? 13.003  31.465  14.798  1.00 40.93 ? -6  LEU B N   1 
ATOM   830  C CA  . LEU B 1 2   ? 11.638  31.146  15.211  1.00 40.93 ? -6  LEU B CA  1 
ATOM   831  C C   . LEU B 1 2   ? 11.365  29.652  15.364  1.00 40.18 ? -6  LEU B C   1 
ATOM   832  O O   . LEU B 1 2   ? 10.581  29.243  16.219  1.00 39.22 ? -6  LEU B O   1 
ATOM   833  C CB  . LEU B 1 2   ? 10.666  31.742  14.189  1.00 42.34 ? -6  LEU B CB  1 
ATOM   834  C CG  . LEU B 1 2   ? 9.226   32.052  14.588  1.00 44.02 ? -6  LEU B CG  1 
ATOM   835  C CD1 . LEU B 1 2   ? 9.204   33.233  15.547  1.00 42.84 ? -6  LEU B CD1 1 
ATOM   836  C CD2 . LEU B 1 2   ? 8.421   32.371  13.323  1.00 45.03 ? -6  LEU B CD2 1 
ATOM   837  N N   . TYR B 1 3   ? 12.007  28.839  14.533  1.00 40.07 ? -5  TYR B N   1 
ATOM   838  C CA  . TYR B 1 3   ? 11.803  27.397  14.590  1.00 40.57 ? -5  TYR B CA  1 
ATOM   839  C C   . TYR B 1 3   ? 12.992  26.629  15.166  1.00 39.04 ? -5  TYR B C   1 
ATOM   840  O O   . TYR B 1 3   ? 14.142  27.075  15.099  1.00 37.08 ? -5  TYR B O   1 
ATOM   841  C CB  . TYR B 1 3   ? 11.441  26.860  13.195  1.00 43.01 ? -5  TYR B CB  1 
ATOM   842  C CG  . TYR B 1 3   ? 10.125  27.407  12.675  1.00 46.15 ? -5  TYR B CG  1 
ATOM   843  C CD1 . TYR B 1 3   ? 10.019  28.728  12.230  1.00 46.98 ? -5  TYR B CD1 1 
ATOM   844  C CD2 . TYR B 1 3   ? 8.968   26.625  12.701  1.00 48.01 ? -5  TYR B CD2 1 
ATOM   845  C CE1 . TYR B 1 3   ? 8.789   29.260  11.830  1.00 49.07 ? -5  TYR B CE1 1 
ATOM   846  C CE2 . TYR B 1 3   ? 7.732   27.144  12.304  1.00 49.61 ? -5  TYR B CE2 1 
ATOM   847  C CZ  . TYR B 1 3   ? 7.647   28.463  11.873  1.00 49.94 ? -5  TYR B CZ  1 
ATOM   848  O OH  . TYR B 1 3   ? 6.420   28.981  11.501  1.00 50.05 ? -5  TYR B OH  1 
ATOM   849  N N   . PHE B 1 4   ? 12.694  25.465  15.733  1.00 38.08 ? -4  PHE B N   1 
ATOM   850  C CA  . PHE B 1 4   ? 13.709  24.623  16.355  1.00 38.32 ? -4  PHE B CA  1 
ATOM   851  C C   . PHE B 1 4   ? 13.479  23.159  15.986  1.00 37.55 ? -4  PHE B C   1 
ATOM   852  O O   . PHE B 1 4   ? 12.337  22.739  15.771  1.00 36.54 ? -4  PHE B O   1 
ATOM   853  C CB  . PHE B 1 4   ? 13.650  24.821  17.883  1.00 38.03 ? -4  PHE B CB  1 
ATOM   854  C CG  . PHE B 1 4   ? 13.846  26.257  18.306  1.00 38.02 ? -4  PHE B CG  1 
ATOM   855  C CD1 . PHE B 1 4   ? 15.113  26.739  18.631  1.00 37.41 ? -4  PHE B CD1 1 
ATOM   856  C CD2 . PHE B 1 4   ? 12.780  27.158  18.277  1.00 38.08 ? -4  PHE B CD2 1 
ATOM   857  C CE1 . PHE B 1 4   ? 15.319  28.092  18.910  1.00 35.89 ? -4  PHE B CE1 1 
ATOM   858  C CE2 . PHE B 1 4   ? 12.979  28.519  18.555  1.00 36.98 ? -4  PHE B CE2 1 
ATOM   859  C CZ  . PHE B 1 4   ? 14.249  28.982  18.869  1.00 35.14 ? -4  PHE B CZ  1 
ATOM   860  N N   . GLN B 1 5   ? 14.556  22.383  15.899  1.00 37.19 ? -3  GLN B N   1 
ATOM   861  C CA  . GLN B 1 5   ? 14.408  20.972  15.560  1.00 37.05 ? -3  GLN B CA  1 
ATOM   862  C C   . GLN B 1 5   ? 13.928  20.163  16.756  1.00 36.87 ? -3  GLN B C   1 
ATOM   863  O O   . GLN B 1 5   ? 14.518  20.219  17.839  1.00 36.99 ? -3  GLN B O   1 
ATOM   864  C CB  . GLN B 1 5   ? 15.718  20.376  15.067  1.00 36.58 ? -3  GLN B CB  1 
ATOM   865  C CG  . GLN B 1 5   ? 15.553  18.935  14.636  1.00 37.79 ? -3  GLN B CG  1 
ATOM   866  C CD  . GLN B 1 5   ? 16.826  18.341  14.101  1.00 39.62 ? -3  GLN B CD  1 
ATOM   867  O OE1 . GLN B 1 5   ? 17.772  18.085  14.851  1.00 39.58 ? -3  GLN B OE1 1 
ATOM   868  N NE2 . GLN B 1 5   ? 16.868  18.124  12.791  1.00 41.69 ? -3  GLN B NE2 1 
ATOM   869  N N   . SER B 1 6   ? 12.854  19.411  16.545  1.00 34.80 ? -2  SER B N   1 
ATOM   870  C CA  . SER B 1 6   ? 12.264  18.569  17.573  1.00 33.27 ? -2  SER B CA  1 
ATOM   871  C C   . SER B 1 6   ? 13.204  17.436  17.994  1.00 32.48 ? -2  SER B C   1 
ATOM   872  O O   . SER B 1 6   ? 14.269  17.234  17.400  1.00 29.93 ? -2  SER B O   1 
ATOM   873  C CB  . SER B 1 6   ? 10.983  17.946  17.035  1.00 33.93 ? -2  SER B CB  1 
ATOM   874  O OG  . SER B 1 6   ? 11.295  16.992  16.026  1.00 34.11 ? -2  SER B OG  1 
ATOM   875  N N   . ASN B 1 7   ? 12.795  16.695  19.023  1.00 32.80 ? -1  ASN B N   1 
ATOM   876  C CA  . ASN B 1 7   ? 13.575  15.553  19.482  1.00 33.51 ? -1  ASN B CA  1 
ATOM   877  C C   . ASN B 1 7   ? 13.357  14.478  18.426  1.00 34.17 ? -1  ASN B C   1 
ATOM   878  O O   . ASN B 1 7   ? 12.464  14.603  17.590  1.00 32.79 ? -1  ASN B O   1 
ATOM   879  C CB  . ASN B 1 7   ? 13.079  15.041  20.841  1.00 32.48 ? -1  ASN B CB  1 
ATOM   880  C CG  . ASN B 1 7   ? 13.448  15.961  21.991  1.00 33.00 ? -1  ASN B CG  1 
ATOM   881  O OD1 . ASN B 1 7   ? 12.696  16.870  22.345  1.00 31.42 ? -1  ASN B OD1 1 
ATOM   882  N ND2 . ASN B 1 7   ? 14.617  15.733  22.576  1.00 32.04 ? -1  ASN B ND2 1 
ATOM   883  N N   . ALA B 1 8   ? 14.172  13.429  18.461  1.00 36.37 ? 0   ALA B N   1 
ATOM   884  C CA  . ALA B 1 8   ? 14.059  12.340  17.495  1.00 38.49 ? 0   ALA B CA  1 
ATOM   885  C C   . ALA B 1 8   ? 12.659  11.732  17.497  1.00 39.17 ? 0   ALA B C   1 
ATOM   886  O O   . ALA B 1 8   ? 11.999  11.674  18.532  1.00 37.58 ? 0   ALA B O   1 
ATOM   887  C CB  . ALA B 1 8   ? 15.110  11.261  17.793  1.00 38.52 ? 0   ALA B CB  1 
ATOM   888  N N   . MET B 1 9   ? 12.223  11.285  16.321  1.00 41.47 ? 1   MET B N   1 
ATOM   889  C CA  . MET B 1 9   ? 10.908  10.679  16.133  1.00 43.37 ? 1   MET B CA  1 
ATOM   890  C C   . MET B 1 9   ? 11.011  9.195   15.856  1.00 41.74 ? 1   MET B C   1 
ATOM   891  O O   . MET B 1 9   ? 11.625  8.789   14.879  1.00 41.65 ? 1   MET B O   1 
ATOM   892  C CB  . MET B 1 9   ? 10.192  11.324  14.950  1.00 49.10 ? 1   MET B CB  1 
ATOM   893  C CG  . MET B 1 9   ? 9.773   12.749  15.173  1.00 54.79 ? 1   MET B CG  1 
ATOM   894  S SD  . MET B 1 9   ? 8.616   12.813  16.531  1.00 63.25 ? 1   MET B SD  1 
ATOM   895  C CE  . MET B 1 9   ? 9.661   13.507  17.835  1.00 62.55 ? 1   MET B CE  1 
ATOM   896  N N   . LYS B 1 10  ? 10.403  8.387   16.708  1.00 40.52 ? 2   LYS B N   1 
ATOM   897  C CA  . LYS B 1 10  ? 10.417  6.947   16.508  1.00 40.88 ? 2   LYS B CA  1 
ATOM   898  C C   . LYS B 1 10  ? 9.118   6.595   15.787  1.00 39.50 ? 2   LYS B C   1 
ATOM   899  O O   . LYS B 1 10  ? 8.168   7.376   15.807  1.00 39.47 ? 2   LYS B O   1 
ATOM   900  C CB  . LYS B 1 10  ? 10.485  6.224   17.853  1.00 42.75 ? 2   LYS B CB  1 
ATOM   901  C CG  . LYS B 1 10  ? 11.634  6.679   18.736  1.00 46.35 ? 2   LYS B CG  1 
ATOM   902  C CD  . LYS B 1 10  ? 12.970  6.559   18.017  1.00 48.50 ? 2   LYS B CD  1 
ATOM   903  C CE  . LYS B 1 10  ? 14.121  6.994   18.908  1.00 50.14 ? 2   LYS B CE  1 
ATOM   904  N NZ  . LYS B 1 10  ? 15.413  6.965   18.172  1.00 51.48 ? 2   LYS B NZ  1 
ATOM   905  N N   . PRO B 1 11  ? 9.059   5.421   15.134  1.00 37.62 ? 3   PRO B N   1 
ATOM   906  C CA  . PRO B 1 11  ? 7.836   5.037   14.427  1.00 36.39 ? 3   PRO B CA  1 
ATOM   907  C C   . PRO B 1 11  ? 6.604   5.158   15.309  1.00 36.11 ? 3   PRO B C   1 
ATOM   908  O O   . PRO B 1 11  ? 5.546   5.593   14.855  1.00 34.92 ? 3   PRO B O   1 
ATOM   909  C CB  . PRO B 1 11  ? 8.121   3.601   14.010  1.00 36.38 ? 3   PRO B CB  1 
ATOM   910  C CG  . PRO B 1 11  ? 9.583   3.645   13.732  1.00 36.95 ? 3   PRO B CG  1 
ATOM   911  C CD  . PRO B 1 11  ? 10.108  4.407   14.938  1.00 37.37 ? 3   PRO B CD  1 
ATOM   912  N N   . ARG B 1 12  ? 6.747   4.783   16.576  1.00 36.35 ? 4   ARG B N   1 
ATOM   913  C CA  . ARG B 1 12  ? 5.627   4.863   17.494  1.00 37.61 ? 4   ARG B CA  1 
ATOM   914  C C   . ARG B 1 12  ? 5.146   6.286   17.701  1.00 37.05 ? 4   ARG B C   1 
ATOM   915  O O   . ARG B 1 12  ? 3.978   6.508   18.019  1.00 37.06 ? 4   ARG B O   1 
ATOM   916  C CB  . ARG B 1 12  ? 5.989   4.222   18.826  1.00 41.76 ? 4   ARG B CB  1 
ATOM   917  C CG  . ARG B 1 12  ? 6.187   2.740   18.658  1.00 48.82 ? 4   ARG B CG  1 
ATOM   918  C CD  . ARG B 1 12  ? 5.990   1.948   19.927  1.00 53.35 ? 4   ARG B CD  1 
ATOM   919  N NE  . ARG B 1 12  ? 5.804   0.547   19.568  1.00 59.03 ? 4   ARG B NE  1 
ATOM   920  C CZ  . ARG B 1 12  ? 4.734   0.083   18.925  1.00 62.28 ? 4   ARG B CZ  1 
ATOM   921  N NH1 . ARG B 1 12  ? 3.750   0.911   18.582  1.00 63.06 ? 4   ARG B NH1 1 
ATOM   922  N NH2 . ARG B 1 12  ? 4.655   -1.207  18.603  1.00 63.97 ? 4   ARG B NH2 1 
ATOM   923  N N   . ASP B 1 13  ? 6.040   7.252   17.517  1.00 35.30 ? 5   ASP B N   1 
ATOM   924  C CA  . ASP B 1 13  ? 5.666   8.654   17.667  1.00 34.74 ? 5   ASP B CA  1 
ATOM   925  C C   . ASP B 1 13  ? 4.900   9.094   16.427  1.00 33.16 ? 5   ASP B C   1 
ATOM   926  O O   . ASP B 1 13  ? 3.924   9.841   16.520  1.00 32.86 ? 5   ASP B O   1 
ATOM   927  C CB  . ASP B 1 13  ? 6.909   9.521   17.852  1.00 35.96 ? 5   ASP B CB  1 
ATOM   928  C CG  . ASP B 1 13  ? 7.656   9.184   19.123  1.00 38.63 ? 5   ASP B CG  1 
ATOM   929  O OD1 . ASP B 1 13  ? 7.018   9.227   20.202  1.00 40.44 ? 5   ASP B OD1 1 
ATOM   930  O OD2 . ASP B 1 13  ? 8.871   8.874   19.042  1.00 39.01 ? 5   ASP B OD2 1 
ATOM   931  N N   . ILE B 1 14  ? 5.355   8.620   15.268  1.00 31.51 ? 6   ILE B N   1 
ATOM   932  C CA  . ILE B 1 14  ? 4.703   8.933   14.008  1.00 28.04 ? 6   ILE B CA  1 
ATOM   933  C C   . ILE B 1 14  ? 3.276   8.407   14.086  1.00 26.71 ? 6   ILE B C   1 
ATOM   934  O O   . ILE B 1 14  ? 2.343   9.109   13.710  1.00 26.55 ? 6   ILE B O   1 
ATOM   935  C CB  . ILE B 1 14  ? 5.441   8.278   12.799  1.00 27.51 ? 6   ILE B CB  1 
ATOM   936  C CG1 . ILE B 1 14  ? 6.582   9.178   12.323  1.00 28.21 ? 6   ILE B CG1 1 
ATOM   937  C CG2 . ILE B 1 14  ? 4.483   8.067   11.639  1.00 26.26 ? 6   ILE B CG2 1 
ATOM   938  C CD1 . ILE B 1 14  ? 7.710   9.302   13.288  1.00 31.60 ? 6   ILE B CD1 1 
ATOM   939  N N   . ASN B 1 15  ? 3.112   7.183   14.594  1.00 25.92 ? 7   ASN B N   1 
ATOM   940  C CA  . ASN B 1 15  ? 1.785   6.571   14.708  1.00 25.51 ? 7   ASN B CA  1 
ATOM   941  C C   . ASN B 1 15  ? 0.848   7.427   15.548  1.00 27.78 ? 7   ASN B C   1 
ATOM   942  O O   . ASN B 1 15  ? -0.321  7.589   15.212  1.00 27.39 ? 7   ASN B O   1 
ATOM   943  C CB  . ASN B 1 15  ? 1.868   5.180   15.334  1.00 24.71 ? 7   ASN B CB  1 
ATOM   944  C CG  . ASN B 1 15  ? 2.715   4.227   14.531  1.00 23.64 ? 7   ASN B CG  1 
ATOM   945  O OD1 . ASN B 1 15  ? 3.061   4.500   13.393  1.00 23.34 ? 7   ASN B OD1 1 
ATOM   946  N ND2 . ASN B 1 15  ? 3.044   3.092   15.122  1.00 23.57 ? 7   ASN B ND2 1 
ATOM   947  N N   . LYS B 1 16  ? 1.355   7.967   16.650  1.00 30.19 ? 8   LYS B N   1 
ATOM   948  C CA  . LYS B 1 16  ? 0.530   8.812   17.504  1.00 32.24 ? 8   LYS B CA  1 
ATOM   949  C C   . LYS B 1 16  ? 0.060   10.026  16.714  1.00 30.89 ? 8   LYS B C   1 
ATOM   950  O O   . LYS B 1 16  ? -1.109  10.397  16.775  1.00 32.06 ? 8   LYS B O   1 
ATOM   951  C CB  . LYS B 1 16  ? 1.307   9.272   18.743  1.00 35.10 ? 8   LYS B CB  1 
ATOM   952  C CG  . LYS B 1 16  ? 1.668   8.154   19.712  1.00 40.73 ? 8   LYS B CG  1 
ATOM   953  C CD  . LYS B 1 16  ? 1.543   8.611   21.165  1.00 44.58 ? 8   LYS B CD  1 
ATOM   954  C CE  . LYS B 1 16  ? 2.360   9.872   21.444  1.00 46.12 ? 8   LYS B CE  1 
ATOM   955  N NZ  . LYS B 1 16  ? 2.175   10.367  22.846  1.00 47.20 ? 8   LYS B NZ  1 
ATOM   956  N N   . LEU B 1 17  ? 0.974   10.642  15.973  1.00 29.54 ? 9   LEU B N   1 
ATOM   957  C CA  . LEU B 1 17  ? 0.621   11.802  15.177  1.00 28.20 ? 9   LEU B CA  1 
ATOM   958  C C   . LEU B 1 17  ? -0.431  11.432  14.142  1.00 28.54 ? 9   LEU B C   1 
ATOM   959  O O   . LEU B 1 17  ? -1.377  12.187  13.913  1.00 28.41 ? 9   LEU B O   1 
ATOM   960  C CB  . LEU B 1 17  ? 1.861   12.357  14.494  1.00 28.74 ? 9   LEU B CB  1 
ATOM   961  C CG  . LEU B 1 17  ? 2.781   13.133  15.439  1.00 28.72 ? 9   LEU B CG  1 
ATOM   962  C CD1 . LEU B 1 17  ? 4.113   13.407  14.776  1.00 28.50 ? 9   LEU B CD1 1 
ATOM   963  C CD2 . LEU B 1 17  ? 2.108   14.431  15.826  1.00 27.78 ? 9   LEU B CD2 1 
ATOM   964  N N   . ILE B 1 18  ? -0.277  10.265  13.522  1.00 27.58 ? 10  ILE B N   1 
ATOM   965  C CA  . ILE B 1 18  ? -1.242  9.817   12.518  1.00 26.25 ? 10  ILE B CA  1 
ATOM   966  C C   . ILE B 1 18  ? -2.622  9.688   13.154  1.00 25.61 ? 10  ILE B C   1 
ATOM   967  O O   . ILE B 1 18  ? -3.599  10.257  12.673  1.00 25.21 ? 10  ILE B O   1 
ATOM   968  C CB  . ILE B 1 18  ? -0.821  8.445   11.900  1.00 24.37 ? 10  ILE B CB  1 
ATOM   969  C CG1 . ILE B 1 18  ? 0.408   8.639   11.003  1.00 22.47 ? 10  ILE B CG1 1 
ATOM   970  C CG2 . ILE B 1 18  ? -1.983  7.823   11.123  1.00 20.83 ? 10  ILE B CG2 1 
ATOM   971  C CD1 . ILE B 1 18  ? 0.169   9.534   9.809   1.00 20.99 ? 10  ILE B CD1 1 
ATOM   972  N N   . ALA B 1 19  ? -2.684  8.945   14.251  1.00 25.73 ? 11  ALA B N   1 
ATOM   973  C CA  . ALA B 1 19  ? -3.932  8.729   14.958  1.00 26.67 ? 11  ALA B CA  1 
ATOM   974  C C   . ALA B 1 19  ? -4.665  10.024  15.271  1.00 27.64 ? 11  ALA B C   1 
ATOM   975  O O   . ALA B 1 19  ? -5.860  10.137  15.021  1.00 28.60 ? 11  ALA B O   1 
ATOM   976  C CB  . ALA B 1 19  ? -3.672  7.970   16.235  1.00 25.84 ? 11  ALA B CB  1 
ATOM   977  N N   . SER B 1 20  ? -3.956  11.007  15.804  1.00 28.90 ? 12  SER B N   1 
ATOM   978  C CA  . SER B 1 20  ? -4.605  12.262  16.160  1.00 31.81 ? 12  SER B CA  1 
ATOM   979  C C   . SER B 1 20  ? -4.763  13.274  15.028  1.00 32.29 ? 12  SER B C   1 
ATOM   980  O O   . SER B 1 20  ? -5.864  13.786  14.810  1.00 33.09 ? 12  SER B O   1 
ATOM   981  C CB  . SER B 1 20  ? -3.875  12.923  17.339  1.00 31.97 ? 12  SER B CB  1 
ATOM   982  O OG  . SER B 1 20  ? -2.593  13.387  16.958  1.00 36.72 ? 12  SER B OG  1 
ATOM   983  N N   . LYS B 1 21  ? -3.676  13.556  14.310  1.00 32.78 ? 13  LYS B N   1 
ATOM   984  C CA  . LYS B 1 21  ? -3.694  14.535  13.223  1.00 32.08 ? 13  LYS B CA  1 
ATOM   985  C C   . LYS B 1 21  ? -4.394  14.094  11.946  1.00 32.49 ? 13  LYS B C   1 
ATOM   986  O O   . LYS B 1 21  ? -4.826  14.938  11.155  1.00 33.69 ? 13  LYS B O   1 
ATOM   987  C CB  . LYS B 1 21  ? -2.272  14.971  12.885  1.00 32.53 ? 13  LYS B CB  1 
ATOM   988  C CG  . LYS B 1 21  ? -1.536  15.602  14.044  1.00 36.24 ? 13  LYS B CG  1 
ATOM   989  C CD  . LYS B 1 21  ? -2.309  16.788  14.576  1.00 39.97 ? 13  LYS B CD  1 
ATOM   990  C CE  . LYS B 1 21  ? -1.495  17.584  15.579  1.00 43.14 ? 13  LYS B CE  1 
ATOM   991  N NZ  . LYS B 1 21  ? -2.222  18.830  15.977  1.00 46.63 ? 13  LYS B NZ  1 
ATOM   992  N N   . ILE B 1 22  ? -4.502  12.786  11.730  1.00 30.56 ? 14  ILE B N   1 
ATOM   993  C CA  . ILE B 1 22  ? -5.163  12.291  10.530  1.00 29.14 ? 14  ILE B CA  1 
ATOM   994  C C   . ILE B 1 22  ? -6.519  11.679  10.851  1.00 29.62 ? 14  ILE B C   1 
ATOM   995  O O   . ILE B 1 22  ? -7.488  11.882  10.122  1.00 29.36 ? 14  ILE B O   1 
ATOM   996  C CB  . ILE B 1 22  ? -4.288  11.237  9.787   1.00 27.84 ? 14  ILE B CB  1 
ATOM   997  C CG1 . ILE B 1 22  ? -2.964  11.867  9.366   1.00 26.96 ? 14  ILE B CG1 1 
ATOM   998  C CG2 . ILE B 1 22  ? -5.021  10.704  8.560   1.00 25.27 ? 14  ILE B CG2 1 
ATOM   999  C CD1 . ILE B 1 22  ? -3.108  13.041  8.405   1.00 25.18 ? 14  ILE B CD1 1 
ATOM   1000 N N   . PHE B 1 23  ? -6.598  10.935  11.947  1.00 29.06 ? 15  PHE B N   1 
ATOM   1001 C CA  . PHE B 1 23  ? -7.856  10.302  12.316  1.00 29.42 ? 15  PHE B CA  1 
ATOM   1002 C C   . PHE B 1 23  ? -8.642  11.086  13.359  1.00 29.60 ? 15  PHE B C   1 
ATOM   1003 O O   . PHE B 1 23  ? -9.818  10.815  13.584  1.00 29.62 ? 15  PHE B O   1 
ATOM   1004 C CB  . PHE B 1 23  ? -7.591  8.885   12.816  1.00 30.30 ? 15  PHE B CB  1 
ATOM   1005 C CG  . PHE B 1 23  ? -7.169  7.934   11.734  1.00 29.66 ? 15  PHE B CG  1 
ATOM   1006 C CD1 . PHE B 1 23  ? -8.113  7.214   11.021  1.00 30.14 ? 15  PHE B CD1 1 
ATOM   1007 C CD2 . PHE B 1 23  ? -5.827  7.773   11.417  1.00 30.40 ? 15  PHE B CD2 1 
ATOM   1008 C CE1 . PHE B 1 23  ? -7.729  6.343   10.007  1.00 31.55 ? 15  PHE B CE1 1 
ATOM   1009 C CE2 . PHE B 1 23  ? -5.433  6.909   10.406  1.00 30.90 ? 15  PHE B CE2 1 
ATOM   1010 C CZ  . PHE B 1 23  ? -6.387  6.190   9.699   1.00 31.07 ? 15  PHE B CZ  1 
ATOM   1011 N N   . GLY B 1 24  ? -7.999  12.063  13.985  1.00 30.06 ? 16  GLY B N   1 
ATOM   1012 C CA  . GLY B 1 24  ? -8.679  12.855  14.991  1.00 33.50 ? 16  GLY B CA  1 
ATOM   1013 C C   . GLY B 1 24  ? -9.051  12.060  16.235  1.00 35.65 ? 16  GLY B C   1 
ATOM   1014 O O   . GLY B 1 24  ? -9.990  12.419  16.942  1.00 36.31 ? 16  GLY B O   1 
ATOM   1015 N N   . TYR B 1 25  ? -8.325  10.979  16.507  1.00 36.26 ? 17  TYR B N   1 
ATOM   1016 C CA  . TYR B 1 25  ? -8.595  10.161  17.683  1.00 37.12 ? 17  TYR B CA  1 
ATOM   1017 C C   . TYR B 1 25  ? -8.116  10.851  18.949  1.00 38.19 ? 17  TYR B C   1 
ATOM   1018 O O   . TYR B 1 25  ? -7.268  11.743  18.898  1.00 37.69 ? 17  TYR B O   1 
ATOM   1019 C CB  . TYR B 1 25  ? -7.887  8.812   17.584  1.00 37.78 ? 17  TYR B CB  1 
ATOM   1020 C CG  . TYR B 1 25  ? -8.414  7.900   16.509  1.00 39.00 ? 17  TYR B CG  1 
ATOM   1021 C CD1 . TYR B 1 25  ? -9.785  7.741   16.313  1.00 39.48 ? 17  TYR B CD1 1 
ATOM   1022 C CD2 . TYR B 1 25  ? -7.545  7.157   15.718  1.00 38.20 ? 17  TYR B CD2 1 
ATOM   1023 C CE1 . TYR B 1 25  ? -10.276 6.861   15.354  1.00 40.07 ? 17  TYR B CE1 1 
ATOM   1024 C CE2 . TYR B 1 25  ? -8.028  6.273   14.759  1.00 39.78 ? 17  TYR B CE2 1 
ATOM   1025 C CZ  . TYR B 1 25  ? -9.394  6.130   14.583  1.00 39.74 ? 17  TYR B CZ  1 
ATOM   1026 O OH  . TYR B 1 25  ? -9.878  5.251   13.640  1.00 42.64 ? 17  TYR B OH  1 
ATOM   1027 N N   . GLU B 1 26  ? -8.654  10.424  20.087  1.00 40.66 ? 18  GLU B N   1 
ATOM   1028 C CA  . GLU B 1 26  ? -8.258  10.992  21.372  1.00 43.38 ? 18  GLU B CA  1 
ATOM   1029 C C   . GLU B 1 26  ? -7.054  10.200  21.869  1.00 44.13 ? 18  GLU B C   1 
ATOM   1030 O O   . GLU B 1 26  ? -7.111  8.969   21.960  1.00 44.59 ? 18  GLU B O   1 
ATOM   1031 C CB  . GLU B 1 26  ? -9.396  10.877  22.388  1.00 45.86 ? 18  GLU B CB  1 
ATOM   1032 C CG  . GLU B 1 26  ? -9.226  11.791  23.596  1.00 50.47 ? 18  GLU B CG  1 
ATOM   1033 C CD  . GLU B 1 26  ? -10.231 11.508  24.702  1.00 52.37 ? 18  GLU B CD  1 
ATOM   1034 O OE1 . GLU B 1 26  ? -11.397 11.180  24.384  1.00 53.12 ? 18  GLU B OE1 1 
ATOM   1035 O OE2 . GLU B 1 26  ? -9.852  11.629  25.889  1.00 54.23 ? 18  GLU B OE2 1 
ATOM   1036 N N   . ILE B 1 27  ? -5.967  10.897  22.185  1.00 44.82 ? 19  ILE B N   1 
ATOM   1037 C CA  . ILE B 1 27  ? -4.766  10.220  22.653  1.00 46.66 ? 19  ILE B CA  1 
ATOM   1038 C C   . ILE B 1 27  ? -4.396  10.589  24.092  1.00 48.72 ? 19  ILE B C   1 
ATOM   1039 O O   . ILE B 1 27  ? -4.156  11.752  24.411  1.00 48.51 ? 19  ILE B O   1 
ATOM   1040 C CB  . ILE B 1 27  ? -3.544  10.526  21.735  1.00 45.73 ? 19  ILE B CB  1 
ATOM   1041 C CG1 . ILE B 1 27  ? -3.906  10.290  20.259  1.00 44.83 ? 19  ILE B CG1 1 
ATOM   1042 C CG2 . ILE B 1 27  ? -2.345  9.647   22.149  1.00 44.47 ? 19  ILE B CG2 1 
ATOM   1043 C CD1 . ILE B 1 27  ? -4.301  8.847   19.915  1.00 44.17 ? 19  ILE B CD1 1 
ATOM   1044 N N   . LYS B 1 28  ? -4.358  9.583   24.958  1.00 51.47 ? 20  LYS B N   1 
ATOM   1045 C CA  . LYS B 1 28  ? -3.992  9.780   26.356  1.00 54.45 ? 20  LYS B CA  1 
ATOM   1046 C C   . LYS B 1 28  ? -3.069  8.629   26.764  1.00 55.70 ? 20  LYS B C   1 
ATOM   1047 O O   . LYS B 1 28  ? -3.492  7.471   26.821  1.00 56.14 ? 20  LYS B O   1 
ATOM   1048 C CB  . LYS B 1 28  ? -5.248  9.803   27.240  1.00 55.34 ? 20  LYS B CB  1 
ATOM   1049 C CG  . LYS B 1 28  ? -4.979  10.167  28.699  1.00 56.05 ? 20  LYS B CG  1 
ATOM   1050 C CD  . LYS B 1 28  ? -6.269  10.233  29.511  1.00 56.20 ? 20  LYS B CD  1 
ATOM   1051 C CE  . LYS B 1 28  ? -5.973  10.518  30.973  1.00 55.69 ? 20  LYS B CE  1 
ATOM   1052 N NZ  . LYS B 1 28  ? -5.075  9.474   31.543  1.00 56.78 ? 20  LYS B NZ  1 
ATOM   1053 N N   . ASP B 1 29  ? -1.805  8.950   27.032  1.00 56.82 ? 21  ASP B N   1 
ATOM   1054 C CA  . ASP B 1 29  ? -0.816  7.942   27.418  1.00 57.77 ? 21  ASP B CA  1 
ATOM   1055 C C   . ASP B 1 29  ? -0.610  6.882   26.336  1.00 56.34 ? 21  ASP B C   1 
ATOM   1056 O O   . ASP B 1 29  ? -0.706  5.681   26.602  1.00 56.92 ? 21  ASP B O   1 
ATOM   1057 C CB  . ASP B 1 29  ? -1.218  7.259   28.732  1.00 60.39 ? 21  ASP B CB  1 
ATOM   1058 C CG  . ASP B 1 29  ? -0.740  8.019   29.961  1.00 62.59 ? 21  ASP B CG  1 
ATOM   1059 O OD1 . ASP B 1 29  ? -1.134  9.194   30.135  1.00 64.73 ? 21  ASP B OD1 1 
ATOM   1060 O OD2 . ASP B 1 29  ? 0.031   7.437   30.752  1.00 62.64 ? 21  ASP B OD2 1 
ATOM   1061 N N   . ASP B 1 30  ? -0.335  7.335   25.117  1.00 53.82 ? 22  ASP B N   1 
ATOM   1062 C CA  . ASP B 1 30  ? -0.095  6.436   23.992  1.00 52.01 ? 22  ASP B CA  1 
ATOM   1063 C C   . ASP B 1 30  ? -1.232  5.460   23.707  1.00 49.54 ? 22  ASP B C   1 
ATOM   1064 O O   . ASP B 1 30  ? -1.003  4.359   23.210  1.00 48.41 ? 22  ASP B O   1 
ATOM   1065 C CB  . ASP B 1 30  ? 1.188   5.655   24.235  1.00 54.66 ? 22  ASP B CB  1 
ATOM   1066 C CG  . ASP B 1 30  ? 2.350   6.554   24.603  1.00 57.13 ? 22  ASP B CG  1 
ATOM   1067 O OD1 . ASP B 1 30  ? 2.654   7.484   23.819  1.00 57.40 ? 22  ASP B OD1 1 
ATOM   1068 O OD2 . ASP B 1 30  ? 2.954   6.326   25.677  1.00 58.92 ? 22  ASP B OD2 1 
ATOM   1069 N N   . ASN B 1 31  ? -2.455  5.871   24.023  1.00 46.80 ? 23  ASN B N   1 
ATOM   1070 C CA  . ASN B 1 31  ? -3.635  5.050   23.792  1.00 43.89 ? 23  ASN B CA  1 
ATOM   1071 C C   . ASN B 1 31  ? -4.700  5.882   23.082  1.00 43.44 ? 23  ASN B C   1 
ATOM   1072 O O   . ASN B 1 31  ? -4.757  7.102   23.233  1.00 43.06 ? 23  ASN B O   1 
ATOM   1073 C CB  . ASN B 1 31  ? -4.225  4.543   25.121  1.00 43.26 ? 23  ASN B CB  1 
ATOM   1074 C CG  . ASN B 1 31  ? -3.375  3.472   25.790  1.00 42.52 ? 23  ASN B CG  1 
ATOM   1075 O OD1 . ASN B 1 31  ? -3.272  2.347   25.305  1.00 41.87 ? 23  ASN B OD1 1 
ATOM   1076 N ND2 . ASN B 1 31  ? -2.768  3.822   26.917  1.00 42.35 ? 23  ASN B ND2 1 
ATOM   1077 N N   . ILE B 1 32  ? -5.532  5.216   22.291  1.00 43.34 ? 24  ILE B N   1 
ATOM   1078 C CA  . ILE B 1 32  ? -6.630  5.879   21.604  1.00 42.34 ? 24  ILE B CA  1 
ATOM   1079 C C   . ILE B 1 32  ? -7.773  5.685   22.574  1.00 42.86 ? 24  ILE B C   1 
ATOM   1080 O O   . ILE B 1 32  ? -8.162  4.556   22.863  1.00 41.82 ? 24  ILE B O   1 
ATOM   1081 C CB  . ILE B 1 32  ? -6.986  5.192   20.267  1.00 41.15 ? 24  ILE B CB  1 
ATOM   1082 C CG1 . ILE B 1 32  ? -5.929  5.532   19.211  1.00 40.83 ? 24  ILE B CG1 1 
ATOM   1083 C CG2 . ILE B 1 32  ? -8.380  5.621   19.813  1.00 39.28 ? 24  ILE B CG2 1 
ATOM   1084 C CD1 . ILE B 1 32  ? -6.004  4.682   17.955  1.00 39.20 ? 24  ILE B CD1 1 
ATOM   1085 N N   . ILE B 1 33  ? -8.295  6.780   23.100  1.00 44.17 ? 25  ILE B N   1 
ATOM   1086 C CA  . ILE B 1 33  ? -9.384  6.671   24.051  1.00 46.58 ? 25  ILE B CA  1 
ATOM   1087 C C   . ILE B 1 33  ? -10.748 6.902   23.387  1.00 47.33 ? 25  ILE B C   1 
ATOM   1088 O O   . ILE B 1 33  ? -11.114 8.017   23.001  1.00 46.94 ? 25  ILE B O   1 
ATOM   1089 C CB  . ILE B 1 33  ? -9.103  7.605   25.269  1.00 46.75 ? 25  ILE B CB  1 
ATOM   1090 C CG1 . ILE B 1 33  ? -10.401 8.075   25.910  1.00 47.98 ? 25  ILE B CG1 1 
ATOM   1091 C CG2 . ILE B 1 33  ? -8.203  8.746   24.851  1.00 46.70 ? 25  ILE B CG2 1 
ATOM   1092 C CD1 . ILE B 1 33  ? -10.162 8.901   27.156  1.00 50.32 ? 25  ILE B CD1 1 
ATOM   1093 N N   . LYS B 1 34  ? -11.475 5.801   23.235  1.00 49.19 ? 26  LYS B N   1 
ATOM   1094 C CA  . LYS B 1 34  ? -12.790 5.795   22.609  1.00 52.46 ? 26  LYS B CA  1 
ATOM   1095 C C   . LYS B 1 34  ? -13.881 6.005   23.652  1.00 54.07 ? 26  LYS B C   1 
ATOM   1096 O O   . LYS B 1 34  ? -13.888 5.356   24.704  1.00 53.71 ? 26  LYS B O   1 
ATOM   1097 C CB  . LYS B 1 34  ? -13.018 4.455   21.902  1.00 52.96 ? 26  LYS B CB  1 
ATOM   1098 C CG  . LYS B 1 34  ? -13.879 4.527   20.643  1.00 56.17 ? 26  LYS B CG  1 
ATOM   1099 C CD  . LYS B 1 34  ? -14.196 3.116   20.107  1.00 58.28 ? 26  LYS B CD  1 
ATOM   1100 C CE  . LYS B 1 34  ? -14.625 3.117   18.628  1.00 58.80 ? 26  LYS B CE  1 
ATOM   1101 N NZ  . LYS B 1 34  ? -15.817 3.971   18.344  1.00 59.96 ? 26  LYS B NZ  1 
ATOM   1102 N N   . ASP B 1 35  ? -14.806 6.909   23.350  1.00 56.16 ? 27  ASP B N   1 
ATOM   1103 C CA  . ASP B 1 35  ? -15.915 7.210   24.247  1.00 59.07 ? 27  ASP B CA  1 
ATOM   1104 C C   . ASP B 1 35  ? -15.400 7.788   25.552  1.00 60.24 ? 27  ASP B C   1 
ATOM   1105 O O   . ASP B 1 35  ? -16.003 7.600   26.610  1.00 59.82 ? 27  ASP B O   1 
ATOM   1106 C CB  . ASP B 1 35  ? -16.742 5.951   24.528  1.00 60.45 ? 27  ASP B CB  1 
ATOM   1107 C CG  . ASP B 1 35  ? -17.345 5.356   23.266  1.00 62.82 ? 27  ASP B CG  1 
ATOM   1108 O OD1 . ASP B 1 35  ? -17.859 6.134   22.433  1.00 65.02 ? 27  ASP B OD1 1 
ATOM   1109 O OD2 . ASP B 1 35  ? -17.314 4.114   23.106  1.00 63.56 ? 27  ASP B OD2 1 
ATOM   1110 N N   . GLY B 1 36  ? -14.271 8.482   25.463  1.00 61.87 ? 28  GLY B N   1 
ATOM   1111 C CA  . GLY B 1 36  ? -13.678 9.104   26.633  1.00 63.40 ? 28  GLY B CA  1 
ATOM   1112 C C   . GLY B 1 36  ? -13.363 8.185   27.800  1.00 64.33 ? 28  GLY B C   1 
ATOM   1113 O O   . GLY B 1 36  ? -12.750 8.628   28.770  1.00 64.90 ? 28  GLY B O   1 
ATOM   1114 N N   . ARG B 1 37  ? -13.763 6.918   27.725  1.00 64.59 ? 29  ARG B N   1 
ATOM   1115 C CA  . ARG B 1 37  ? -13.492 5.994   28.819  1.00 65.05 ? 29  ARG B CA  1 
ATOM   1116 C C   . ARG B 1 37  ? -12.884 4.664   28.403  1.00 63.88 ? 29  ARG B C   1 
ATOM   1117 O O   . ARG B 1 37  ? -12.269 3.979   29.222  1.00 64.01 ? 29  ARG B O   1 
ATOM   1118 C CB  . ARG B 1 37  ? -14.769 5.765   29.633  1.00 67.87 ? 29  ARG B CB  1 
ATOM   1119 C CG  . ARG B 1 37  ? -15.106 6.944   30.554  1.00 71.52 ? 29  ARG B CG  1 
ATOM   1120 C CD  . ARG B 1 37  ? -14.084 7.078   31.694  1.00 73.70 ? 29  ARG B CD  1 
ATOM   1121 N NE  . ARG B 1 37  ? -14.045 8.424   32.270  1.00 75.88 ? 29  ARG B NE  1 
ATOM   1122 C CZ  . ARG B 1 37  ? -13.118 9.339   31.985  1.00 76.65 ? 29  ARG B CZ  1 
ATOM   1123 N NH1 . ARG B 1 37  ? -12.141 9.062   31.131  1.00 76.91 ? 29  ARG B NH1 1 
ATOM   1124 N NH2 . ARG B 1 37  ? -13.164 10.536  32.552  1.00 77.22 ? 29  ARG B NH2 1 
ATOM   1125 N N   . TYR B 1 38  ? -13.051 4.289   27.140  1.00 61.95 ? 30  TYR B N   1 
ATOM   1126 C CA  . TYR B 1 38  ? -12.474 3.042   26.665  1.00 59.80 ? 30  TYR B CA  1 
ATOM   1127 C C   . TYR B 1 38  ? -11.238 3.324   25.844  1.00 57.46 ? 30  TYR B C   1 
ATOM   1128 O O   . TYR B 1 38  ? -11.254 4.193   24.974  1.00 56.90 ? 30  TYR B O   1 
ATOM   1129 C CB  . TYR B 1 38  ? -13.484 2.247   25.841  1.00 61.99 ? 30  TYR B CB  1 
ATOM   1130 C CG  . TYR B 1 38  ? -14.220 1.237   26.682  1.00 64.60 ? 30  TYR B CG  1 
ATOM   1131 C CD1 . TYR B 1 38  ? -15.275 1.624   27.512  1.00 64.81 ? 30  TYR B CD1 1 
ATOM   1132 C CD2 . TYR B 1 38  ? -13.798 -0.095  26.724  1.00 65.72 ? 30  TYR B CD2 1 
ATOM   1133 C CE1 . TYR B 1 38  ? -15.887 0.712   28.367  1.00 65.76 ? 30  TYR B CE1 1 
ATOM   1134 C CE2 . TYR B 1 38  ? -14.400 -1.015  27.574  1.00 66.81 ? 30  TYR B CE2 1 
ATOM   1135 C CZ  . TYR B 1 38  ? -15.442 -0.605  28.396  1.00 67.19 ? 30  TYR B CZ  1 
ATOM   1136 O OH  . TYR B 1 38  ? -16.021 -1.511  29.257  1.00 68.55 ? 30  TYR B OH  1 
ATOM   1137 N N   . ARG B 1 39  ? -10.163 2.595   26.124  1.00 54.45 ? 31  ARG B N   1 
ATOM   1138 C CA  . ARG B 1 39  ? -8.914  2.807   25.406  1.00 52.23 ? 31  ARG B CA  1 
ATOM   1139 C C   . ARG B 1 39  ? -8.458  1.634   24.553  1.00 48.66 ? 31  ARG B C   1 
ATOM   1140 O O   . ARG B 1 39  ? -8.735  0.476   24.859  1.00 47.35 ? 31  ARG B O   1 
ATOM   1141 C CB  . ARG B 1 39  ? -7.799  3.188   26.380  1.00 53.18 ? 31  ARG B CB  1 
ATOM   1142 C CG  . ARG B 1 39  ? -7.570  2.187   27.482  1.00 55.75 ? 31  ARG B CG  1 
ATOM   1143 C CD  . ARG B 1 39  ? -6.354  2.574   28.298  1.00 58.01 ? 31  ARG B CD  1 
ATOM   1144 N NE  . ARG B 1 39  ? -6.255  1.780   29.517  1.00 59.66 ? 31  ARG B NE  1 
ATOM   1145 C CZ  . ARG B 1 39  ? -5.222  1.816   30.352  1.00 60.26 ? 31  ARG B CZ  1 
ATOM   1146 N NH1 . ARG B 1 39  ? -4.188  2.610   30.101  1.00 60.38 ? 31  ARG B NH1 1 
ATOM   1147 N NH2 . ARG B 1 39  ? -5.224  1.059   31.441  1.00 60.41 ? 31  ARG B NH2 1 
ATOM   1148 N N   . LEU B 1 40  ? -7.745  1.968   23.482  1.00 45.24 ? 32  LEU B N   1 
ATOM   1149 C CA  . LEU B 1 40  ? -7.218  1.001   22.529  1.00 42.21 ? 32  LEU B CA  1 
ATOM   1150 C C   . LEU B 1 40  ? -5.768  1.381   22.236  1.00 40.12 ? 32  LEU B C   1 
ATOM   1151 O O   . LEU B 1 40  ? -5.335  2.493   22.537  1.00 39.54 ? 32  LEU B O   1 
ATOM   1152 C CB  . LEU B 1 40  ? -8.012  1.074   21.223  1.00 42.16 ? 32  LEU B CB  1 
ATOM   1153 C CG  . LEU B 1 40  ? -9.497  1.422   21.351  1.00 43.21 ? 32  LEU B CG  1 
ATOM   1154 C CD1 . LEU B 1 40  ? -10.075 1.798   19.995  1.00 43.09 ? 32  LEU B CD1 1 
ATOM   1155 C CD2 . LEU B 1 40  ? -10.233 0.243   21.953  1.00 43.68 ? 32  LEU B CD2 1 
ATOM   1156 N N   . GLY B 1 41  ? -5.014  0.457   21.653  1.00 37.97 ? 33  GLY B N   1 
ATOM   1157 C CA  . GLY B 1 41  ? -3.642  0.774   21.311  1.00 33.42 ? 33  GLY B CA  1 
ATOM   1158 C C   . GLY B 1 41  ? -3.656  1.485   19.971  1.00 31.07 ? 33  GLY B C   1 
ATOM   1159 O O   . GLY B 1 41  ? -4.635  1.419   19.227  1.00 29.98 ? 33  GLY B O   1 
ATOM   1160 N N   . ILE B 1 42  ? -2.573  2.175   19.658  1.00 29.54 ? 34  ILE B N   1 
ATOM   1161 C CA  . ILE B 1 42  ? -2.468  2.884   18.393  1.00 28.70 ? 34  ILE B CA  1 
ATOM   1162 C C   . ILE B 1 42  ? -1.877  1.933   17.341  1.00 28.36 ? 34  ILE B C   1 
ATOM   1163 O O   . ILE B 1 42  ? -0.820  1.334   17.555  1.00 28.46 ? 34  ILE B O   1 
ATOM   1164 C CB  . ILE B 1 42  ? -1.568  4.112   18.569  1.00 27.54 ? 34  ILE B CB  1 
ATOM   1165 C CG1 . ILE B 1 42  ? -2.109  4.966   19.715  1.00 27.23 ? 34  ILE B CG1 1 
ATOM   1166 C CG2 . ILE B 1 42  ? -1.502  4.915   17.283  1.00 27.47 ? 34  ILE B CG2 1 
ATOM   1167 C CD1 . ILE B 1 42  ? -1.146  6.028   20.195  1.00 26.34 ? 34  ILE B CD1 1 
ATOM   1168 N N   . PRO B 1 43  ? -2.562  1.768   16.191  1.00 27.82 ? 35  PRO B N   1 
ATOM   1169 C CA  . PRO B 1 43  ? -2.079  0.879   15.125  1.00 25.81 ? 35  PRO B CA  1 
ATOM   1170 C C   . PRO B 1 43  ? -0.674  1.232   14.646  1.00 23.55 ? 35  PRO B C   1 
ATOM   1171 O O   . PRO B 1 43  ? -0.229  2.368   14.788  1.00 22.62 ? 35  PRO B O   1 
ATOM   1172 C CB  . PRO B 1 43  ? -3.121  1.060   14.023  1.00 25.59 ? 35  PRO B CB  1 
ATOM   1173 C CG  . PRO B 1 43  ? -4.359  1.358   14.784  1.00 28.21 ? 35  PRO B CG  1 
ATOM   1174 C CD  . PRO B 1 43  ? -3.875  2.334   15.837  1.00 27.50 ? 35  PRO B CD  1 
ATOM   1175 N N   . LEU B 1 44  ? 0.015   0.247   14.075  1.00 22.85 ? 36  LEU B N   1 
ATOM   1176 C CA  . LEU B 1 44  ? 1.370   0.436   13.562  1.00 23.47 ? 36  LEU B CA  1 
ATOM   1177 C C   . LEU B 1 44  ? 1.318   1.008   12.150  1.00 23.21 ? 36  LEU B C   1 
ATOM   1178 O O   . LEU B 1 44  ? 1.828   0.410   11.202  1.00 24.46 ? 36  LEU B O   1 
ATOM   1179 C CB  . LEU B 1 44  ? 2.133   -0.900  13.551  1.00 22.30 ? 36  LEU B CB  1 
ATOM   1180 C CG  . LEU B 1 44  ? 2.240   -1.593  14.911  1.00 22.21 ? 36  LEU B CG  1 
ATOM   1181 C CD1 . LEU B 1 44  ? 3.019   -2.875  14.771  1.00 21.24 ? 36  LEU B CD1 1 
ATOM   1182 C CD2 . LEU B 1 44  ? 2.912   -0.663  15.908  1.00 23.68 ? 36  LEU B CD2 1 
ATOM   1183 N N   . TYR B 1 45  ? 0.712   2.181   12.028  1.00 22.37 ? 37  TYR B N   1 
ATOM   1184 C CA  . TYR B 1 45  ? 0.559   2.865   10.751  1.00 22.67 ? 37  TYR B CA  1 
ATOM   1185 C C   . TYR B 1 45  ? 1.832   2.971   9.933   1.00 22.97 ? 37  TYR B C   1 
ATOM   1186 O O   . TYR B 1 45  ? 1.803   2.802   8.719   1.00 25.34 ? 37  TYR B O   1 
ATOM   1187 C CB  . TYR B 1 45  ? 0.042   4.285   10.977  1.00 20.65 ? 37  TYR B CB  1 
ATOM   1188 C CG  . TYR B 1 45  ? -1.283  4.375   11.686  1.00 21.84 ? 37  TYR B CG  1 
ATOM   1189 C CD1 . TYR B 1 45  ? -2.448  3.893   11.091  1.00 19.98 ? 37  TYR B CD1 1 
ATOM   1190 C CD2 . TYR B 1 45  ? -1.380  4.983   12.935  1.00 21.18 ? 37  TYR B CD2 1 
ATOM   1191 C CE1 . TYR B 1 45  ? -3.678  4.023   11.718  1.00 21.62 ? 37  TYR B CE1 1 
ATOM   1192 C CE2 . TYR B 1 45  ? -2.608  5.121   13.574  1.00 21.36 ? 37  TYR B CE2 1 
ATOM   1193 C CZ  . TYR B 1 45  ? -3.754  4.644   12.962  1.00 22.41 ? 37  TYR B CZ  1 
ATOM   1194 O OH  . TYR B 1 45  ? -4.976  4.809   13.586  1.00 23.52 ? 37  TYR B OH  1 
ATOM   1195 N N   . SER B 1 46  ? 2.947   3.275   10.595  1.00 23.46 ? 38  SER B N   1 
ATOM   1196 C CA  . SER B 1 46  ? 4.215   3.456   9.900   1.00 24.18 ? 38  SER B CA  1 
ATOM   1197 C C   . SER B 1 46  ? 4.985   2.170   9.657   1.00 24.98 ? 38  SER B C   1 
ATOM   1198 O O   . SER B 1 46  ? 6.054   2.194   9.042   1.00 24.83 ? 38  SER B O   1 
ATOM   1199 C CB  . SER B 1 46  ? 5.100   4.458   10.663  1.00 24.65 ? 38  SER B CB  1 
ATOM   1200 O OG  . SER B 1 46  ? 5.356   4.023   11.990  1.00 26.95 ? 38  SER B OG  1 
ATOM   1201 N N   . GLN B 1 47  ? 4.444   1.050   10.124  1.00 25.08 ? 39  GLN B N   1 
ATOM   1202 C CA  . GLN B 1 47  ? 5.108   -0.229  9.933   1.00 26.73 ? 39  GLN B CA  1 
ATOM   1203 C C   . GLN B 1 47  ? 4.298   -1.293  9.193   1.00 26.72 ? 39  GLN B C   1 
ATOM   1204 O O   . GLN B 1 47  ? 4.868   -2.042  8.409   1.00 27.63 ? 39  GLN B O   1 
ATOM   1205 C CB  . GLN B 1 47  ? 5.562   -0.766  11.278  1.00 28.71 ? 39  GLN B CB  1 
ATOM   1206 C CG  . GLN B 1 47  ? 6.520   0.170   11.966  1.00 32.18 ? 39  GLN B CG  1 
ATOM   1207 C CD  . GLN B 1 47  ? 6.053   0.547   13.349  1.00 35.07 ? 39  GLN B CD  1 
ATOM   1208 O OE1 . GLN B 1 47  ? 4.975   1.133   13.519  1.00 34.63 ? 39  GLN B OE1 1 
ATOM   1209 N NE2 . GLN B 1 47  ? 6.860   0.210   14.354  1.00 34.68 ? 39  GLN B NE2 1 
ATOM   1210 N N   . ASN B 1 48  ? 2.988   -1.372  9.436   1.00 26.47 ? 40  ASN B N   1 
ATOM   1211 C CA  . ASN B 1 48  ? 2.148   -2.363  8.763   1.00 27.06 ? 40  ASN B CA  1 
ATOM   1212 C C   . ASN B 1 48  ? 1.455   -1.745  7.555   1.00 25.59 ? 40  ASN B C   1 
ATOM   1213 O O   . ASN B 1 48  ? 0.844   -0.684  7.666   1.00 25.09 ? 40  ASN B O   1 
ATOM   1214 C CB  . ASN B 1 48  ? 1.070   -2.921  9.703   1.00 31.16 ? 40  ASN B CB  1 
ATOM   1215 C CG  . ASN B 1 48  ? 1.645   -3.669  10.900  1.00 37.52 ? 40  ASN B CG  1 
ATOM   1216 O OD1 . ASN B 1 48  ? 2.717   -4.275  10.821  1.00 40.70 ? 40  ASN B OD1 1 
ATOM   1217 N ND2 . ASN B 1 48  ? 0.914   -3.650  12.015  1.00 40.81 ? 40  ASN B ND2 1 
ATOM   1218 N N   . ILE B 1 49  ? 1.529   -2.419  6.409   1.00 24.13 ? 41  ILE B N   1 
ATOM   1219 C CA  . ILE B 1 49  ? 0.896   -1.918  5.185   1.00 23.17 ? 41  ILE B CA  1 
ATOM   1220 C C   . ILE B 1 49  ? -0.642  -1.908  5.292   1.00 23.21 ? 41  ILE B C   1 
ATOM   1221 O O   . ILE B 1 49  ? -1.303  -1.088  4.659   1.00 22.78 ? 41  ILE B O   1 
ATOM   1222 C CB  . ILE B 1 49  ? 1.336   -2.750  3.936   1.00 21.34 ? 41  ILE B CB  1 
ATOM   1223 C CG1 . ILE B 1 49  ? 0.865   -2.057  2.655   1.00 17.98 ? 41  ILE B CG1 1 
ATOM   1224 C CG2 . ILE B 1 49  ? 0.774   -4.169  4.019   1.00 21.59 ? 41  ILE B CG2 1 
ATOM   1225 C CD1 . ILE B 1 49  ? 1.539   -0.723  2.405   1.00 19.72 ? 41  ILE B CD1 1 
ATOM   1226 N N   . GLU B 1 50  ? -1.211  -2.808  6.092   1.00 23.40 ? 42  GLU B N   1 
ATOM   1227 C CA  . GLU B 1 50  ? -2.659  -2.829  6.260   1.00 25.40 ? 42  GLU B CA  1 
ATOM   1228 C C   . GLU B 1 50  ? -3.057  -1.580  7.033   1.00 24.29 ? 42  GLU B C   1 
ATOM   1229 O O   . GLU B 1 50  ? -4.016  -0.899  6.664   1.00 25.26 ? 42  GLU B O   1 
ATOM   1230 C CB  . GLU B 1 50  ? -3.115  -4.059  7.045   1.00 30.62 ? 42  GLU B CB  1 
ATOM   1231 C CG  . GLU B 1 50  ? -2.084  -5.166  7.103   1.00 39.54 ? 42  GLU B CG  1 
ATOM   1232 C CD  . GLU B 1 50  ? -0.954  -4.900  8.106   1.00 44.52 ? 42  GLU B CD  1 
ATOM   1233 O OE1 . GLU B 1 50  ? -1.177  -5.053  9.330   1.00 47.05 ? 42  GLU B OE1 1 
ATOM   1234 O OE2 . GLU B 1 50  ? 0.162   -4.538  7.666   1.00 48.32 ? 42  GLU B OE2 1 
ATOM   1235 N N   . SER B 1 51  ? -2.323  -1.281  8.103   1.00 21.28 ? 43  SER B N   1 
ATOM   1236 C CA  . SER B 1 51  ? -2.605  -0.096  8.914   1.00 21.33 ? 43  SER B CA  1 
ATOM   1237 C C   . SER B 1 51  ? -2.355  1.172   8.109   1.00 20.12 ? 43  SER B C   1 
ATOM   1238 O O   . SER B 1 51  ? -3.160  2.101   8.125   1.00 19.67 ? 43  SER B O   1 
ATOM   1239 C CB  . SER B 1 51  ? -1.725  -0.068  10.167  1.00 22.68 ? 43  SER B CB  1 
ATOM   1240 O OG  . SER B 1 51  ? -2.030  -1.144  11.032  1.00 25.58 ? 43  SER B OG  1 
ATOM   1241 N N   . ALA B 1 52  ? -1.225  1.210   7.413   1.00 20.38 ? 44  ALA B N   1 
ATOM   1242 C CA  . ALA B 1 52  ? -0.871  2.359   6.595   1.00 19.85 ? 44  ALA B CA  1 
ATOM   1243 C C   . ALA B 1 52  ? -1.901  2.602   5.489   1.00 19.83 ? 44  ALA B C   1 
ATOM   1244 O O   . ALA B 1 52  ? -2.171  3.750   5.143   1.00 19.60 ? 44  ALA B O   1 
ATOM   1245 C CB  . ALA B 1 52  ? 0.518   2.164   5.988   1.00 17.92 ? 44  ALA B CB  1 
ATOM   1246 N N   . TRP B 1 53  ? -2.488  1.541   4.935   1.00 19.91 ? 45  TRP B N   1 
ATOM   1247 C CA  . TRP B 1 53  ? -3.454  1.759   3.869   1.00 22.14 ? 45  TRP B CA  1 
ATOM   1248 C C   . TRP B 1 53  ? -4.713  2.423   4.391   1.00 23.84 ? 45  TRP B C   1 
ATOM   1249 O O   . TRP B 1 53  ? -5.417  3.102   3.635   1.00 24.29 ? 45  TRP B O   1 
ATOM   1250 C CB  . TRP B 1 53  ? -3.809  0.460   3.138   1.00 21.76 ? 45  TRP B CB  1 
ATOM   1251 C CG  . TRP B 1 53  ? -4.046  0.728   1.681   1.00 21.80 ? 45  TRP B CG  1 
ATOM   1252 C CD1 . TRP B 1 53  ? -5.252  0.898   1.054   1.00 20.75 ? 45  TRP B CD1 1 
ATOM   1253 C CD2 . TRP B 1 53  ? -3.040  1.017   0.695   1.00 20.68 ? 45  TRP B CD2 1 
ATOM   1254 N NE1 . TRP B 1 53  ? -5.057  1.285   -0.253  1.00 20.09 ? 45  TRP B NE1 1 
ATOM   1255 C CE2 . TRP B 1 53  ? -3.710  1.367   -0.499  1.00 20.08 ? 45  TRP B CE2 1 
ATOM   1256 C CE3 . TRP B 1 53  ? -1.637  1.018   0.710   1.00 19.66 ? 45  TRP B CE3 1 
ATOM   1257 C CZ2 . TRP B 1 53  ? -3.024  1.720   -1.669  1.00 19.00 ? 45  TRP B CZ2 1 
ATOM   1258 C CZ3 . TRP B 1 53  ? -0.952  1.371   -0.457  1.00 19.60 ? 45  TRP B CZ3 1 
ATOM   1259 C CH2 . TRP B 1 53  ? -1.650  1.716   -1.629  1.00 19.09 ? 45  TRP B CH2 1 
ATOM   1260 N N   . GLN B 1 54  ? -5.000  2.241   5.681   1.00 25.02 ? 46  GLN B N   1 
ATOM   1261 C CA  . GLN B 1 54  ? -6.169  2.885   6.272   1.00 24.72 ? 46  GLN B CA  1 
ATOM   1262 C C   . GLN B 1 54  ? -5.922  4.386   6.170   1.00 23.74 ? 46  GLN B C   1 
ATOM   1263 O O   . GLN B 1 54  ? -6.858  5.163   5.995   1.00 24.01 ? 46  GLN B O   1 
ATOM   1264 C CB  . GLN B 1 54  ? -6.339  2.511   7.746   1.00 27.69 ? 46  GLN B CB  1 
ATOM   1265 C CG  . GLN B 1 54  ? -6.517  1.030   8.025   1.00 32.94 ? 46  GLN B CG  1 
ATOM   1266 C CD  . GLN B 1 54  ? -6.857  0.751   9.495   1.00 36.82 ? 46  GLN B CD  1 
ATOM   1267 O OE1 . GLN B 1 54  ? -6.268  1.342   10.406  1.00 40.61 ? 46  GLN B OE1 1 
ATOM   1268 N NE2 . GLN B 1 54  ? -7.801  -0.156  9.726   1.00 37.39 ? 46  GLN B NE2 1 
ATOM   1269 N N   . VAL B 1 55  ? -4.655  4.780   6.290   1.00 21.79 ? 47  VAL B N   1 
ATOM   1270 C CA  . VAL B 1 55  ? -4.259  6.182   6.198   1.00 22.09 ? 47  VAL B CA  1 
ATOM   1271 C C   . VAL B 1 55  ? -4.487  6.665   4.762   1.00 23.43 ? 47  VAL B C   1 
ATOM   1272 O O   . VAL B 1 55  ? -5.021  7.756   4.536   1.00 22.89 ? 47  VAL B O   1 
ATOM   1273 C CB  . VAL B 1 55  ? -2.762  6.366   6.566   1.00 22.70 ? 47  VAL B CB  1 
ATOM   1274 C CG1 . VAL B 1 55  ? -2.333  7.819   6.363   1.00 21.73 ? 47  VAL B CG1 1 
ATOM   1275 C CG2 . VAL B 1 55  ? -2.530  5.960   8.009   1.00 24.17 ? 47  VAL B CG2 1 
ATOM   1276 N N   . VAL B 1 56  ? -4.083  5.845   3.795   1.00 23.73 ? 48  VAL B N   1 
ATOM   1277 C CA  . VAL B 1 56  ? -4.253  6.172   2.382   1.00 24.13 ? 48  VAL B CA  1 
ATOM   1278 C C   . VAL B 1 56  ? -5.720  6.464   2.073   1.00 25.31 ? 48  VAL B C   1 
ATOM   1279 O O   . VAL B 1 56  ? -6.053  7.491   1.483   1.00 26.50 ? 48  VAL B O   1 
ATOM   1280 C CB  . VAL B 1 56  ? -3.760  5.003   1.475   1.00 24.05 ? 48  VAL B CB  1 
ATOM   1281 C CG1 . VAL B 1 56  ? -4.213  5.214   0.025   1.00 21.93 ? 48  VAL B CG1 1 
ATOM   1282 C CG2 . VAL B 1 56  ? -2.245  4.913   1.540   1.00 23.34 ? 48  VAL B CG2 1 
ATOM   1283 N N   . GLU B 1 57  ? -6.603  5.566   2.487   1.00 27.22 ? 49  GLU B N   1 
ATOM   1284 C CA  . GLU B 1 57  ? -8.013  5.759   2.217   1.00 30.23 ? 49  GLU B CA  1 
ATOM   1285 C C   . GLU B 1 57  ? -8.651  6.822   3.094   1.00 31.06 ? 49  GLU B C   1 
ATOM   1286 O O   . GLU B 1 57  ? -9.746  7.296   2.805   1.00 33.90 ? 49  GLU B O   1 
ATOM   1287 C CB  . GLU B 1 57  ? -8.737  4.424   2.332   1.00 31.72 ? 49  GLU B CB  1 
ATOM   1288 C CG  . GLU B 1 57  ? -8.224  3.441   1.287   1.00 38.28 ? 49  GLU B CG  1 
ATOM   1289 C CD  . GLU B 1 57  ? -9.034  2.161   1.190   1.00 42.94 ? 49  GLU B CD  1 
ATOM   1290 O OE1 . GLU B 1 57  ? -9.311  1.549   2.256   1.00 43.03 ? 49  GLU B OE1 1 
ATOM   1291 O OE2 . GLU B 1 57  ? -9.376  1.763   0.041   1.00 42.91 ? 49  GLU B OE2 1 
ATOM   1292 N N   . LYS B 1 58  ? -7.958  7.220   4.152   1.00 31.56 ? 50  LYS B N   1 
ATOM   1293 C CA  . LYS B 1 58  ? -8.475  8.251   5.045   1.00 31.94 ? 50  LYS B CA  1 
ATOM   1294 C C   . LYS B 1 58  ? -8.227  9.625   4.434   1.00 31.90 ? 50  LYS B C   1 
ATOM   1295 O O   . LYS B 1 58  ? -9.125  10.458  4.396   1.00 31.75 ? 50  LYS B O   1 
ATOM   1296 C CB  . LYS B 1 58  ? -7.795  8.171   6.416   1.00 32.38 ? 50  LYS B CB  1 
ATOM   1297 C CG  . LYS B 1 58  ? -8.448  9.039   7.485   1.00 31.51 ? 50  LYS B CG  1 
ATOM   1298 C CD  . LYS B 1 58  ? -9.882  8.608   7.697   1.00 32.42 ? 50  LYS B CD  1 
ATOM   1299 C CE  . LYS B 1 58  ? -10.552 9.437   8.767   1.00 35.49 ? 50  LYS B CE  1 
ATOM   1300 N NZ  . LYS B 1 58  ? -10.364 10.888  8.494   1.00 37.23 ? 50  LYS B NZ  1 
ATOM   1301 N N   . LEU B 1 59  ? -7.005  9.855   3.960   1.00 32.09 ? 51  LEU B N   1 
ATOM   1302 C CA  . LEU B 1 59  ? -6.652  11.130  3.351   1.00 32.97 ? 51  LEU B CA  1 
ATOM   1303 C C   . LEU B 1 59  ? -7.682  11.476  2.295   1.00 35.19 ? 51  LEU B C   1 
ATOM   1304 O O   . LEU B 1 59  ? -8.068  10.630  1.490   1.00 33.61 ? 51  LEU B O   1 
ATOM   1305 C CB  . LEU B 1 59  ? -5.260  11.058  2.725   1.00 32.42 ? 51  LEU B CB  1 
ATOM   1306 C CG  . LEU B 1 59  ? -4.104  10.929  3.722   1.00 31.93 ? 51  LEU B CG  1 
ATOM   1307 C CD1 . LEU B 1 59  ? -2.805  10.659  2.986   1.00 30.30 ? 51  LEU B CD1 1 
ATOM   1308 C CD2 . LEU B 1 59  ? -3.999  12.201  4.547   1.00 31.90 ? 51  LEU B CD2 1 
ATOM   1309 N N   . GLU B 1 60  ? -8.130  12.725  2.298   1.00 38.91 ? 52  GLU B N   1 
ATOM   1310 C CA  . GLU B 1 60  ? -9.146  13.155  1.346   1.00 42.79 ? 52  GLU B CA  1 
ATOM   1311 C C   . GLU B 1 60  ? -8.611  13.536  -0.025  1.00 42.53 ? 52  GLU B C   1 
ATOM   1312 O O   . GLU B 1 60  ? -9.387  13.829  -0.938  1.00 46.02 ? 52  GLU B O   1 
ATOM   1313 C CB  . GLU B 1 60  ? -9.945  14.328  1.912   1.00 46.68 ? 52  GLU B CB  1 
ATOM   1314 C CG  . GLU B 1 60  ? -10.696 14.015  3.188   1.00 51.28 ? 52  GLU B CG  1 
ATOM   1315 C CD  . GLU B 1 60  ? -11.681 15.105  3.542   1.00 55.33 ? 52  GLU B CD  1 
ATOM   1316 O OE1 . GLU B 1 60  ? -11.255 16.277  3.641   1.00 58.21 ? 52  GLU B OE1 1 
ATOM   1317 O OE2 . GLU B 1 60  ? -12.878 14.791  3.719   1.00 58.25 ? 52  GLU B OE2 1 
ATOM   1318 N N   . TYR B 1 61  ? -7.295  13.531  -0.174  1.00 39.91 ? 53  TYR B N   1 
ATOM   1319 C CA  . TYR B 1 61  ? -6.686  13.881  -1.450  1.00 37.32 ? 53  TYR B CA  1 
ATOM   1320 C C   . TYR B 1 61  ? -6.261  12.616  -2.191  1.00 33.95 ? 53  TYR B C   1 
ATOM   1321 O O   . TYR B 1 61  ? -6.229  11.523  -1.618  1.00 33.78 ? 53  TYR B O   1 
ATOM   1322 C CB  . TYR B 1 61  ? -5.458  14.754  -1.213  1.00 39.99 ? 53  TYR B CB  1 
ATOM   1323 C CG  . TYR B 1 61  ? -5.618  15.760  -0.098  1.00 43.77 ? 53  TYR B CG  1 
ATOM   1324 C CD1 . TYR B 1 61  ? -6.550  16.792  -0.190  1.00 44.79 ? 53  TYR B CD1 1 
ATOM   1325 C CD2 . TYR B 1 61  ? -4.821  15.687  1.045   1.00 46.30 ? 53  TYR B CD2 1 
ATOM   1326 C CE1 . TYR B 1 61  ? -6.681  17.730  0.830   1.00 47.42 ? 53  TYR B CE1 1 
ATOM   1327 C CE2 . TYR B 1 61  ? -4.942  16.616  2.070   1.00 48.13 ? 53  TYR B CE2 1 
ATOM   1328 C CZ  . TYR B 1 61  ? -5.871  17.637  1.959   1.00 48.82 ? 53  TYR B CZ  1 
ATOM   1329 O OH  . TYR B 1 61  ? -5.981  18.566  2.971   1.00 50.58 ? 53  TYR B OH  1 
ATOM   1330 N N   . ASP B 1 62  ? -5.947  12.759  -3.470  1.00 29.94 ? 54  ASP B N   1 
ATOM   1331 C CA  . ASP B 1 62  ? -5.488  11.612  -4.228  1.00 27.48 ? 54  ASP B CA  1 
ATOM   1332 C C   . ASP B 1 62  ? -4.119  11.291  -3.636  1.00 25.52 ? 54  ASP B C   1 
ATOM   1333 O O   . ASP B 1 62  ? -3.396  12.191  -3.206  1.00 24.13 ? 54  ASP B O   1 
ATOM   1334 C CB  . ASP B 1 62  ? -5.338  11.941  -5.717  1.00 27.80 ? 54  ASP B CB  1 
ATOM   1335 C CG  . ASP B 1 62  ? -6.639  12.377  -6.363  1.00 28.34 ? 54  ASP B CG  1 
ATOM   1336 O OD1 . ASP B 1 62  ? -7.724  11.907  -5.938  1.00 26.89 ? 54  ASP B OD1 1 
ATOM   1337 O OD2 . ASP B 1 62  ? -6.567  13.183  -7.318  1.00 29.54 ? 54  ASP B OD2 1 
ATOM   1338 N N   . VAL B 1 63  ? -3.772  10.012  -3.591  1.00 22.77 ? 55  VAL B N   1 
ATOM   1339 C CA  . VAL B 1 63  ? -2.490  9.608   -3.049  1.00 21.28 ? 55  VAL B CA  1 
ATOM   1340 C C   . VAL B 1 63  ? -1.844  8.668   -4.040  1.00 21.55 ? 55  VAL B C   1 
ATOM   1341 O O   . VAL B 1 63  ? -2.520  7.869   -4.685  1.00 21.56 ? 55  VAL B O   1 
ATOM   1342 C CB  . VAL B 1 63  ? -2.640  8.878   -1.693  1.00 21.18 ? 55  VAL B CB  1 
ATOM   1343 C CG1 . VAL B 1 63  ? -1.269  8.470   -1.172  1.00 18.93 ? 55  VAL B CG1 1 
ATOM   1344 C CG2 . VAL B 1 63  ? -3.354  9.775   -0.685  1.00 18.06 ? 55  VAL B CG2 1 
ATOM   1345 N N   . LYS B 1 64  ? -0.527  8.774   -4.158  1.00 20.80 ? 56  LYS B N   1 
ATOM   1346 C CA  . LYS B 1 64  ? 0.236   7.938   -5.067  1.00 20.93 ? 56  LYS B CA  1 
ATOM   1347 C C   . LYS B 1 64  ? 1.415   7.333   -4.311  1.00 19.39 ? 56  LYS B C   1 
ATOM   1348 O O   . LYS B 1 64  ? 2.144   8.037   -3.605  1.00 17.08 ? 56  LYS B O   1 
ATOM   1349 C CB  . LYS B 1 64  ? 0.723   8.780   -6.243  1.00 22.22 ? 56  LYS B CB  1 
ATOM   1350 C CG  . LYS B 1 64  ? 1.407   7.997   -7.327  1.00 27.90 ? 56  LYS B CG  1 
ATOM   1351 C CD  . LYS B 1 64  ? 1.891   8.923   -8.429  1.00 31.78 ? 56  LYS B CD  1 
ATOM   1352 C CE  . LYS B 1 64  ? 0.727   9.452   -9.275  1.00 36.34 ? 56  LYS B CE  1 
ATOM   1353 N NZ  . LYS B 1 64  ? -0.289  10.209  -8.493  1.00 37.73 ? 56  LYS B NZ  1 
ATOM   1354 N N   . VAL B 1 65  ? 1.588   6.022   -4.457  1.00 18.97 ? 57  VAL B N   1 
ATOM   1355 C CA  . VAL B 1 65  ? 2.674   5.304   -3.790  1.00 18.28 ? 57  VAL B CA  1 
ATOM   1356 C C   . VAL B 1 65  ? 3.543   4.641   -4.850  1.00 20.13 ? 57  VAL B C   1 
ATOM   1357 O O   . VAL B 1 65  ? 3.079   3.774   -5.588  1.00 19.95 ? 57  VAL B O   1 
ATOM   1358 C CB  . VAL B 1 65  ? 2.133   4.202   -2.848  1.00 15.62 ? 57  VAL B CB  1 
ATOM   1359 C CG1 . VAL B 1 65  ? 3.270   3.581   -2.057  1.00 15.72 ? 57  VAL B CG1 1 
ATOM   1360 C CG2 . VAL B 1 65  ? 1.094   4.775   -1.929  1.00 14.06 ? 57  VAL B CG2 1 
ATOM   1361 N N   . THR B 1 66  ? 4.807   5.040   -4.909  1.00 20.12 ? 58  THR B N   1 
ATOM   1362 C CA  . THR B 1 66  ? 5.725   4.504   -5.899  1.00 21.32 ? 58  THR B CA  1 
ATOM   1363 C C   . THR B 1 66  ? 6.872   3.684   -5.310  1.00 21.81 ? 58  THR B C   1 
ATOM   1364 O O   . THR B 1 66  ? 7.548   4.121   -4.381  1.00 22.26 ? 58  THR B O   1 
ATOM   1365 C CB  . THR B 1 66  ? 6.312   5.653   -6.737  1.00 21.89 ? 58  THR B CB  1 
ATOM   1366 O OG1 . THR B 1 66  ? 5.243   6.374   -7.359  1.00 24.99 ? 58  THR B OG1 1 
ATOM   1367 C CG2 . THR B 1 66  ? 7.234   5.127   -7.811  1.00 22.33 ? 58  THR B CG2 1 
ATOM   1368 N N   . LYS B 1 67  ? 7.078   2.488   -5.854  1.00 22.64 ? 59  LYS B N   1 
ATOM   1369 C CA  . LYS B 1 67  ? 8.164   1.627   -5.416  1.00 24.25 ? 59  LYS B CA  1 
ATOM   1370 C C   . LYS B 1 67  ? 9.153   1.595   -6.557  1.00 27.15 ? 59  LYS B C   1 
ATOM   1371 O O   . LYS B 1 67  ? 8.802   1.185   -7.655  1.00 27.50 ? 59  LYS B O   1 
ATOM   1372 C CB  . LYS B 1 67  ? 7.688   0.202   -5.181  1.00 23.38 ? 59  LYS B CB  1 
ATOM   1373 C CG  . LYS B 1 67  ? 8.803   -0.703  -4.674  1.00 24.76 ? 59  LYS B CG  1 
ATOM   1374 C CD  . LYS B 1 67  ? 8.707   -2.126  -5.221  1.00 23.29 ? 59  LYS B CD  1 
ATOM   1375 C CE  . LYS B 1 67  ? 8.947   -2.153  -6.722  1.00 24.86 ? 59  LYS B CE  1 
ATOM   1376 N NZ  . LYS B 1 67  ? 9.149   -3.534  -7.241  1.00 23.23 ? 59  LYS B NZ  1 
ATOM   1377 N N   . THR B 1 68  ? 10.377  2.041   -6.318  1.00 31.50 ? 60  THR B N   1 
ATOM   1378 C CA  . THR B 1 68  ? 11.390  2.006   -7.367  1.00 36.20 ? 60  THR B CA  1 
ATOM   1379 C C   . THR B 1 68  ? 12.575  1.222   -6.842  1.00 40.36 ? 60  THR B C   1 
ATOM   1380 O O   . THR B 1 68  ? 12.621  0.855   -5.668  1.00 40.64 ? 60  THR B O   1 
ATOM   1381 C CB  . THR B 1 68  ? 11.877  3.405   -7.760  1.00 36.15 ? 60  THR B CB  1 
ATOM   1382 O OG1 . THR B 1 68  ? 12.587  3.988   -6.661  1.00 37.07 ? 60  THR B OG1 1 
ATOM   1383 C CG2 . THR B 1 68  ? 10.703  4.289   -8.140  1.00 36.11 ? 60  THR B CG2 1 
ATOM   1384 N N   . ASP B 1 69  ? 13.540  0.960   -7.708  1.00 46.29 ? 61  ASP B N   1 
ATOM   1385 C CA  . ASP B 1 69  ? 14.702  0.201   -7.287  1.00 51.19 ? 61  ASP B CA  1 
ATOM   1386 C C   . ASP B 1 69  ? 15.822  1.140   -6.847  1.00 52.89 ? 61  ASP B C   1 
ATOM   1387 O O   . ASP B 1 69  ? 16.809  0.702   -6.254  1.00 54.29 ? 61  ASP B O   1 
ATOM   1388 C CB  . ASP B 1 69  ? 15.152  -0.718  -8.422  1.00 54.37 ? 61  ASP B CB  1 
ATOM   1389 C CG  . ASP B 1 69  ? 13.971  -1.358  -9.158  1.00 58.84 ? 61  ASP B CG  1 
ATOM   1390 O OD1 . ASP B 1 69  ? 13.060  -1.919  -8.495  1.00 58.55 ? 61  ASP B OD1 1 
ATOM   1391 O OD2 . ASP B 1 69  ? 13.956  -1.298  -10.410 1.00 62.35 ? 61  ASP B OD2 1 
ATOM   1392 N N   . LEU B 1 70  ? 15.658  2.435   -7.126  1.00 53.35 ? 62  LEU B N   1 
ATOM   1393 C CA  . LEU B 1 70  ? 16.647  3.433   -6.719  1.00 53.77 ? 62  LEU B CA  1 
ATOM   1394 C C   . LEU B 1 70  ? 16.410  3.806   -5.241  1.00 52.76 ? 62  LEU B C   1 
ATOM   1395 O O   . LEU B 1 70  ? 15.543  3.228   -4.584  1.00 53.18 ? 62  LEU B O   1 
ATOM   1396 C CB  . LEU B 1 70  ? 16.574  4.669   -7.633  1.00 55.70 ? 62  LEU B CB  1 
ATOM   1397 C CG  . LEU B 1 70  ? 15.352  5.596   -7.646  1.00 57.89 ? 62  LEU B CG  1 
ATOM   1398 C CD1 . LEU B 1 70  ? 15.363  6.453   -6.394  1.00 58.47 ? 62  LEU B CD1 1 
ATOM   1399 C CD2 . LEU B 1 70  ? 15.379  6.486   -8.887  1.00 56.98 ? 62  LEU B CD2 1 
ATOM   1400 N N   . LYS B 1 71  ? 17.171  4.757   -4.708  1.00 51.04 ? 63  LYS B N   1 
ATOM   1401 C CA  . LYS B 1 71  ? 16.998  5.112   -3.306  1.00 49.35 ? 63  LYS B CA  1 
ATOM   1402 C C   . LYS B 1 71  ? 16.774  6.595   -3.049  1.00 47.09 ? 63  LYS B C   1 
ATOM   1403 O O   . LYS B 1 71  ? 17.356  7.447   -3.723  1.00 47.72 ? 63  LYS B O   1 
ATOM   1404 C CB  . LYS B 1 71  ? 18.200  4.627   -2.485  1.00 51.04 ? 63  LYS B CB  1 
ATOM   1405 C CG  . LYS B 1 71  ? 18.007  4.766   -0.978  1.00 54.15 ? 63  LYS B CG  1 
ATOM   1406 C CD  . LYS B 1 71  ? 19.169  4.206   -0.167  1.00 57.07 ? 63  LYS B CD  1 
ATOM   1407 C CE  . LYS B 1 71  ? 19.316  2.695   -0.325  1.00 58.91 ? 63  LYS B CE  1 
ATOM   1408 N NZ  . LYS B 1 71  ? 19.795  2.292   -1.682  1.00 60.24 ? 63  LYS B NZ  1 
ATOM   1409 N N   . PRO B 1 72  ? 15.899  6.919   -2.072  1.00 43.90 ? 64  PRO B N   1 
ATOM   1410 C CA  . PRO B 1 72  ? 15.169  5.923   -1.273  1.00 40.04 ? 64  PRO B CA  1 
ATOM   1411 C C   . PRO B 1 72  ? 14.169  5.135   -2.118  1.00 36.01 ? 64  PRO B C   1 
ATOM   1412 O O   . PRO B 1 72  ? 13.658  5.630   -3.117  1.00 35.80 ? 64  PRO B O   1 
ATOM   1413 C CB  . PRO B 1 72  ? 14.516  6.765   -0.186  1.00 39.45 ? 64  PRO B CB  1 
ATOM   1414 C CG  . PRO B 1 72  ? 14.310  8.070   -0.864  1.00 42.52 ? 64  PRO B CG  1 
ATOM   1415 C CD  . PRO B 1 72  ? 15.588  8.284   -1.617  1.00 42.49 ? 64  PRO B CD  1 
ATOM   1416 N N   . LYS B 1 73  ? 13.909  3.902   -1.707  1.00 32.74 ? 65  LYS B N   1 
ATOM   1417 C CA  . LYS B 1 73  ? 13.018  2.988   -2.422  1.00 30.03 ? 65  LYS B CA  1 
ATOM   1418 C C   . LYS B 1 73  ? 11.583  3.457   -2.703  1.00 27.61 ? 65  LYS B C   1 
ATOM   1419 O O   . LYS B 1 73  ? 11.076  3.291   -3.814  1.00 26.86 ? 65  LYS B O   1 
ATOM   1420 C CB  . LYS B 1 73  ? 12.982  1.659   -1.665  1.00 31.04 ? 65  LYS B CB  1 
ATOM   1421 C CG  . LYS B 1 73  ? 12.389  0.504   -2.437  1.00 32.96 ? 65  LYS B CG  1 
ATOM   1422 C CD  . LYS B 1 73  ? 12.335  -0.758  -1.587  1.00 33.76 ? 65  LYS B CD  1 
ATOM   1423 C CE  . LYS B 1 73  ? 11.857  -1.945  -2.413  1.00 36.36 ? 65  LYS B CE  1 
ATOM   1424 N NZ  . LYS B 1 73  ? 11.736  -3.188  -1.598  1.00 38.89 ? 65  LYS B NZ  1 
ATOM   1425 N N   . TYR B 1 74  ? 10.931  4.030   -1.694  1.00 24.83 ? 66  TYR B N   1 
ATOM   1426 C CA  . TYR B 1 74  ? 9.552   4.488   -1.817  1.00 23.61 ? 66  TYR B CA  1 
ATOM   1427 C C   . TYR B 1 74  ? 9.354   5.990   -1.866  1.00 23.74 ? 66  TYR B C   1 
ATOM   1428 O O   . TYR B 1 74  ? 10.066  6.756   -1.215  1.00 23.94 ? 66  TYR B O   1 
ATOM   1429 C CB  . TYR B 1 74  ? 8.716   3.935   -0.661  1.00 22.32 ? 66  TYR B CB  1 
ATOM   1430 C CG  . TYR B 1 74  ? 8.397   2.475   -0.801  1.00 23.87 ? 66  TYR B CG  1 
ATOM   1431 C CD1 . TYR B 1 74  ? 7.382   2.044   -1.662  1.00 25.56 ? 66  TYR B CD1 1 
ATOM   1432 C CD2 . TYR B 1 74  ? 9.133   1.513   -0.114  1.00 24.42 ? 66  TYR B CD2 1 
ATOM   1433 C CE1 . TYR B 1 74  ? 7.112   0.682   -1.834  1.00 24.46 ? 66  TYR B CE1 1 
ATOM   1434 C CE2 . TYR B 1 74  ? 8.871   0.153   -0.279  1.00 24.06 ? 66  TYR B CE2 1 
ATOM   1435 C CZ  . TYR B 1 74  ? 7.861   -0.251  -1.140  1.00 23.76 ? 66  TYR B CZ  1 
ATOM   1436 O OH  . TYR B 1 74  ? 7.604   -1.591  -1.300  1.00 27.32 ? 66  TYR B OH  1 
ATOM   1437 N N   . GLN B 1 75  ? 8.359   6.397   -2.643  1.00 23.11 ? 67  GLN B N   1 
ATOM   1438 C CA  . GLN B 1 75  ? 8.006   7.795   -2.778  1.00 23.77 ? 67  GLN B CA  1 
ATOM   1439 C C   . GLN B 1 75  ? 6.490   7.889   -2.678  1.00 23.55 ? 67  GLN B C   1 
ATOM   1440 O O   . GLN B 1 75  ? 5.780   7.053   -3.233  1.00 23.40 ? 67  GLN B O   1 
ATOM   1441 C CB  . GLN B 1 75  ? 8.453   8.323   -4.131  1.00 24.50 ? 67  GLN B CB  1 
ATOM   1442 C CG  . GLN B 1 75  ? 8.126   9.778   -4.340  1.00 27.92 ? 67  GLN B CG  1 
ATOM   1443 C CD  . GLN B 1 75  ? 8.547   10.273  -5.713  1.00 30.40 ? 67  GLN B CD  1 
ATOM   1444 O OE1 . GLN B 1 75  ? 8.536   11.470  -5.973  1.00 33.09 ? 67  GLN B OE1 1 
ATOM   1445 N NE2 . GLN B 1 75  ? 8.913   9.350   -6.598  1.00 30.06 ? 67  GLN B NE2 1 
ATOM   1446 N N   . VAL B 1 76  ? 5.994   8.896   -1.968  1.00 23.03 ? 68  VAL B N   1 
ATOM   1447 C CA  . VAL B 1 76  ? 4.560   9.087   -1.829  1.00 21.59 ? 68  VAL B CA  1 
ATOM   1448 C C   . VAL B 1 76  ? 4.164   10.501  -2.216  1.00 23.61 ? 68  VAL B C   1 
ATOM   1449 O O   . VAL B 1 76  ? 4.846   11.461  -1.861  1.00 23.63 ? 68  VAL B O   1 
ATOM   1450 C CB  . VAL B 1 76  ? 4.076   8.811   -0.384  1.00 20.11 ? 68  VAL B CB  1 
ATOM   1451 C CG1 . VAL B 1 76  ? 2.697   9.428   -0.159  1.00 18.55 ? 68  VAL B CG1 1 
ATOM   1452 C CG2 . VAL B 1 76  ? 3.991   7.313   -0.148  1.00 17.85 ? 68  VAL B CG2 1 
ATOM   1453 N N   . HIS B 1 77  ? 3.068   10.602  -2.966  1.00 24.48 ? 69  HIS B N   1 
ATOM   1454 C CA  . HIS B 1 77  ? 2.511   11.876  -3.410  1.00 24.83 ? 69  HIS B CA  1 
ATOM   1455 C C   . HIS B 1 77  ? 1.131   12.057  -2.784  1.00 24.39 ? 69  HIS B C   1 
ATOM   1456 O O   . HIS B 1 77  ? 0.286   11.174  -2.894  1.00 23.09 ? 69  HIS B O   1 
ATOM   1457 C CB  . HIS B 1 77  ? 2.326   11.888  -4.925  1.00 27.15 ? 69  HIS B CB  1 
ATOM   1458 C CG  . HIS B 1 77  ? 3.603   11.986  -5.693  1.00 31.91 ? 69  HIS B CG  1 
ATOM   1459 N ND1 . HIS B 1 77  ? 4.123   13.190  -6.118  1.00 34.80 ? 69  HIS B ND1 1 
ATOM   1460 C CD2 . HIS B 1 77  ? 4.480   11.035  -6.088  1.00 33.90 ? 69  HIS B CD2 1 
ATOM   1461 C CE1 . HIS B 1 77  ? 5.267   12.976  -6.742  1.00 35.40 ? 69  HIS B CE1 1 
ATOM   1462 N NE2 . HIS B 1 77  ? 5.507   11.677  -6.738  1.00 35.94 ? 69  HIS B NE2 1 
ATOM   1463 N N   . VAL B 1 78  ? 0.911   13.179  -2.106  1.00 23.55 ? 70  VAL B N   1 
ATOM   1464 C CA  . VAL B 1 78  ? -0.405  13.469  -1.547  1.00 25.07 ? 70  VAL B CA  1 
ATOM   1465 C C   . VAL B 1 78  ? -0.803  14.756  -2.258  1.00 26.52 ? 70  VAL B C   1 
ATOM   1466 O O   . VAL B 1 78  ? -0.189  15.807  -2.067  1.00 27.37 ? 70  VAL B O   1 
ATOM   1467 C CB  . VAL B 1 78  ? -0.386  13.698  -0.029  1.00 24.28 ? 70  VAL B CB  1 
ATOM   1468 C CG1 . VAL B 1 78  ? -1.812  13.902  0.463   1.00 21.61 ? 70  VAL B CG1 1 
ATOM   1469 C CG2 . VAL B 1 78  ? 0.246   12.507  0.678   1.00 23.17 ? 70  VAL B CG2 1 
ATOM   1470 N N   . PHE B 1 79  ? -1.831  14.664  -3.089  1.00 27.26 ? 71  PHE B N   1 
ATOM   1471 C CA  . PHE B 1 79  ? -2.256  15.797  -3.880  1.00 29.88 ? 71  PHE B CA  1 
ATOM   1472 C C   . PHE B 1 79  ? -3.163  16.805  -3.198  1.00 31.84 ? 71  PHE B C   1 
ATOM   1473 O O   . PHE B 1 79  ? -4.384  16.791  -3.348  1.00 31.69 ? 71  PHE B O   1 
ATOM   1474 C CB  . PHE B 1 79  ? -2.847  15.266  -5.185  1.00 28.64 ? 71  PHE B CB  1 
ATOM   1475 C CG  . PHE B 1 79  ? -1.851  14.471  -5.994  1.00 27.30 ? 71  PHE B CG  1 
ATOM   1476 C CD1 . PHE B 1 79  ? -0.897  15.117  -6.783  1.00 27.23 ? 71  PHE B CD1 1 
ATOM   1477 C CD2 . PHE B 1 79  ? -1.801  13.082  -5.890  1.00 26.53 ? 71  PHE B CD2 1 
ATOM   1478 C CE1 . PHE B 1 79  ? 0.094   14.392  -7.451  1.00 26.12 ? 71  PHE B CE1 1 
ATOM   1479 C CE2 . PHE B 1 79  ? -0.816  12.349  -6.552  1.00 25.87 ? 71  PHE B CE2 1 
ATOM   1480 C CZ  . PHE B 1 79  ? 0.134   13.006  -7.334  1.00 27.10 ? 71  PHE B CZ  1 
ATOM   1481 N N   . VAL B 1 80  ? -2.515  17.682  -2.433  1.00 35.70 ? 72  VAL B N   1 
ATOM   1482 C CA  . VAL B 1 80  ? -3.172  18.759  -1.707  1.00 38.53 ? 72  VAL B CA  1 
ATOM   1483 C C   . VAL B 1 80  ? -3.327  19.894  -2.717  1.00 40.14 ? 72  VAL B C   1 
ATOM   1484 O O   . VAL B 1 80  ? -2.395  20.204  -3.456  1.00 40.96 ? 72  VAL B O   1 
ATOM   1485 C CB  . VAL B 1 80  ? -2.298  19.230  -0.501  1.00 38.99 ? 72  VAL B CB  1 
ATOM   1486 C CG1 . VAL B 1 80  ? -2.834  20.534  0.070   1.00 39.60 ? 72  VAL B CG1 1 
ATOM   1487 C CG2 . VAL B 1 80  ? -2.284  18.153  0.586   1.00 36.72 ? 72  VAL B CG2 1 
ATOM   1488 N N   . PRO B 1 81  ? -4.512  20.515  -2.768  1.00 41.99 ? 73  PRO B N   1 
ATOM   1489 C CA  . PRO B 1 81  ? -4.789  21.617  -3.695  1.00 44.37 ? 73  PRO B CA  1 
ATOM   1490 C C   . PRO B 1 81  ? -3.673  22.651  -3.802  1.00 45.64 ? 73  PRO B C   1 
ATOM   1491 O O   . PRO B 1 81  ? -3.285  23.049  -4.908  1.00 47.46 ? 73  PRO B O   1 
ATOM   1492 C CB  . PRO B 1 81  ? -6.088  22.209  -3.150  1.00 44.75 ? 73  PRO B CB  1 
ATOM   1493 C CG  . PRO B 1 81  ? -6.071  21.805  -1.688  1.00 44.56 ? 73  PRO B CG  1 
ATOM   1494 C CD  . PRO B 1 81  ? -5.592  20.391  -1.777  1.00 43.48 ? 73  PRO B CD  1 
ATOM   1495 N N   . GLY B 1 82  ? -3.155  23.090  -2.660  1.00 45.54 ? 74  GLY B N   1 
ATOM   1496 C CA  . GLY B 1 82  ? -2.080  24.064  -2.695  1.00 46.11 ? 74  GLY B CA  1 
ATOM   1497 C C   . GLY B 1 82  ? -0.963  23.601  -3.616  1.00 45.52 ? 74  GLY B C   1 
ATOM   1498 O O   . GLY B 1 82  ? -0.376  24.386  -4.358  1.00 46.17 ? 74  GLY B O   1 
ATOM   1499 N N   . GLY B 1 83  ? -0.681  22.307  -3.577  1.00 44.81 ? 75  GLY B N   1 
ATOM   1500 C CA  . GLY B 1 83  ? 0.376   21.743  -4.394  1.00 43.22 ? 75  GLY B CA  1 
ATOM   1501 C C   . GLY B 1 83  ? 0.807   20.428  -3.777  1.00 41.73 ? 75  GLY B C   1 
ATOM   1502 O O   . GLY B 1 83  ? 1.032   20.350  -2.565  1.00 42.52 ? 75  GLY B O   1 
ATOM   1503 N N   . VAL B 1 84  ? 0.915   19.396  -4.607  1.00 39.60 ? 76  VAL B N   1 
ATOM   1504 C CA  . VAL B 1 84  ? 1.297   18.062  -4.152  1.00 36.96 ? 76  VAL B CA  1 
ATOM   1505 C C   . VAL B 1 84  ? 2.390   18.025  -3.085  1.00 35.59 ? 76  VAL B C   1 
ATOM   1506 O O   . VAL B 1 84  ? 3.342   18.795  -3.125  1.00 34.21 ? 76  VAL B O   1 
ATOM   1507 C CB  . VAL B 1 84  ? 1.772   17.199  -5.335  1.00 35.54 ? 76  VAL B CB  1 
ATOM   1508 C CG1 . VAL B 1 84  ? 3.056   17.769  -5.898  1.00 34.49 ? 76  VAL B CG1 1 
ATOM   1509 C CG2 . VAL B 1 84  ? 1.975   15.764  -4.888  1.00 33.69 ? 76  VAL B CG2 1 
ATOM   1510 N N   . LYS B 1 85  ? 2.237   17.116  -2.128  1.00 35.02 ? 77  LYS B N   1 
ATOM   1511 C CA  . LYS B 1 85  ? 3.218   16.924  -1.061  1.00 34.78 ? 77  LYS B CA  1 
ATOM   1512 C C   . LYS B 1 85  ? 3.891   15.591  -1.374  1.00 34.46 ? 77  LYS B C   1 
ATOM   1513 O O   . LYS B 1 85  ? 3.223   14.561  -1.407  1.00 35.81 ? 77  LYS B O   1 
ATOM   1514 C CB  . LYS B 1 85  ? 2.524   16.809  0.297   1.00 36.16 ? 77  LYS B CB  1 
ATOM   1515 C CG  . LYS B 1 85  ? 1.608   17.957  0.666   1.00 37.79 ? 77  LYS B CG  1 
ATOM   1516 C CD  . LYS B 1 85  ? 2.388   19.176  1.107   1.00 39.38 ? 77  LYS B CD  1 
ATOM   1517 C CE  . LYS B 1 85  ? 1.452   20.218  1.699   1.00 42.08 ? 77  LYS B CE  1 
ATOM   1518 N NZ  . LYS B 1 85  ? 2.204   21.427  2.110   1.00 45.24 ? 77  LYS B NZ  1 
ATOM   1519 N N   . MET B 1 86  ? 5.197   15.586  -1.610  1.00 33.06 ? 78  MET B N   1 
ATOM   1520 C CA  . MET B 1 86  ? 5.858   14.322  -1.917  1.00 33.28 ? 78  MET B CA  1 
ATOM   1521 C C   . MET B 1 86  ? 6.936   14.021  -0.888  1.00 31.48 ? 78  MET B C   1 
ATOM   1522 O O   . MET B 1 86  ? 7.678   14.909  -0.487  1.00 32.11 ? 78  MET B O   1 
ATOM   1523 C CB  . MET B 1 86  ? 6.463   14.360  -3.326  1.00 34.22 ? 78  MET B CB  1 
ATOM   1524 C CG  . MET B 1 86  ? 7.924   14.751  -3.370  1.00 40.13 ? 78  MET B CG  1 
ATOM   1525 S SD  . MET B 1 86  ? 9.074   13.368  -3.166  1.00 41.88 ? 78  MET B SD  1 
ATOM   1526 C CE  . MET B 1 86  ? 9.958   13.515  -4.697  1.00 46.54 ? 78  MET B CE  1 
ATOM   1527 N N   . VAL B 1 87  ? 7.009   12.768  -0.450  1.00 29.11 ? 79  VAL B N   1 
ATOM   1528 C CA  . VAL B 1 87  ? 8.008   12.363  0.526   1.00 25.60 ? 79  VAL B CA  1 
ATOM   1529 C C   . VAL B 1 87  ? 8.697   11.090  0.076   1.00 26.04 ? 79  VAL B C   1 
ATOM   1530 O O   . VAL B 1 87  ? 8.270   10.445  -0.884  1.00 26.34 ? 79  VAL B O   1 
ATOM   1531 C CB  . VAL B 1 87  ? 7.380   12.114  1.902   1.00 24.76 ? 79  VAL B CB  1 
ATOM   1532 C CG1 . VAL B 1 87  ? 6.969   13.433  2.527   1.00 23.53 ? 79  VAL B CG1 1 
ATOM   1533 C CG2 . VAL B 1 87  ? 6.171   11.199  1.764   1.00 22.92 ? 79  VAL B CG2 1 
ATOM   1534 N N   . PHE B 1 88  ? 9.776   10.747  0.770   1.00 26.11 ? 80  PHE B N   1 
ATOM   1535 C CA  . PHE B 1 88  ? 10.555  9.550   0.491   1.00 26.25 ? 80  PHE B CA  1 
ATOM   1536 C C   . PHE B 1 88  ? 10.613  8.710   1.758   1.00 27.68 ? 80  PHE B C   1 
ATOM   1537 O O   . PHE B 1 88  ? 10.386  9.209   2.863   1.00 29.22 ? 80  PHE B O   1 
ATOM   1538 C CB  . PHE B 1 88  ? 11.978  9.920   0.090   1.00 27.50 ? 80  PHE B CB  1 
ATOM   1539 C CG  . PHE B 1 88  ? 12.087  10.548  -1.264  1.00 29.01 ? 80  PHE B CG  1 
ATOM   1540 C CD1 . PHE B 1 88  ? 11.834  9.804   -2.408  1.00 30.32 ? 80  PHE B CD1 1 
ATOM   1541 C CD2 . PHE B 1 88  ? 12.444  11.887  -1.398  1.00 29.87 ? 80  PHE B CD2 1 
ATOM   1542 C CE1 . PHE B 1 88  ? 11.936  10.387  -3.673  1.00 31.57 ? 80  PHE B CE1 1 
ATOM   1543 C CE2 . PHE B 1 88  ? 12.549  12.481  -2.651  1.00 29.10 ? 80  PHE B CE2 1 
ATOM   1544 C CZ  . PHE B 1 88  ? 12.295  11.730  -3.791  1.00 30.71 ? 80  PHE B CZ  1 
ATOM   1545 N N   . ALA B 1 89  ? 10.917  7.431   1.600   1.00 26.29 ? 81  ALA B N   1 
ATOM   1546 C CA  . ALA B 1 89  ? 11.028  6.536   2.738   1.00 26.25 ? 81  ALA B CA  1 
ATOM   1547 C C   . ALA B 1 89  ? 11.473  5.198   2.204   1.00 26.30 ? 81  ALA B C   1 
ATOM   1548 O O   . ALA B 1 89  ? 11.349  4.935   1.011   1.00 25.55 ? 81  ALA B O   1 
ATOM   1549 C CB  . ALA B 1 89  ? 9.694   6.405   3.442   1.00 26.30 ? 81  ALA B CB  1 
ATOM   1550 N N   . GLU B 1 90  ? 11.998  4.355   3.082   1.00 27.33 ? 82  GLU B N   1 
ATOM   1551 C CA  . GLU B 1 90  ? 12.466  3.046   2.666   1.00 30.22 ? 82  GLU B CA  1 
ATOM   1552 C C   . GLU B 1 90  ? 11.383  1.976   2.668   1.00 29.32 ? 82  GLU B C   1 
ATOM   1553 O O   . GLU B 1 90  ? 11.601  0.859   2.186   1.00 30.64 ? 82  GLU B O   1 
ATOM   1554 C CB  . GLU B 1 90  ? 13.650  2.624   3.529   1.00 33.40 ? 82  GLU B CB  1 
ATOM   1555 C CG  . GLU B 1 90  ? 14.952  3.238   3.030   1.00 40.77 ? 82  GLU B CG  1 
ATOM   1556 C CD  . GLU B 1 90  ? 15.171  2.979   1.536   1.00 44.49 ? 82  GLU B CD  1 
ATOM   1557 O OE1 . GLU B 1 90  ? 15.253  1.792   1.138   1.00 44.85 ? 82  GLU B OE1 1 
ATOM   1558 O OE2 . GLU B 1 90  ? 15.256  3.962   0.761   1.00 46.51 ? 82  GLU B OE2 1 
ATOM   1559 N N   . THR B 1 91  ? 10.218  2.323   3.209   1.00 27.68 ? 83  THR B N   1 
ATOM   1560 C CA  . THR B 1 91  ? 9.083   1.410   3.249   1.00 25.99 ? 83  THR B CA  1 
ATOM   1561 C C   . THR B 1 91  ? 7.820   2.169   2.868   1.00 24.14 ? 83  THR B C   1 
ATOM   1562 O O   . THR B 1 91  ? 7.725   3.377   3.078   1.00 23.17 ? 83  THR B O   1 
ATOM   1563 C CB  . THR B 1 91  ? 8.869   0.816   4.643   1.00 25.89 ? 83  THR B CB  1 
ATOM   1564 O OG1 . THR B 1 91  ? 8.554   1.867   5.565   1.00 28.42 ? 83  THR B OG1 1 
ATOM   1565 C CG2 . THR B 1 91  ? 10.104  0.093   5.101   1.00 26.25 ? 83  THR B CG2 1 
ATOM   1566 N N   . ALA B 1 92  ? 6.856   1.452   2.302   1.00 22.38 ? 84  ALA B N   1 
ATOM   1567 C CA  . ALA B 1 92  ? 5.598   2.058   1.903   1.00 20.47 ? 84  ALA B CA  1 
ATOM   1568 C C   . ALA B 1 92  ? 4.854   2.595   3.123   1.00 19.37 ? 84  ALA B C   1 
ATOM   1569 O O   . ALA B 1 92  ? 4.305   3.694   3.077   1.00 21.68 ? 84  ALA B O   1 
ATOM   1570 C CB  . ALA B 1 92  ? 4.732   1.042   1.157   1.00 18.53 ? 84  ALA B CB  1 
ATOM   1571 N N   . PRO B 1 93  ? 4.822   1.831   4.233   1.00 18.77 ? 85  PRO B N   1 
ATOM   1572 C CA  . PRO B 1 93  ? 4.110   2.333   5.416   1.00 17.31 ? 85  PRO B CA  1 
ATOM   1573 C C   . PRO B 1 93  ? 4.636   3.677   5.919   1.00 18.37 ? 85  PRO B C   1 
ATOM   1574 O O   . PRO B 1 93  ? 3.858   4.585   6.194   1.00 17.86 ? 85  PRO B O   1 
ATOM   1575 C CB  . PRO B 1 93  ? 4.305   1.215   6.427   1.00 17.13 ? 85  PRO B CB  1 
ATOM   1576 C CG  . PRO B 1 93  ? 4.335   -0.016  5.548   1.00 16.51 ? 85  PRO B CG  1 
ATOM   1577 C CD  . PRO B 1 93  ? 5.242   0.431   4.437   1.00 17.71 ? 85  PRO B CD  1 
ATOM   1578 N N   . MET B 1 94  ? 5.957   3.805   6.025   1.00 19.03 ? 86  MET B N   1 
ATOM   1579 C CA  . MET B 1 94  ? 6.558   5.042   6.501   1.00 19.61 ? 86  MET B CA  1 
ATOM   1580 C C   . MET B 1 94  ? 6.406   6.190   5.505   1.00 20.78 ? 86  MET B C   1 
ATOM   1581 O O   . MET B 1 94  ? 6.184   7.339   5.906   1.00 22.66 ? 86  MET B O   1 
ATOM   1582 C CB  . MET B 1 94  ? 8.041   4.827   6.822   1.00 19.92 ? 86  MET B CB  1 
ATOM   1583 C CG  . MET B 1 94  ? 8.714   6.060   7.435   1.00 20.74 ? 86  MET B CG  1 
ATOM   1584 S SD  . MET B 1 94  ? 7.811   6.775   8.822   1.00 18.18 ? 86  MET B SD  1 
ATOM   1585 C CE  . MET B 1 94  ? 8.331   5.739   10.089  1.00 20.94 ? 86  MET B CE  1 
ATOM   1586 N N   . ALA B 1 95  ? 6.533   5.891   4.214   1.00 19.59 ? 87  ALA B N   1 
ATOM   1587 C CA  . ALA B 1 95  ? 6.387   6.923   3.190   1.00 18.11 ? 87  ALA B CA  1 
ATOM   1588 C C   . ALA B 1 95  ? 4.948   7.431   3.206   1.00 19.07 ? 87  ALA B C   1 
ATOM   1589 O O   . ALA B 1 95  ? 4.697   8.627   3.031   1.00 19.65 ? 87  ALA B O   1 
ATOM   1590 C CB  . ALA B 1 95  ? 6.729   6.360   1.825   1.00 16.70 ? 87  ALA B CB  1 
ATOM   1591 N N   . ILE B 1 96  ? 4.002   6.515   3.412   1.00 19.13 ? 88  ILE B N   1 
ATOM   1592 C CA  . ILE B 1 96  ? 2.588   6.873   3.466   1.00 18.57 ? 88  ILE B CA  1 
ATOM   1593 C C   . ILE B 1 96  ? 2.344   7.786   4.656   1.00 19.21 ? 88  ILE B C   1 
ATOM   1594 O O   . ILE B 1 96  ? 1.719   8.827   4.518   1.00 20.36 ? 88  ILE B O   1 
ATOM   1595 C CB  . ILE B 1 96  ? 1.684   5.613   3.563   1.00 18.08 ? 88  ILE B CB  1 
ATOM   1596 C CG1 . ILE B 1 96  ? 1.543   4.979   2.176   1.00 16.70 ? 88  ILE B CG1 1 
ATOM   1597 C CG2 . ILE B 1 96  ? 0.310   5.983   4.091   1.00 16.04 ? 88  ILE B CG2 1 
ATOM   1598 C CD1 . ILE B 1 96  ? 0.892   3.628   2.187   1.00 17.02 ? 88  ILE B CD1 1 
ATOM   1599 N N   . CYS B 1 97  ? 2.852   7.417   5.826   1.00 19.20 ? 89  CYS B N   1 
ATOM   1600 C CA  . CYS B 1 97  ? 2.652   8.262   6.995   1.00 20.86 ? 89  CYS B CA  1 
ATOM   1601 C C   . CYS B 1 97  ? 3.330   9.622   6.841   1.00 21.07 ? 89  CYS B C   1 
ATOM   1602 O O   . CYS B 1 97  ? 2.730   10.638  7.159   1.00 21.05 ? 89  CYS B O   1 
ATOM   1603 C CB  . CYS B 1 97  ? 3.141   7.551   8.260   1.00 20.38 ? 89  CYS B CB  1 
ATOM   1604 S SG  . CYS B 1 97  ? 2.111   6.126   8.697   1.00 21.73 ? 89  CYS B SG  1 
ATOM   1605 N N   . LYS B 1 98  ? 4.569   9.642   6.348   1.00 21.88 ? 90  LYS B N   1 
ATOM   1606 C CA  . LYS B 1 98  ? 5.283   10.900  6.151   1.00 22.39 ? 90  LYS B CA  1 
ATOM   1607 C C   . LYS B 1 98  ? 4.510   11.825  5.206   1.00 23.49 ? 90  LYS B C   1 
ATOM   1608 O O   . LYS B 1 98  ? 4.470   13.037  5.415   1.00 24.46 ? 90  LYS B O   1 
ATOM   1609 C CB  . LYS B 1 98  ? 6.686   10.638  5.591   1.00 24.30 ? 90  LYS B CB  1 
ATOM   1610 C CG  . LYS B 1 98  ? 7.609   9.910   6.559   1.00 27.75 ? 90  LYS B CG  1 
ATOM   1611 C CD  . LYS B 1 98  ? 8.980   9.610   5.964   1.00 27.43 ? 90  LYS B CD  1 
ATOM   1612 C CE  . LYS B 1 98  ? 9.799   10.863  5.771   1.00 26.79 ? 90  LYS B CE  1 
ATOM   1613 N NZ  . LYS B 1 98  ? 11.169  10.508  5.304   1.00 27.63 ? 90  LYS B NZ  1 
ATOM   1614 N N   . GLY B 1 99  ? 3.899   11.257  4.169   1.00 22.42 ? 91  GLY B N   1 
ATOM   1615 C CA  . GLY B 1 99  ? 3.132   12.063  3.233   1.00 22.65 ? 91  GLY B CA  1 
ATOM   1616 C C   . GLY B 1 99  ? 1.815   12.563  3.817   1.00 23.59 ? 91  GLY B C   1 
ATOM   1617 O O   . GLY B 1 99  ? 1.346   13.656  3.484   1.00 24.64 ? 91  GLY B O   1 
ATOM   1618 N N   . ALA B 1 100 ? 1.216   11.766  4.694   1.00 23.52 ? 92  ALA B N   1 
ATOM   1619 C CA  . ALA B 1 100 ? -0.049  12.125  5.330   1.00 24.48 ? 92  ALA B CA  1 
ATOM   1620 C C   . ALA B 1 100 ? 0.176   13.285  6.277   1.00 25.16 ? 92  ALA B C   1 
ATOM   1621 O O   . ALA B 1 100 ? -0.634  14.202  6.355   1.00 25.65 ? 92  ALA B O   1 
ATOM   1622 C CB  . ALA B 1 100 ? -0.607  10.934  6.109   1.00 23.41 ? 92  ALA B CB  1 
ATOM   1623 N N   . LEU B 1 101 ? 1.277   13.228  7.012   1.00 26.95 ? 93  LEU B N   1 
ATOM   1624 C CA  . LEU B 1 101 ? 1.594   14.287  7.956   1.00 28.61 ? 93  LEU B CA  1 
ATOM   1625 C C   . LEU B 1 101 ? 1.993   15.573  7.232   1.00 29.42 ? 93  LEU B C   1 
ATOM   1626 O O   . LEU B 1 101 ? 1.731   16.666  7.724   1.00 30.42 ? 93  LEU B O   1 
ATOM   1627 C CB  . LEU B 1 101 ? 2.703   13.831  8.909   1.00 26.74 ? 93  LEU B CB  1 
ATOM   1628 C CG  . LEU B 1 101 ? 2.331   12.659  9.830   1.00 27.98 ? 93  LEU B CG  1 
ATOM   1629 C CD1 . LEU B 1 101 ? 3.468   12.402  10.831  1.00 25.09 ? 93  LEU B CD1 1 
ATOM   1630 C CD2 . LEU B 1 101 ? 1.022   12.969  10.563  1.00 27.05 ? 93  LEU B CD2 1 
ATOM   1631 N N   . ALA B 1 102 ? 2.621   15.448  6.066   1.00 30.86 ? 94  ALA B N   1 
ATOM   1632 C CA  . ALA B 1 102 ? 3.008   16.632  5.303   1.00 30.85 ? 94  ALA B CA  1 
ATOM   1633 C C   . ALA B 1 102 ? 1.745   17.350  4.818   1.00 31.93 ? 94  ALA B C   1 
ATOM   1634 O O   . ALA B 1 102 ? 1.735   18.569  4.668   1.00 31.98 ? 94  ALA B O   1 
ATOM   1635 C CB  . ALA B 1 102 ? 3.877   16.236  4.123   1.00 29.60 ? 94  ALA B CB  1 
ATOM   1636 N N   . SER B 1 103 ? 0.677   16.591  4.584   1.00 33.71 ? 95  SER B N   1 
ATOM   1637 C CA  . SER B 1 103 ? -0.583  17.173  4.121   1.00 36.30 ? 95  SER B CA  1 
ATOM   1638 C C   . SER B 1 103 ? -1.288  17.940  5.243   1.00 38.53 ? 95  SER B C   1 
ATOM   1639 O O   . SER B 1 103 ? -2.310  18.599  5.014   1.00 38.97 ? 95  SER B O   1 
ATOM   1640 C CB  . SER B 1 103 ? -1.513  16.083  3.580   1.00 35.56 ? 95  SER B CB  1 
ATOM   1641 O OG  . SER B 1 103 ? -1.968  15.233  4.616   1.00 34.93 ? 95  SER B OG  1 
ATOM   1642 N N   . VAL B 1 104 ? -0.755  17.833  6.459   1.00 39.26 ? 96  VAL B N   1 
ATOM   1643 C CA  . VAL B 1 104 ? -1.313  18.547  7.603   1.00 40.91 ? 96  VAL B CA  1 
ATOM   1644 C C   . VAL B 1 104 ? -0.226  19.453  8.175   1.00 42.63 ? 96  VAL B C   1 
ATOM   1645 O O   . VAL B 1 104 ? -0.182  19.717  9.374   1.00 43.60 ? 96  VAL B O   1 
ATOM   1646 C CB  . VAL B 1 104 ? -1.827  17.588  8.718   1.00 39.00 ? 96  VAL B CB  1 
ATOM   1647 C CG1 . VAL B 1 104 ? -2.963  16.744  8.190   1.00 38.88 ? 96  VAL B CG1 1 
ATOM   1648 C CG2 . VAL B 1 104 ? -0.703  16.714  9.229   1.00 37.95 ? 96  VAL B CG2 1 
ATOM   1649 N N   . ASP B 1 105 ? 0.654   19.915  7.295   1.00 44.33 ? 97  ASP B N   1 
ATOM   1650 C CA  . ASP B 1 105 ? 1.744   20.804  7.670   1.00 46.80 ? 97  ASP B CA  1 
ATOM   1651 C C   . ASP B 1 105 ? 2.664   20.319  8.782   1.00 46.79 ? 97  ASP B C   1 
ATOM   1652 O O   . ASP B 1 105 ? 2.872   21.009  9.777   1.00 47.54 ? 97  ASP B O   1 
ATOM   1653 C CB  . ASP B 1 105 ? 1.191   22.183  8.032   1.00 50.15 ? 97  ASP B CB  1 
ATOM   1654 C CG  . ASP B 1 105 ? 0.815   22.993  6.811   1.00 52.89 ? 97  ASP B CG  1 
ATOM   1655 O OD1 . ASP B 1 105 ? 0.336   24.136  6.974   1.00 55.76 ? 97  ASP B OD1 1 
ATOM   1656 O OD2 . ASP B 1 105 ? 1.008   22.485  5.686   1.00 54.35 ? 97  ASP B OD2 1 
ATOM   1657 N N   . ILE B 1 106 ? 3.217   19.129  8.608   1.00 46.02 ? 98  ILE B N   1 
ATOM   1658 C CA  . ILE B 1 106 ? 4.150   18.581  9.571   1.00 45.45 ? 98  ILE B CA  1 
ATOM   1659 C C   . ILE B 1 106 ? 5.206   17.882  8.734   1.00 47.81 ? 98  ILE B C   1 
ATOM   1660 O O   . ILE B 1 106 ? 5.083   16.701  8.422   1.00 48.62 ? 98  ILE B O   1 
ATOM   1661 C CB  . ILE B 1 106 ? 3.480   17.556  10.519  1.00 43.26 ? 98  ILE B CB  1 
ATOM   1662 C CG1 . ILE B 1 106 ? 2.399   18.236  11.357  1.00 40.36 ? 98  ILE B CG1 1 
ATOM   1663 C CG2 . ILE B 1 106 ? 4.525   16.948  11.447  1.00 43.82 ? 98  ILE B CG2 1 
ATOM   1664 C CD1 . ILE B 1 106 ? 1.724   17.309  12.341  1.00 38.44 ? 98  ILE B CD1 1 
ATOM   1665 N N   . GLU B 1 107 ? 6.233   18.626  8.342   1.00 50.19 ? 99  GLU B N   1 
ATOM   1666 C CA  . GLU B 1 107 ? 7.298   18.055  7.529   1.00 53.48 ? 99  GLU B CA  1 
ATOM   1667 C C   . GLU B 1 107 ? 8.123   17.152  8.431   1.00 53.25 ? 99  GLU B C   1 
ATOM   1668 O O   . GLU B 1 107 ? 8.092   17.312  9.645   1.00 54.85 ? 99  GLU B O   1 
ATOM   1669 C CB  . GLU B 1 107 ? 8.175   19.165  6.953   1.00 57.38 ? 99  GLU B CB  1 
ATOM   1670 C CG  . GLU B 1 107 ? 8.666   18.899  5.534   1.00 63.16 ? 99  GLU B CG  1 
ATOM   1671 C CD  . GLU B 1 107 ? 7.533   18.889  4.511   1.00 66.87 ? 99  GLU B CD  1 
ATOM   1672 O OE1 . GLU B 1 107 ? 6.874   19.942  4.345   1.00 67.69 ? 99  GLU B OE1 1 
ATOM   1673 O OE2 . GLU B 1 107 ? 7.301   17.830  3.873   1.00 68.35 ? 99  GLU B OE2 1 
ATOM   1674 N N   . LEU B 1 108 ? 8.850   16.205  7.846   1.00 52.91 ? 100 LEU B N   1 
ATOM   1675 C CA  . LEU B 1 108 ? 9.670   15.281  8.629   1.00 52.72 ? 100 LEU B CA  1 
ATOM   1676 C C   . LEU B 1 108 ? 10.979  14.954  7.918   1.00 53.68 ? 100 LEU B C   1 
ATOM   1677 O O   . LEU B 1 108 ? 10.974  14.389  6.826   1.00 53.97 ? 100 LEU B O   1 
ATOM   1678 C CB  . LEU B 1 108 ? 8.901   13.980  8.887   1.00 51.23 ? 100 LEU B CB  1 
ATOM   1679 C CG  . LEU B 1 108 ? 7.505   14.090  9.502   1.00 50.28 ? 100 LEU B CG  1 
ATOM   1680 C CD1 . LEU B 1 108 ? 6.905   12.704  9.602   1.00 50.05 ? 100 LEU B CD1 1 
ATOM   1681 C CD2 . LEU B 1 108 ? 7.576   14.746  10.873  1.00 49.41 ? 100 LEU B CD2 1 
ATOM   1682 N N   . GLN B 1 109 ? 12.099  15.302  8.542   1.00 55.04 ? 101 GLN B N   1 
ATOM   1683 C CA  . GLN B 1 109 ? 13.409  15.034  7.951   1.00 57.01 ? 101 GLN B CA  1 
ATOM   1684 C C   . GLN B 1 109 ? 14.108  13.893  8.703   1.00 56.21 ? 101 GLN B C   1 
ATOM   1685 O O   . GLN B 1 109 ? 13.623  13.542  9.800   1.00 56.13 ? 101 GLN B O   1 
ATOM   1686 C CB  . GLN B 1 109 ? 14.260  16.313  7.992   1.00 60.53 ? 101 GLN B CB  1 
ATOM   1687 C CG  . GLN B 1 109 ? 15.578  16.270  7.199   1.00 65.73 ? 101 GLN B CG  1 
ATOM   1688 C CD  . GLN B 1 109 ? 15.388  16.003  5.701   1.00 68.41 ? 101 GLN B CD  1 
ATOM   1689 O OE1 . GLN B 1 109 ? 14.540  16.617  5.045   1.00 69.47 ? 101 GLN B OE1 1 
ATOM   1690 N NE2 . GLN B 1 109 ? 16.195  15.092  5.156   1.00 69.38 ? 101 GLN B NE2 1 
HETATM 1691 O O   . HOH C 2 .   ? 3.003   -15.582 -1.779  1.00 23.79 ? 201 HOH A O   1 
HETATM 1692 O O   . HOH C 2 .   ? -6.816  -4.985  2.559   1.00 26.30 ? 202 HOH A O   1 
HETATM 1693 O O   . HOH C 2 .   ? 2.859   -7.437  2.951   1.00 31.79 ? 205 HOH A O   1 
HETATM 1694 O O   . HOH C 2 .   ? 5.341   -20.398 -0.017  1.00 49.63 ? 208 HOH A O   1 
HETATM 1695 O O   . HOH C 2 .   ? -2.255  -12.178 -18.699 1.00 31.61 ? 209 HOH A O   1 
HETATM 1696 O O   . HOH C 2 .   ? -5.752  -26.114 -10.299 1.00 35.69 ? 214 HOH A O   1 
HETATM 1697 O O   . HOH C 2 .   ? -2.904  -14.097 -16.755 1.00 29.34 ? 216 HOH A O   1 
HETATM 1698 O O   . HOH C 2 .   ? -7.547  -2.418  -16.336 1.00 35.77 ? 218 HOH A O   1 
HETATM 1699 O O   . HOH C 2 .   ? -12.027 -4.104  -9.624  1.00 28.76 ? 224 HOH A O   1 
HETATM 1700 O O   . HOH C 2 .   ? 5.771   -28.985 -6.738  1.00 33.55 ? 225 HOH A O   1 
HETATM 1701 O O   . HOH C 2 .   ? -8.149  -0.860  -1.556  1.00 21.96 ? 226 HOH A O   1 
HETATM 1702 O O   . HOH C 2 .   ? -0.487  4.607   -10.470 1.00 23.86 ? 227 HOH A O   1 
HETATM 1703 O O   . HOH C 2 .   ? -4.622  -15.043 2.739   1.00 24.79 ? 229 HOH A O   1 
HETATM 1704 O O   . HOH C 2 .   ? -14.167 6.167   -5.971  1.00 41.82 ? 231 HOH A O   1 
HETATM 1705 O O   . HOH C 2 .   ? 9.363   -2.809  0.232   1.00 40.98 ? 235 HOH A O   1 
HETATM 1706 O O   . HOH C 2 .   ? 4.923   -24.636 -5.882  1.00 47.12 ? 236 HOH A O   1 
HETATM 1707 O O   . HOH C 2 .   ? -7.454  -32.163 -1.611  1.00 29.16 ? 242 HOH A O   1 
HETATM 1708 O O   . HOH C 2 .   ? -3.584  -35.645 -5.315  1.00 38.68 ? 245 HOH A O   1 
HETATM 1709 O O   . HOH C 2 .   ? 11.239  -5.250  -5.852  1.00 41.82 ? 246 HOH A O   1 
HETATM 1710 O O   . HOH C 2 .   ? -1.393  -1.180  -20.439 1.00 31.96 ? 248 HOH A O   1 
HETATM 1711 O O   . HOH C 2 .   ? 14.243  2.743   -10.414 1.00 35.24 ? 249 HOH A O   1 
HETATM 1712 O O   . HOH C 2 .   ? 7.504   -10.528 -1.800  1.00 27.71 ? 252 HOH A O   1 
HETATM 1713 O O   . HOH C 2 .   ? -11.623 -1.956  -14.232 1.00 34.24 ? 253 HOH A O   1 
HETATM 1714 O O   . HOH C 2 .   ? 3.014   -23.100 -11.823 1.00 39.11 ? 254 HOH A O   1 
HETATM 1715 O O   . HOH C 2 .   ? -6.948  -2.424  1.980   1.00 41.73 ? 255 HOH A O   1 
HETATM 1716 O O   . HOH C 2 .   ? 2.181   -28.393 3.704   1.00 42.09 ? 256 HOH A O   1 
HETATM 1717 O O   . HOH C 2 .   ? 2.374   -6.806  6.146   1.00 42.30 ? 260 HOH A O   1 
HETATM 1718 O O   . HOH C 2 .   ? -11.318 -7.885  -12.991 1.00 39.44 ? 262 HOH A O   1 
HETATM 1719 O O   . HOH C 2 .   ? 6.651   -9.538  -14.046 1.00 37.29 ? 264 HOH A O   1 
HETATM 1720 O O   . HOH C 2 .   ? 8.712   -17.076 -5.228  1.00 28.94 ? 265 HOH A O   1 
HETATM 1721 O O   . HOH C 2 .   ? -13.614 -15.561 -6.011  1.00 29.40 ? 266 HOH A O   1 
HETATM 1722 O O   . HOH C 2 .   ? -6.926  -17.366 -3.172  1.00 28.62 ? 270 HOH A O   1 
HETATM 1723 O O   . HOH C 2 .   ? -8.536  -25.611 -2.876  1.00 38.02 ? 271 HOH A O   1 
HETATM 1724 O O   . HOH C 2 .   ? -7.118  -19.083 -5.256  1.00 30.93 ? 272 HOH A O   1 
HETATM 1725 O O   . HOH C 2 .   ? -3.353  -36.428 -8.133  1.00 41.65 ? 275 HOH A O   1 
HETATM 1726 O O   . HOH C 2 .   ? -2.398  -37.791 -4.524  1.00 35.95 ? 278 HOH A O   1 
HETATM 1727 O O   . HOH C 2 .   ? -10.425 -6.872  -4.127  1.00 44.93 ? 281 HOH A O   1 
HETATM 1728 O O   . HOH C 2 .   ? 10.407  -9.693  -2.576  1.00 47.93 ? 282 HOH A O   1 
HETATM 1729 O O   . HOH C 2 .   ? 10.919  -0.757  -13.827 1.00 35.44 ? 284 HOH A O   1 
HETATM 1730 O O   . HOH C 2 .   ? 3.786   -26.419 4.086   1.00 59.28 ? 286 HOH A O   1 
HETATM 1731 O O   . HOH C 2 .   ? -2.137  -22.770 4.173   1.00 37.57 ? 287 HOH A O   1 
HETATM 1732 O O   . HOH C 2 .   ? 0.998   -14.922 -19.887 1.00 42.92 ? 289 HOH A O   1 
HETATM 1733 O O   . HOH C 2 .   ? 11.442  -29.759 -5.418  1.00 44.09 ? 290 HOH A O   1 
HETATM 1734 O O   . HOH C 2 .   ? -0.630  -25.568 -20.735 1.00 44.68 ? 291 HOH A O   1 
HETATM 1735 O O   . HOH C 2 .   ? -3.252  1.123   -21.182 1.00 30.94 ? 294 HOH A O   1 
HETATM 1736 O O   . HOH C 2 .   ? -6.881  -19.348 1.243   1.00 45.65 ? 295 HOH A O   1 
HETATM 1737 O O   . HOH C 2 .   ? -3.582  -24.749 5.533   1.00 48.88 ? 296 HOH A O   1 
HETATM 1738 O O   . HOH C 2 .   ? -6.076  -23.197 -1.620  1.00 49.99 ? 297 HOH A O   1 
HETATM 1739 O O   . HOH C 2 .   ? 0.460   -21.497 4.635   1.00 42.20 ? 298 HOH A O   1 
HETATM 1740 O O   . HOH C 2 .   ? -7.982  -21.595 -5.099  1.00 47.14 ? 299 HOH A O   1 
HETATM 1741 O O   . HOH C 2 .   ? -5.529  -17.449 2.345   1.00 43.54 ? 300 HOH A O   1 
HETATM 1742 O O   . HOH C 2 .   ? 9.855   4.178   -13.153 1.00 49.76 ? 303 HOH A O   1 
HETATM 1743 O O   . HOH C 2 .   ? 10.558  -33.516 0.436   1.00 57.16 ? 304 HOH A O   1 
HETATM 1744 O O   . HOH C 2 .   ? 14.694  -4.923  -11.925 1.00 51.34 ? 305 HOH A O   1 
HETATM 1745 O O   . HOH D 2 .   ? -6.341  -1.400  4.456   1.00 43.97 ? 200 HOH B O   1 
HETATM 1746 O O   . HOH D 2 .   ? -7.574  3.507   12.539  1.00 32.94 ? 203 HOH B O   1 
HETATM 1747 O O   . HOH D 2 .   ? 10.690  7.228   12.918  1.00 34.65 ? 204 HOH B O   1 
HETATM 1748 O O   . HOH D 2 .   ? 17.123  14.281  9.360   1.00 46.22 ? 206 HOH B O   1 
HETATM 1749 O O   . HOH D 2 .   ? 1.645   10.036  29.198  1.00 57.22 ? 207 HOH B O   1 
HETATM 1750 O O   . HOH D 2 .   ? 19.730  -0.245  -0.683  1.00 46.81 ? 210 HOH B O   1 
HETATM 1751 O O   . HOH D 2 .   ? 4.308   10.679  -9.810  1.00 68.75 ? 211 HOH B O   1 
HETATM 1752 O O   . HOH D 2 .   ? 3.552   -4.488  6.114   1.00 26.58 ? 212 HOH B O   1 
HETATM 1753 O O   . HOH D 2 .   ? -9.471  4.417   6.879   1.00 29.89 ? 213 HOH B O   1 
HETATM 1754 O O   . HOH D 2 .   ? 10.025  19.182  2.644   1.00 46.99 ? 215 HOH B O   1 
HETATM 1755 O O   . HOH D 2 .   ? -10.048 15.055  -3.429  1.00 37.05 ? 217 HOH B O   1 
HETATM 1756 O O   . HOH D 2 .   ? 10.771  -4.982  -3.122  1.00 43.79 ? 219 HOH B O   1 
HETATM 1757 O O   . HOH D 2 .   ? 8.280   20.490  10.288  1.00 25.91 ? 220 HOH B O   1 
HETATM 1758 O O   . HOH D 2 .   ? 11.987  8.065   6.682   1.00 45.39 ? 221 HOH B O   1 
HETATM 1759 O O   . HOH D 2 .   ? 6.306   14.624  6.474   1.00 28.19 ? 222 HOH B O   1 
HETATM 1760 O O   . HOH D 2 .   ? 10.215  16.709  20.429  1.00 25.70 ? 223 HOH B O   1 
HETATM 1761 O O   . HOH D 2 .   ? 16.097  8.342   16.004  1.00 31.18 ? 228 HOH B O   1 
HETATM 1762 O O   . HOH D 2 .   ? 4.670   8.309   -5.335  1.00 23.34 ? 230 HOH B O   1 
HETATM 1763 O O   . HOH D 2 .   ? -4.603  15.803  5.615   1.00 35.03 ? 233 HOH B O   1 
HETATM 1764 O O   . HOH D 2 .   ? 1.818   2.551   17.735  1.00 27.80 ? 234 HOH B O   1 
HETATM 1765 O O   . HOH D 2 .   ? -6.240  15.576  -4.686  1.00 24.80 ? 237 HOH B O   1 
HETATM 1766 O O   . HOH D 2 .   ? -6.228  -0.774  18.136  1.00 50.76 ? 238 HOH B O   1 
HETATM 1767 O O   . HOH D 2 .   ? 8.032   1.149   8.011   1.00 32.69 ? 239 HOH B O   1 
HETATM 1768 O O   . HOH D 2 .   ? 8.911   2.947   17.641  1.00 30.80 ? 240 HOH B O   1 
HETATM 1769 O O   . HOH D 2 .   ? 12.555  5.566   5.937   1.00 44.56 ? 241 HOH B O   1 
HETATM 1770 O O   . HOH D 2 .   ? 17.028  17.328  17.473  1.00 37.26 ? 243 HOH B O   1 
HETATM 1771 O O   . HOH D 2 .   ? 6.863   -1.790  2.249   1.00 30.36 ? 244 HOH B O   1 
HETATM 1772 O O   . HOH D 2 .   ? -10.515 6.972   -0.038  1.00 49.03 ? 247 HOH B O   1 
HETATM 1773 O O   . HOH D 2 .   ? -1.762  18.647  -5.525  1.00 27.28 ? 250 HOH B O   1 
HETATM 1774 O O   . HOH D 2 .   ? -3.948  12.144  -9.013  1.00 31.89 ? 251 HOH B O   1 
HETATM 1775 O O   . HOH D 2 .   ? 9.180   13.424  4.702   1.00 40.11 ? 258 HOH B O   1 
HETATM 1776 O O   . HOH D 2 .   ? 16.212  13.549  20.381  1.00 53.94 ? 259 HOH B O   1 
HETATM 1777 O O   . HOH D 2 .   ? -1.254  -2.744  13.692  1.00 35.64 ? 261 HOH B O   1 
HETATM 1778 O O   . HOH D 2 .   ? -2.177  4.871   30.410  1.00 49.91 ? 263 HOH B O   1 
HETATM 1779 O O   . HOH D 2 .   ? 4.133   11.673  18.586  1.00 34.77 ? 269 HOH B O   1 
HETATM 1780 O O   . HOH D 2 .   ? -4.099  10.278  -11.046 1.00 33.06 ? 273 HOH B O   1 
HETATM 1781 O O   . HOH D 2 .   ? -7.500  14.573  4.232   1.00 38.07 ? 274 HOH B O   1 
HETATM 1782 O O   . HOH D 2 .   ? -11.216 9.275   11.861  1.00 39.63 ? 277 HOH B O   1 
HETATM 1783 O O   . HOH D 2 .   ? 1.881   4.828   19.138  1.00 40.84 ? 279 HOH B O   1 
HETATM 1784 O O   . HOH D 2 .   ? 4.340   19.724  4.625   1.00 39.70 ? 280 HOH B O   1 
HETATM 1785 O O   . HOH D 2 .   ? 7.058   -1.550  6.624   1.00 45.22 ? 283 HOH B O   1 
HETATM 1786 O O   . HOH D 2 .   ? 16.808  26.392  15.596  1.00 43.66 ? 285 HOH B O   1 
HETATM 1787 O O   . HOH D 2 .   ? 11.164  12.850  2.849   1.00 40.21 ? 288 HOH B O   1 
HETATM 1788 O O   . HOH D 2 .   ? -5.458  17.689  12.224  1.00 54.73 ? 292 HOH B O   1 
HETATM 1789 O O   . HOH D 2 .   ? -18.661 8.647   22.262  1.00 52.03 ? 293 HOH B O   1 
HETATM 1790 O O   . HOH D 2 .   ? -3.444  14.516  -9.938  1.00 44.65 ? 301 HOH B O   1 
HETATM 1791 O O   . HOH D 2 .   ? 5.302   14.177  18.298  1.00 52.53 ? 302 HOH B O   1 
HETATM 1792 O O   . HOH D 2 .   ? -3.716  25.329  -6.659  1.00 47.91 ? 306 HOH B O   1 
# 
